data_2WUJ
# 
_entry.id   2WUJ 
# 
_audit_conform.dict_name       mmcif_pdbx.dic 
_audit_conform.dict_version    5.391 
_audit_conform.dict_location   http://mmcif.pdb.org/dictionaries/ascii/mmcif_pdbx.dic 
# 
loop_
_database_2.database_id 
_database_2.database_code 
_database_2.pdbx_database_accession 
_database_2.pdbx_DOI 
PDB   2WUJ         pdb_00002wuj 10.2210/pdb2wuj/pdb 
PDBE  EBI-41339    ?            ?                   
WWPDB D_1290041339 ?            ?                   
# 
loop_
_pdbx_audit_revision_history.ordinal 
_pdbx_audit_revision_history.data_content_type 
_pdbx_audit_revision_history.major_revision 
_pdbx_audit_revision_history.minor_revision 
_pdbx_audit_revision_history.revision_date 
1 'Structure model' 1 0 2010-06-09 
2 'Structure model' 1 1 2011-05-08 
3 'Structure model' 1 2 2011-07-13 
4 'Structure model' 1 3 2024-05-08 
# 
_pdbx_audit_revision_details.ordinal             1 
_pdbx_audit_revision_details.revision_ordinal    1 
_pdbx_audit_revision_details.data_content_type   'Structure model' 
_pdbx_audit_revision_details.provider            repository 
_pdbx_audit_revision_details.type                'Initial release' 
_pdbx_audit_revision_details.description         ? 
_pdbx_audit_revision_details.details             ? 
# 
loop_
_pdbx_audit_revision_group.ordinal 
_pdbx_audit_revision_group.revision_ordinal 
_pdbx_audit_revision_group.data_content_type 
_pdbx_audit_revision_group.group 
1 2 'Structure model' 'Version format compliance' 
2 3 'Structure model' 'Version format compliance' 
3 4 'Structure model' 'Data collection'           
4 4 'Structure model' 'Database references'       
5 4 'Structure model' Other                       
# 
loop_
_pdbx_audit_revision_category.ordinal 
_pdbx_audit_revision_category.revision_ordinal 
_pdbx_audit_revision_category.data_content_type 
_pdbx_audit_revision_category.category 
1 4 'Structure model' chem_comp_atom       
2 4 'Structure model' chem_comp_bond       
3 4 'Structure model' database_2           
4 4 'Structure model' pdbx_database_status 
# 
loop_
_pdbx_audit_revision_item.ordinal 
_pdbx_audit_revision_item.revision_ordinal 
_pdbx_audit_revision_item.data_content_type 
_pdbx_audit_revision_item.item 
1 4 'Structure model' '_database_2.pdbx_DOI'                 
2 4 'Structure model' '_database_2.pdbx_database_accession'  
3 4 'Structure model' '_pdbx_database_status.status_code_sf' 
# 
_pdbx_database_status.status_code                     REL 
_pdbx_database_status.entry_id                        2WUJ 
_pdbx_database_status.deposit_site                    PDBE 
_pdbx_database_status.process_site                    PDBE 
_pdbx_database_status.SG_entry                        . 
_pdbx_database_status.recvd_initial_deposition_date   2009-10-06 
_pdbx_database_status.pdb_format_compatible           Y 
_pdbx_database_status.status_code_sf                  REL 
_pdbx_database_status.status_code_mr                  ? 
_pdbx_database_status.status_code_cs                  ? 
_pdbx_database_status.methods_development_category    ? 
_pdbx_database_status.status_code_nmr_data            ? 
# 
_pdbx_database_related.db_name        PDB 
_pdbx_database_related.db_id          2WUK 
_pdbx_database_related.content_type   unspecified 
_pdbx_database_related.details        'DIVIVA N-TERMINAL DOMAIN, F17A MUTANT' 
# 
loop_
_audit_author.name 
_audit_author.pdbx_ordinal 
'Oliva, M.A.'   1 
'Leonard, T.A.' 2 
'Lowe, J.'      3 
# 
_citation.id                        primary 
_citation.title                     'Features Critical for Membrane Binding Revealed by Diviva Crystal Structure.' 
_citation.journal_abbrev            'Embo J.' 
_citation.journal_volume            29 
_citation.page_first                1988 
_citation.page_last                 ? 
_citation.year                      2010 
_citation.journal_id_ASTM           EMJODG 
_citation.country                   UK 
_citation.journal_id_ISSN           0261-4189 
_citation.journal_id_CSD            0897 
_citation.book_publisher            ? 
_citation.pdbx_database_id_PubMed   20502438 
_citation.pdbx_database_id_DOI      10.1038/EMBOJ.2010.99 
# 
loop_
_citation_author.citation_id 
_citation_author.name 
_citation_author.ordinal 
_citation_author.identifier_ORCID 
primary 'Oliva, M.A.'      1 ? 
primary 'Halbedel, S.'     2 ? 
primary 'Freund, S.M.'     3 ? 
primary 'Dutow, P.'        4 ? 
primary 'Leonard, T.A.'    5 ? 
primary 'Veprintsev, D.B.' 6 ? 
primary 'Hamoen, L.W.'     7 ? 
primary 'Lowe, J.'         8 ? 
# 
loop_
_entity.id 
_entity.type 
_entity.src_method 
_entity.pdbx_description 
_entity.formula_weight 
_entity.pdbx_number_of_molecules 
_entity.pdbx_ec 
_entity.pdbx_mutation 
_entity.pdbx_fragment 
_entity.details 
1 polymer man 'SEPTUM SITE-DETERMINING PROTEIN DIVIVA' 6838.684 2   ? ? 'N-TERMINAL DOMAIN, RESIDUES 1-57' ? 
2 water   nat water                                    18.015   211 ? ? ?                                  ? 
# 
_entity_name_com.entity_id   1 
_entity_name_com.name        'CELL DIVISION INITIATION PROTEIN DIVIVA, MINICELL-ASSOCIATED PROTEIN DIVIVA, DIVIVA' 
# 
_entity_poly.entity_id                      1 
_entity_poly.type                           'polypeptide(L)' 
_entity_poly.nstd_linkage                   no 
_entity_poly.nstd_monomer                   no 
_entity_poly.pdbx_seq_one_letter_code       MPLTPNDIHNKTFTKSFRGYDEDEVNEFLAQVRKDYEIVLRKKTELEAKVNELDERI 
_entity_poly.pdbx_seq_one_letter_code_can   MPLTPNDIHNKTFTKSFRGYDEDEVNEFLAQVRKDYEIVLRKKTELEAKVNELDERI 
_entity_poly.pdbx_strand_id                 A,B 
_entity_poly.pdbx_target_identifier         ? 
# 
_pdbx_entity_nonpoly.entity_id   2 
_pdbx_entity_nonpoly.name        water 
_pdbx_entity_nonpoly.comp_id     HOH 
# 
loop_
_entity_poly_seq.entity_id 
_entity_poly_seq.num 
_entity_poly_seq.mon_id 
_entity_poly_seq.hetero 
1 1  MET n 
1 2  PRO n 
1 3  LEU n 
1 4  THR n 
1 5  PRO n 
1 6  ASN n 
1 7  ASP n 
1 8  ILE n 
1 9  HIS n 
1 10 ASN n 
1 11 LYS n 
1 12 THR n 
1 13 PHE n 
1 14 THR n 
1 15 LYS n 
1 16 SER n 
1 17 PHE n 
1 18 ARG n 
1 19 GLY n 
1 20 TYR n 
1 21 ASP n 
1 22 GLU n 
1 23 ASP n 
1 24 GLU n 
1 25 VAL n 
1 26 ASN n 
1 27 GLU n 
1 28 PHE n 
1 29 LEU n 
1 30 ALA n 
1 31 GLN n 
1 32 VAL n 
1 33 ARG n 
1 34 LYS n 
1 35 ASP n 
1 36 TYR n 
1 37 GLU n 
1 38 ILE n 
1 39 VAL n 
1 40 LEU n 
1 41 ARG n 
1 42 LYS n 
1 43 LYS n 
1 44 THR n 
1 45 GLU n 
1 46 LEU n 
1 47 GLU n 
1 48 ALA n 
1 49 LYS n 
1 50 VAL n 
1 51 ASN n 
1 52 GLU n 
1 53 LEU n 
1 54 ASP n 
1 55 GLU n 
1 56 ARG n 
1 57 ILE n 
# 
_entity_src_gen.entity_id                          1 
_entity_src_gen.pdbx_src_id                        1 
_entity_src_gen.pdbx_alt_source_flag               sample 
_entity_src_gen.pdbx_seq_type                      ? 
_entity_src_gen.pdbx_beg_seq_num                   ? 
_entity_src_gen.pdbx_end_seq_num                   ? 
_entity_src_gen.gene_src_common_name               ? 
_entity_src_gen.gene_src_genus                     ? 
_entity_src_gen.pdbx_gene_src_gene                 ? 
_entity_src_gen.gene_src_species                   ? 
_entity_src_gen.gene_src_strain                    168 
_entity_src_gen.gene_src_tissue                    ? 
_entity_src_gen.gene_src_tissue_fraction           ? 
_entity_src_gen.gene_src_details                   ? 
_entity_src_gen.pdbx_gene_src_fragment             ? 
_entity_src_gen.pdbx_gene_src_scientific_name      'BACILLUS SUBTILIS' 
_entity_src_gen.pdbx_gene_src_ncbi_taxonomy_id     1423 
_entity_src_gen.pdbx_gene_src_variant              ? 
_entity_src_gen.pdbx_gene_src_cell_line            ? 
_entity_src_gen.pdbx_gene_src_atcc                 ? 
_entity_src_gen.pdbx_gene_src_organ                ? 
_entity_src_gen.pdbx_gene_src_organelle            ? 
_entity_src_gen.pdbx_gene_src_cell                 ? 
_entity_src_gen.pdbx_gene_src_cellular_location    ? 
_entity_src_gen.host_org_common_name               ? 
_entity_src_gen.pdbx_host_org_scientific_name      'ESCHERICHIA COLI' 
_entity_src_gen.pdbx_host_org_ncbi_taxonomy_id     562 
_entity_src_gen.host_org_genus                     ? 
_entity_src_gen.pdbx_host_org_gene                 ? 
_entity_src_gen.pdbx_host_org_organ                ? 
_entity_src_gen.host_org_species                   ? 
_entity_src_gen.pdbx_host_org_tissue               ? 
_entity_src_gen.pdbx_host_org_tissue_fraction      ? 
_entity_src_gen.pdbx_host_org_strain               ? 
_entity_src_gen.pdbx_host_org_variant              ? 
_entity_src_gen.pdbx_host_org_cell_line            ? 
_entity_src_gen.pdbx_host_org_atcc                 ? 
_entity_src_gen.pdbx_host_org_culture_collection   ? 
_entity_src_gen.pdbx_host_org_cell                 ? 
_entity_src_gen.pdbx_host_org_organelle            ? 
_entity_src_gen.pdbx_host_org_cellular_location    ? 
_entity_src_gen.pdbx_host_org_vector_type          ? 
_entity_src_gen.pdbx_host_org_vector               ? 
_entity_src_gen.host_org_details                   ? 
_entity_src_gen.expression_system_id               ? 
_entity_src_gen.plasmid_name                       ? 
_entity_src_gen.plasmid_details                    ? 
_entity_src_gen.pdbx_description                   ? 
# 
loop_
_chem_comp.id 
_chem_comp.type 
_chem_comp.mon_nstd_flag 
_chem_comp.name 
_chem_comp.pdbx_synonyms 
_chem_comp.formula 
_chem_comp.formula_weight 
ALA 'L-peptide linking' y ALANINE         ? 'C3 H7 N O2'     89.093  
ARG 'L-peptide linking' y ARGININE        ? 'C6 H15 N4 O2 1' 175.209 
ASN 'L-peptide linking' y ASPARAGINE      ? 'C4 H8 N2 O3'    132.118 
ASP 'L-peptide linking' y 'ASPARTIC ACID' ? 'C4 H7 N O4'     133.103 
GLN 'L-peptide linking' y GLUTAMINE       ? 'C5 H10 N2 O3'   146.144 
GLU 'L-peptide linking' y 'GLUTAMIC ACID' ? 'C5 H9 N O4'     147.129 
GLY 'peptide linking'   y GLYCINE         ? 'C2 H5 N O2'     75.067  
HIS 'L-peptide linking' y HISTIDINE       ? 'C6 H10 N3 O2 1' 156.162 
HOH non-polymer         . WATER           ? 'H2 O'           18.015  
ILE 'L-peptide linking' y ISOLEUCINE      ? 'C6 H13 N O2'    131.173 
LEU 'L-peptide linking' y LEUCINE         ? 'C6 H13 N O2'    131.173 
LYS 'L-peptide linking' y LYSINE          ? 'C6 H15 N2 O2 1' 147.195 
MET 'L-peptide linking' y METHIONINE      ? 'C5 H11 N O2 S'  149.211 
PHE 'L-peptide linking' y PHENYLALANINE   ? 'C9 H11 N O2'    165.189 
PRO 'L-peptide linking' y PROLINE         ? 'C5 H9 N O2'     115.130 
SER 'L-peptide linking' y SERINE          ? 'C3 H7 N O3'     105.093 
THR 'L-peptide linking' y THREONINE       ? 'C4 H9 N O3'     119.119 
TYR 'L-peptide linking' y TYROSINE        ? 'C9 H11 N O3'    181.189 
VAL 'L-peptide linking' y VALINE          ? 'C5 H11 N O2'    117.146 
# 
loop_
_pdbx_poly_seq_scheme.asym_id 
_pdbx_poly_seq_scheme.entity_id 
_pdbx_poly_seq_scheme.seq_id 
_pdbx_poly_seq_scheme.mon_id 
_pdbx_poly_seq_scheme.ndb_seq_num 
_pdbx_poly_seq_scheme.pdb_seq_num 
_pdbx_poly_seq_scheme.auth_seq_num 
_pdbx_poly_seq_scheme.pdb_mon_id 
_pdbx_poly_seq_scheme.auth_mon_id 
_pdbx_poly_seq_scheme.pdb_strand_id 
_pdbx_poly_seq_scheme.pdb_ins_code 
_pdbx_poly_seq_scheme.hetero 
A 1 1  MET 1  1  ?  ?   ?   A . n 
A 1 2  PRO 2  2  ?  ?   ?   A . n 
A 1 3  LEU 3  3  3  LEU LEU A . n 
A 1 4  THR 4  4  4  THR THR A . n 
A 1 5  PRO 5  5  5  PRO PRO A . n 
A 1 6  ASN 6  6  6  ASN ASN A . n 
A 1 7  ASP 7  7  7  ASP ASP A . n 
A 1 8  ILE 8  8  8  ILE ILE A . n 
A 1 9  HIS 9  9  9  HIS HIS A . n 
A 1 10 ASN 10 10 10 ASN ASN A . n 
A 1 11 LYS 11 11 11 LYS LYS A . n 
A 1 12 THR 12 12 12 THR THR A . n 
A 1 13 PHE 13 13 13 PHE PHE A . n 
A 1 14 THR 14 14 14 THR THR A . n 
A 1 15 LYS 15 15 15 LYS LYS A . n 
A 1 16 SER 16 16 16 SER SER A . n 
A 1 17 PHE 17 17 17 PHE PHE A . n 
A 1 18 ARG 18 18 18 ARG ARG A . n 
A 1 19 GLY 19 19 19 GLY GLY A . n 
A 1 20 TYR 20 20 20 TYR TYR A . n 
A 1 21 ASP 21 21 21 ASP ASP A . n 
A 1 22 GLU 22 22 22 GLU GLU A . n 
A 1 23 ASP 23 23 23 ASP ASP A . n 
A 1 24 GLU 24 24 24 GLU GLU A . n 
A 1 25 VAL 25 25 25 VAL VAL A . n 
A 1 26 ASN 26 26 26 ASN ASN A . n 
A 1 27 GLU 27 27 27 GLU GLU A . n 
A 1 28 PHE 28 28 28 PHE PHE A . n 
A 1 29 LEU 29 29 29 LEU LEU A . n 
A 1 30 ALA 30 30 30 ALA ALA A . n 
A 1 31 GLN 31 31 31 GLN GLN A . n 
A 1 32 VAL 32 32 32 VAL VAL A . n 
A 1 33 ARG 33 33 33 ARG ARG A . n 
A 1 34 LYS 34 34 34 LYS LYS A . n 
A 1 35 ASP 35 35 35 ASP ASP A . n 
A 1 36 TYR 36 36 36 TYR TYR A . n 
A 1 37 GLU 37 37 37 GLU GLU A . n 
A 1 38 ILE 38 38 38 ILE ILE A . n 
A 1 39 VAL 39 39 39 VAL VAL A . n 
A 1 40 LEU 40 40 40 LEU LEU A . n 
A 1 41 ARG 41 41 41 ARG ARG A . n 
A 1 42 LYS 42 42 42 LYS LYS A . n 
A 1 43 LYS 43 43 43 LYS LYS A . n 
A 1 44 THR 44 44 44 THR THR A . n 
A 1 45 GLU 45 45 45 GLU GLU A . n 
A 1 46 LEU 46 46 46 LEU LEU A . n 
A 1 47 GLU 47 47 47 GLU GLU A . n 
A 1 48 ALA 48 48 48 ALA ALA A . n 
A 1 49 LYS 49 49 49 LYS LYS A . n 
A 1 50 VAL 50 50 50 VAL VAL A . n 
A 1 51 ASN 51 51 51 ASN ASN A . n 
A 1 52 GLU 52 52 52 GLU GLU A . n 
A 1 53 LEU 53 53 ?  ?   ?   A . n 
A 1 54 ASP 54 54 ?  ?   ?   A . n 
A 1 55 GLU 55 55 ?  ?   ?   A . n 
A 1 56 ARG 56 56 ?  ?   ?   A . n 
A 1 57 ILE 57 57 ?  ?   ?   A . n 
B 1 1  MET 1  1  ?  ?   ?   B . n 
B 1 2  PRO 2  2  ?  ?   ?   B . n 
B 1 3  LEU 3  3  3  LEU LEU B . n 
B 1 4  THR 4  4  4  THR THR B . n 
B 1 5  PRO 5  5  5  PRO PRO B . n 
B 1 6  ASN 6  6  6  ASN ASN B . n 
B 1 7  ASP 7  7  7  ASP ASP B . n 
B 1 8  ILE 8  8  8  ILE ILE B . n 
B 1 9  HIS 9  9  9  HIS HIS B . n 
B 1 10 ASN 10 10 10 ASN ASN B . n 
B 1 11 LYS 11 11 11 LYS LYS B . n 
B 1 12 THR 12 12 12 THR THR B . n 
B 1 13 PHE 13 13 13 PHE PHE B . n 
B 1 14 THR 14 14 14 THR THR B . n 
B 1 15 LYS 15 15 15 LYS LYS B . n 
B 1 16 SER 16 16 16 SER SER B . n 
B 1 17 PHE 17 17 17 PHE PHE B . n 
B 1 18 ARG 18 18 18 ARG ARG B . n 
B 1 19 GLY 19 19 19 GLY GLY B . n 
B 1 20 TYR 20 20 20 TYR TYR B . n 
B 1 21 ASP 21 21 21 ASP ASP B . n 
B 1 22 GLU 22 22 22 GLU GLU B . n 
B 1 23 ASP 23 23 23 ASP ASP B . n 
B 1 24 GLU 24 24 24 GLU GLU B . n 
B 1 25 VAL 25 25 25 VAL VAL B . n 
B 1 26 ASN 26 26 26 ASN ASN B . n 
B 1 27 GLU 27 27 27 GLU GLU B . n 
B 1 28 PHE 28 28 28 PHE PHE B . n 
B 1 29 LEU 29 29 29 LEU LEU B . n 
B 1 30 ALA 30 30 30 ALA ALA B . n 
B 1 31 GLN 31 31 31 GLN GLN B . n 
B 1 32 VAL 32 32 32 VAL VAL B . n 
B 1 33 ARG 33 33 33 ARG ARG B . n 
B 1 34 LYS 34 34 34 LYS LYS B . n 
B 1 35 ASP 35 35 35 ASP ASP B . n 
B 1 36 TYR 36 36 36 TYR TYR B . n 
B 1 37 GLU 37 37 37 GLU GLU B . n 
B 1 38 ILE 38 38 38 ILE ILE B . n 
B 1 39 VAL 39 39 39 VAL VAL B . n 
B 1 40 LEU 40 40 40 LEU LEU B . n 
B 1 41 ARG 41 41 41 ARG ARG B . n 
B 1 42 LYS 42 42 42 LYS LYS B . n 
B 1 43 LYS 43 43 43 LYS LYS B . n 
B 1 44 THR 44 44 44 THR THR B . n 
B 1 45 GLU 45 45 45 GLU GLU B . n 
B 1 46 LEU 46 46 46 LEU LEU B . n 
B 1 47 GLU 47 47 47 GLU GLU B . n 
B 1 48 ALA 48 48 48 ALA ALA B . n 
B 1 49 LYS 49 49 49 LYS LYS B . n 
B 1 50 VAL 50 50 50 VAL VAL B . n 
B 1 51 ASN 51 51 51 ASN ASN B . n 
B 1 52 GLU 52 52 52 GLU GLU B . n 
B 1 53 LEU 53 53 ?  ?   ?   B . n 
B 1 54 ASP 54 54 ?  ?   ?   B . n 
B 1 55 GLU 55 55 ?  ?   ?   B . n 
B 1 56 ARG 56 56 ?  ?   ?   B . n 
B 1 57 ILE 57 57 ?  ?   ?   B . n 
# 
loop_
_pdbx_nonpoly_scheme.asym_id 
_pdbx_nonpoly_scheme.entity_id 
_pdbx_nonpoly_scheme.mon_id 
_pdbx_nonpoly_scheme.ndb_seq_num 
_pdbx_nonpoly_scheme.pdb_seq_num 
_pdbx_nonpoly_scheme.auth_seq_num 
_pdbx_nonpoly_scheme.pdb_mon_id 
_pdbx_nonpoly_scheme.auth_mon_id 
_pdbx_nonpoly_scheme.pdb_strand_id 
_pdbx_nonpoly_scheme.pdb_ins_code 
C 2 HOH 1   2001 2001 HOH HOH A . 
C 2 HOH 2   2002 2002 HOH HOH A . 
C 2 HOH 3   2003 2003 HOH HOH A . 
C 2 HOH 4   2004 2004 HOH HOH A . 
C 2 HOH 5   2005 2005 HOH HOH A . 
C 2 HOH 6   2006 2006 HOH HOH A . 
C 2 HOH 7   2007 2007 HOH HOH A . 
C 2 HOH 8   2008 2008 HOH HOH A . 
C 2 HOH 9   2009 2009 HOH HOH A . 
C 2 HOH 10  2010 2010 HOH HOH A . 
C 2 HOH 11  2011 2011 HOH HOH A . 
C 2 HOH 12  2012 2012 HOH HOH A . 
C 2 HOH 13  2013 2013 HOH HOH A . 
C 2 HOH 14  2014 2014 HOH HOH A . 
C 2 HOH 15  2015 2015 HOH HOH A . 
C 2 HOH 16  2016 2016 HOH HOH A . 
C 2 HOH 17  2017 2017 HOH HOH A . 
C 2 HOH 18  2018 2018 HOH HOH A . 
C 2 HOH 19  2019 2019 HOH HOH A . 
C 2 HOH 20  2020 2020 HOH HOH A . 
C 2 HOH 21  2021 2021 HOH HOH A . 
C 2 HOH 22  2022 2022 HOH HOH A . 
C 2 HOH 23  2023 2023 HOH HOH A . 
C 2 HOH 24  2024 2024 HOH HOH A . 
C 2 HOH 25  2025 2025 HOH HOH A . 
C 2 HOH 26  2026 2026 HOH HOH A . 
C 2 HOH 27  2027 2027 HOH HOH A . 
C 2 HOH 28  2028 2028 HOH HOH A . 
C 2 HOH 29  2029 2029 HOH HOH A . 
C 2 HOH 30  2030 2030 HOH HOH A . 
C 2 HOH 31  2031 2031 HOH HOH A . 
C 2 HOH 32  2032 2032 HOH HOH A . 
C 2 HOH 33  2033 2033 HOH HOH A . 
C 2 HOH 34  2034 2034 HOH HOH A . 
C 2 HOH 35  2035 2035 HOH HOH A . 
C 2 HOH 36  2036 2036 HOH HOH A . 
C 2 HOH 37  2037 2037 HOH HOH A . 
C 2 HOH 38  2038 2038 HOH HOH A . 
C 2 HOH 39  2039 2039 HOH HOH A . 
C 2 HOH 40  2040 2040 HOH HOH A . 
C 2 HOH 41  2041 2041 HOH HOH A . 
C 2 HOH 42  2042 2042 HOH HOH A . 
C 2 HOH 43  2043 2043 HOH HOH A . 
C 2 HOH 44  2044 2044 HOH HOH A . 
C 2 HOH 45  2045 2045 HOH HOH A . 
C 2 HOH 46  2046 2046 HOH HOH A . 
C 2 HOH 47  2047 2047 HOH HOH A . 
C 2 HOH 48  2048 2048 HOH HOH A . 
C 2 HOH 49  2049 2049 HOH HOH A . 
C 2 HOH 50  2050 2050 HOH HOH A . 
C 2 HOH 51  2051 2051 HOH HOH A . 
C 2 HOH 52  2052 2052 HOH HOH A . 
C 2 HOH 53  2053 2053 HOH HOH A . 
C 2 HOH 54  2054 2054 HOH HOH A . 
C 2 HOH 55  2055 2055 HOH HOH A . 
C 2 HOH 56  2056 2056 HOH HOH A . 
C 2 HOH 57  2057 2057 HOH HOH A . 
C 2 HOH 58  2058 2058 HOH HOH A . 
C 2 HOH 59  2059 2059 HOH HOH A . 
C 2 HOH 60  2060 2060 HOH HOH A . 
C 2 HOH 61  2061 2061 HOH HOH A . 
C 2 HOH 62  2062 2062 HOH HOH A . 
C 2 HOH 63  2063 2063 HOH HOH A . 
C 2 HOH 64  2064 2064 HOH HOH A . 
C 2 HOH 65  2065 2065 HOH HOH A . 
C 2 HOH 66  2066 2066 HOH HOH A . 
C 2 HOH 67  2067 2067 HOH HOH A . 
C 2 HOH 68  2068 2068 HOH HOH A . 
C 2 HOH 69  2069 2069 HOH HOH A . 
C 2 HOH 70  2070 2070 HOH HOH A . 
C 2 HOH 71  2071 2071 HOH HOH A . 
C 2 HOH 72  2072 2072 HOH HOH A . 
C 2 HOH 73  2073 2073 HOH HOH A . 
C 2 HOH 74  2074 2074 HOH HOH A . 
C 2 HOH 75  2075 2075 HOH HOH A . 
C 2 HOH 76  2076 2076 HOH HOH A . 
C 2 HOH 77  2077 2077 HOH HOH A . 
C 2 HOH 78  2078 2078 HOH HOH A . 
C 2 HOH 79  2079 2079 HOH HOH A . 
C 2 HOH 80  2080 2080 HOH HOH A . 
C 2 HOH 81  2081 2081 HOH HOH A . 
C 2 HOH 82  2082 2082 HOH HOH A . 
C 2 HOH 83  2083 2083 HOH HOH A . 
C 2 HOH 84  2084 2084 HOH HOH A . 
C 2 HOH 85  2085 2085 HOH HOH A . 
C 2 HOH 86  2086 2086 HOH HOH A . 
C 2 HOH 87  2087 2087 HOH HOH A . 
C 2 HOH 88  2088 2088 HOH HOH A . 
C 2 HOH 89  2089 2089 HOH HOH A . 
C 2 HOH 90  2090 2090 HOH HOH A . 
C 2 HOH 91  2091 2091 HOH HOH A . 
C 2 HOH 92  2092 2092 HOH HOH A . 
C 2 HOH 93  2093 2093 HOH HOH A . 
C 2 HOH 94  2094 2094 HOH HOH A . 
C 2 HOH 95  2095 2095 HOH HOH A . 
C 2 HOH 96  2096 2096 HOH HOH A . 
C 2 HOH 97  2097 2097 HOH HOH A . 
C 2 HOH 98  2098 2098 HOH HOH A . 
C 2 HOH 99  2099 2099 HOH HOH A . 
C 2 HOH 100 2100 2100 HOH HOH A . 
C 2 HOH 101 2101 2101 HOH HOH A . 
C 2 HOH 102 2102 2102 HOH HOH A . 
C 2 HOH 103 2103 2103 HOH HOH A . 
C 2 HOH 104 2104 2104 HOH HOH A . 
C 2 HOH 105 2105 2105 HOH HOH A . 
C 2 HOH 106 2106 2106 HOH HOH A . 
C 2 HOH 107 2107 2107 HOH HOH A . 
C 2 HOH 108 2108 2108 HOH HOH A . 
C 2 HOH 109 2109 2109 HOH HOH A . 
C 2 HOH 110 2110 2110 HOH HOH A . 
C 2 HOH 111 2111 2111 HOH HOH A . 
C 2 HOH 112 2112 2112 HOH HOH A . 
C 2 HOH 113 2113 2113 HOH HOH A . 
C 2 HOH 114 2114 2114 HOH HOH A . 
C 2 HOH 115 2115 2115 HOH HOH A . 
C 2 HOH 116 2116 2116 HOH HOH A . 
C 2 HOH 117 2117 2117 HOH HOH A . 
D 2 HOH 1   2001 2001 HOH HOH B . 
D 2 HOH 2   2002 2002 HOH HOH B . 
D 2 HOH 3   2003 2003 HOH HOH B . 
D 2 HOH 4   2004 2004 HOH HOH B . 
D 2 HOH 5   2005 2005 HOH HOH B . 
D 2 HOH 6   2006 2006 HOH HOH B . 
D 2 HOH 7   2007 2007 HOH HOH B . 
D 2 HOH 8   2008 2008 HOH HOH B . 
D 2 HOH 9   2009 2009 HOH HOH B . 
D 2 HOH 10  2010 2010 HOH HOH B . 
D 2 HOH 11  2011 2011 HOH HOH B . 
D 2 HOH 12  2012 2012 HOH HOH B . 
D 2 HOH 13  2013 2013 HOH HOH B . 
D 2 HOH 14  2014 2014 HOH HOH B . 
D 2 HOH 15  2015 2015 HOH HOH B . 
D 2 HOH 16  2016 2016 HOH HOH B . 
D 2 HOH 17  2017 2017 HOH HOH B . 
D 2 HOH 18  2018 2018 HOH HOH B . 
D 2 HOH 19  2019 2019 HOH HOH B . 
D 2 HOH 20  2020 2020 HOH HOH B . 
D 2 HOH 21  2021 2021 HOH HOH B . 
D 2 HOH 22  2022 2022 HOH HOH B . 
D 2 HOH 23  2023 2023 HOH HOH B . 
D 2 HOH 24  2024 2024 HOH HOH B . 
D 2 HOH 25  2025 2025 HOH HOH B . 
D 2 HOH 26  2026 2026 HOH HOH B . 
D 2 HOH 27  2027 2027 HOH HOH B . 
D 2 HOH 28  2028 2028 HOH HOH B . 
D 2 HOH 29  2029 2029 HOH HOH B . 
D 2 HOH 30  2030 2030 HOH HOH B . 
D 2 HOH 31  2031 2031 HOH HOH B . 
D 2 HOH 32  2032 2032 HOH HOH B . 
D 2 HOH 33  2033 2033 HOH HOH B . 
D 2 HOH 34  2034 2034 HOH HOH B . 
D 2 HOH 35  2035 2035 HOH HOH B . 
D 2 HOH 36  2036 2036 HOH HOH B . 
D 2 HOH 37  2037 2037 HOH HOH B . 
D 2 HOH 38  2038 2038 HOH HOH B . 
D 2 HOH 39  2039 2039 HOH HOH B . 
D 2 HOH 40  2040 2040 HOH HOH B . 
D 2 HOH 41  2041 2041 HOH HOH B . 
D 2 HOH 42  2042 2042 HOH HOH B . 
D 2 HOH 43  2043 2043 HOH HOH B . 
D 2 HOH 44  2044 2044 HOH HOH B . 
D 2 HOH 45  2045 2045 HOH HOH B . 
D 2 HOH 46  2046 2046 HOH HOH B . 
D 2 HOH 47  2047 2047 HOH HOH B . 
D 2 HOH 48  2048 2048 HOH HOH B . 
D 2 HOH 49  2049 2049 HOH HOH B . 
D 2 HOH 50  2050 2050 HOH HOH B . 
D 2 HOH 51  2051 2051 HOH HOH B . 
D 2 HOH 52  2052 2052 HOH HOH B . 
D 2 HOH 53  2053 2053 HOH HOH B . 
D 2 HOH 54  2054 2054 HOH HOH B . 
D 2 HOH 55  2055 2055 HOH HOH B . 
D 2 HOH 56  2056 2056 HOH HOH B . 
D 2 HOH 57  2057 2057 HOH HOH B . 
D 2 HOH 58  2058 2058 HOH HOH B . 
D 2 HOH 59  2059 2059 HOH HOH B . 
D 2 HOH 60  2060 2060 HOH HOH B . 
D 2 HOH 61  2061 2061 HOH HOH B . 
D 2 HOH 62  2062 2062 HOH HOH B . 
D 2 HOH 63  2063 2063 HOH HOH B . 
D 2 HOH 64  2064 2064 HOH HOH B . 
D 2 HOH 65  2065 2065 HOH HOH B . 
D 2 HOH 66  2066 2066 HOH HOH B . 
D 2 HOH 67  2067 2067 HOH HOH B . 
D 2 HOH 68  2068 2068 HOH HOH B . 
D 2 HOH 69  2069 2069 HOH HOH B . 
D 2 HOH 70  2070 2070 HOH HOH B . 
D 2 HOH 71  2071 2071 HOH HOH B . 
D 2 HOH 72  2072 2072 HOH HOH B . 
D 2 HOH 73  2073 2073 HOH HOH B . 
D 2 HOH 74  2074 2074 HOH HOH B . 
D 2 HOH 75  2075 2075 HOH HOH B . 
D 2 HOH 76  2076 2076 HOH HOH B . 
D 2 HOH 77  2077 2077 HOH HOH B . 
D 2 HOH 78  2078 2078 HOH HOH B . 
D 2 HOH 79  2079 2079 HOH HOH B . 
D 2 HOH 80  2080 2080 HOH HOH B . 
D 2 HOH 81  2081 2081 HOH HOH B . 
D 2 HOH 82  2082 2082 HOH HOH B . 
D 2 HOH 83  2083 2083 HOH HOH B . 
D 2 HOH 84  2084 2084 HOH HOH B . 
D 2 HOH 85  2085 2085 HOH HOH B . 
D 2 HOH 86  2086 2086 HOH HOH B . 
D 2 HOH 87  2087 2087 HOH HOH B . 
D 2 HOH 88  2088 2088 HOH HOH B . 
D 2 HOH 89  2089 2089 HOH HOH B . 
D 2 HOH 90  2090 2090 HOH HOH B . 
D 2 HOH 91  2091 2091 HOH HOH B . 
D 2 HOH 92  2092 2092 HOH HOH B . 
D 2 HOH 93  2093 2093 HOH HOH B . 
D 2 HOH 94  2094 2094 HOH HOH B . 
# 
loop_
_software.name 
_software.classification 
_software.version 
_software.citation_id 
_software.pdbx_ordinal 
REFMAC refinement       5.5.0054 ? 1 
MOSFLM 'data reduction' .        ? 2 
SCALA  'data scaling'   .        ? 3 
PHASER phasing          .        ? 4 
# 
_cell.entry_id           2WUJ 
_cell.length_a           29.089 
_cell.length_b           32.753 
_cell.length_c           134.542 
_cell.angle_alpha        90.00 
_cell.angle_beta         90.00 
_cell.angle_gamma        90.00 
_cell.Z_PDB              8 
_cell.pdbx_unique_axis   ? 
# 
_symmetry.entry_id                         2WUJ 
_symmetry.space_group_name_H-M             'P 21 21 21' 
_symmetry.pdbx_full_space_group_name_H-M   ? 
_symmetry.cell_setting                     ? 
_symmetry.Int_Tables_number                19 
# 
_exptl.entry_id          2WUJ 
_exptl.method            'X-RAY DIFFRACTION' 
_exptl.crystals_number   1 
# 
_exptl_crystal.id                    1 
_exptl_crystal.density_meas          ? 
_exptl_crystal.density_Matthews      2.3 
_exptl_crystal.density_percent_sol   45.4 
_exptl_crystal.description           NONE 
# 
_diffrn.id                     1 
_diffrn.ambient_temp           100 
_diffrn.ambient_temp_details   ? 
_diffrn.crystal_id             1 
# 
_diffrn_detector.diffrn_id              1 
_diffrn_detector.detector               CCD 
_diffrn_detector.type                   'ADSC CCD' 
_diffrn_detector.pdbx_collection_date   2008-10-01 
_diffrn_detector.details                ? 
# 
_diffrn_radiation.diffrn_id                        1 
_diffrn_radiation.wavelength_id                    1 
_diffrn_radiation.pdbx_monochromatic_or_laue_m_l   M 
_diffrn_radiation.monochromator                    ? 
_diffrn_radiation.pdbx_diffrn_protocol             'SINGLE WAVELENGTH' 
_diffrn_radiation.pdbx_scattering_type             x-ray 
# 
_diffrn_radiation_wavelength.id           1 
_diffrn_radiation_wavelength.wavelength   0.98400 
_diffrn_radiation_wavelength.wt           1.0 
# 
_diffrn_source.diffrn_id                   1 
_diffrn_source.source                      SYNCHROTRON 
_diffrn_source.type                        'ESRF BEAMLINE ID29' 
_diffrn_source.pdbx_synchrotron_site       ESRF 
_diffrn_source.pdbx_synchrotron_beamline   ID29 
_diffrn_source.pdbx_wavelength             0.98400 
_diffrn_source.pdbx_wavelength_list        ? 
# 
_reflns.pdbx_diffrn_id               1 
_reflns.pdbx_ordinal                 1 
_reflns.entry_id                     2WUJ 
_reflns.observed_criterion_sigma_I   0.0 
_reflns.observed_criterion_sigma_F   ? 
_reflns.d_resolution_low             33.00 
_reflns.d_resolution_high            1.40 
_reflns.number_obs                   22664 
_reflns.number_all                   ? 
_reflns.percent_possible_obs         94.5 
_reflns.pdbx_Rmerge_I_obs            0.07 
_reflns.pdbx_Rsym_value              ? 
_reflns.pdbx_netI_over_sigmaI        11.20 
_reflns.B_iso_Wilson_estimate        12.7 
_reflns.pdbx_redundancy              3.3 
# 
_reflns_shell.pdbx_diffrn_id         1 
_reflns_shell.pdbx_ordinal           1 
_reflns_shell.d_res_high             1.40 
_reflns_shell.d_res_low              1.48 
_reflns_shell.percent_possible_all   88.7 
_reflns_shell.Rmerge_I_obs           0.14 
_reflns_shell.pdbx_Rsym_value        ? 
_reflns_shell.meanI_over_sigI_obs    4.80 
_reflns_shell.pdbx_redundancy        2.3 
# 
_refine.pdbx_refine_id                           'X-RAY DIFFRACTION' 
_refine.entry_id                                 2WUJ 
_refine.pdbx_diffrn_id                           1 
_refine.pdbx_TLS_residual_ADP_flag               ? 
_refine.ls_number_reflns_obs                     23742 
_refine.ls_number_reflns_all                     ? 
_refine.pdbx_ls_sigma_I                          ? 
_refine.pdbx_ls_sigma_F                          . 
_refine.pdbx_data_cutoff_high_absF               ? 
_refine.pdbx_data_cutoff_low_absF                ? 
_refine.pdbx_data_cutoff_high_rms_absF           ? 
_refine.ls_d_res_low                             67.20 
_refine.ls_d_res_high                            1.40 
_refine.ls_percent_reflns_obs                    95.01 
_refine.ls_R_factor_obs                          0.18815 
_refine.ls_R_factor_all                          ? 
_refine.ls_R_factor_R_work                       0.18635 
_refine.ls_R_factor_R_free                       0.22189 
_refine.ls_R_factor_R_free_error                 ? 
_refine.ls_R_factor_R_free_error_details         ? 
_refine.ls_percent_reflns_R_free                 4.9 
_refine.ls_number_reflns_R_free                  1233 
_refine.ls_number_parameters                     ? 
_refine.ls_number_restraints                     ? 
_refine.occupancy_min                            ? 
_refine.occupancy_max                            ? 
_refine.correlation_coeff_Fo_to_Fc               0.949 
_refine.correlation_coeff_Fo_to_Fc_free          0.933 
_refine.B_iso_mean                               23.766 
_refine.aniso_B[1][1]                            -1.07 
_refine.aniso_B[2][2]                            0.09 
_refine.aniso_B[3][3]                            0.98 
_refine.aniso_B[1][2]                            0.00 
_refine.aniso_B[1][3]                            0.00 
_refine.aniso_B[2][3]                            0.00 
_refine.solvent_model_details                    'BABINET MODEL WITH MASK' 
_refine.solvent_model_param_ksol                 ? 
_refine.solvent_model_param_bsol                 ? 
_refine.pdbx_solvent_vdw_probe_radii             1.40 
_refine.pdbx_solvent_ion_probe_radii             0.80 
_refine.pdbx_solvent_shrinkage_radii             0.80 
_refine.pdbx_ls_cross_valid_method               THROUGHOUT 
_refine.details                                  
'HYDROGENS HAVE BEEN ADDED IN THE RIDING POSITIONS. U VALUES REFINED INDIVIDUALLY.' 
_refine.pdbx_starting_model                      NONE 
_refine.pdbx_method_to_determine_struct          SAD 
_refine.pdbx_isotropic_thermal_model             ? 
_refine.pdbx_stereochemistry_target_values       'MAXIMUM LIKELIHOOD' 
_refine.pdbx_stereochem_target_val_spec_case     ? 
_refine.pdbx_R_Free_selection_details            RANDOM 
_refine.pdbx_overall_ESU_R                       0.063 
_refine.pdbx_overall_ESU_R_Free                  0.068 
_refine.overall_SU_ML                            0.037 
_refine.pdbx_overall_phase_error                 ? 
_refine.overall_SU_B                             0.913 
_refine.overall_SU_R_Cruickshank_DPI             ? 
_refine.pdbx_overall_SU_R_free_Cruickshank_DPI   ? 
_refine.pdbx_overall_SU_R_Blow_DPI               ? 
_refine.pdbx_overall_SU_R_free_Blow_DPI          ? 
# 
_refine_hist.pdbx_refine_id                   'X-RAY DIFFRACTION' 
_refine_hist.cycle_id                         LAST 
_refine_hist.pdbx_number_atoms_protein        842 
_refine_hist.pdbx_number_atoms_nucleic_acid   0 
_refine_hist.pdbx_number_atoms_ligand         0 
_refine_hist.number_atoms_solvent             211 
_refine_hist.number_atoms_total               1053 
_refine_hist.d_res_high                       1.40 
_refine_hist.d_res_low                        67.20 
# 
loop_
_refine_ls_restr.type 
_refine_ls_restr.dev_ideal 
_refine_ls_restr.dev_ideal_target 
_refine_ls_restr.weight 
_refine_ls_restr.number 
_refine_ls_restr.pdbx_refine_id 
_refine_ls_restr.pdbx_restraint_function 
r_bond_refined_d             0.031  0.022  ? 871  'X-RAY DIFFRACTION' ? 
r_bond_other_d               ?      ?      ? ?    'X-RAY DIFFRACTION' ? 
r_angle_refined_deg          2.599  1.959  ? 1174 'X-RAY DIFFRACTION' ? 
r_angle_other_deg            ?      ?      ? ?    'X-RAY DIFFRACTION' ? 
r_dihedral_angle_1_deg       4.393  5.000  ? 104  'X-RAY DIFFRACTION' ? 
r_dihedral_angle_2_deg       37.488 25.385 ? 52   'X-RAY DIFFRACTION' ? 
r_dihedral_angle_3_deg       16.586 15.000 ? 172  'X-RAY DIFFRACTION' ? 
r_dihedral_angle_4_deg       26.633 15.000 ? 6    'X-RAY DIFFRACTION' ? 
r_chiral_restr               0.149  0.200  ? 129  'X-RAY DIFFRACTION' ? 
r_gen_planes_refined         0.016  0.020  ? 664  'X-RAY DIFFRACTION' ? 
r_gen_planes_other           ?      ?      ? ?    'X-RAY DIFFRACTION' ? 
r_nbd_refined                ?      ?      ? ?    'X-RAY DIFFRACTION' ? 
r_nbd_other                  ?      ?      ? ?    'X-RAY DIFFRACTION' ? 
r_nbtor_refined              ?      ?      ? ?    'X-RAY DIFFRACTION' ? 
r_nbtor_other                ?      ?      ? ?    'X-RAY DIFFRACTION' ? 
r_xyhbond_nbd_refined        ?      ?      ? ?    'X-RAY DIFFRACTION' ? 
r_xyhbond_nbd_other          ?      ?      ? ?    'X-RAY DIFFRACTION' ? 
r_metal_ion_refined          ?      ?      ? ?    'X-RAY DIFFRACTION' ? 
r_metal_ion_other            ?      ?      ? ?    'X-RAY DIFFRACTION' ? 
r_symmetry_vdw_refined       ?      ?      ? ?    'X-RAY DIFFRACTION' ? 
r_symmetry_vdw_other         ?      ?      ? ?    'X-RAY DIFFRACTION' ? 
r_symmetry_hbond_refined     ?      ?      ? ?    'X-RAY DIFFRACTION' ? 
r_symmetry_hbond_other       ?      ?      ? ?    'X-RAY DIFFRACTION' ? 
r_symmetry_metal_ion_refined ?      ?      ? ?    'X-RAY DIFFRACTION' ? 
r_symmetry_metal_ion_other   ?      ?      ? ?    'X-RAY DIFFRACTION' ? 
r_mcbond_it                  1.421  4.000  ? 507  'X-RAY DIFFRACTION' ? 
r_mcbond_other               ?      ?      ? ?    'X-RAY DIFFRACTION' ? 
r_mcangle_it                 2.372  4.500  ? 828  'X-RAY DIFFRACTION' ? 
r_mcangle_other              ?      ?      ? ?    'X-RAY DIFFRACTION' ? 
r_scbond_it                  3.349  5.500  ? 364  'X-RAY DIFFRACTION' ? 
r_scbond_other               ?      ?      ? ?    'X-RAY DIFFRACTION' ? 
r_scangle_it                 5.600  6.500  ? 343  'X-RAY DIFFRACTION' ? 
r_scangle_other              ?      ?      ? ?    'X-RAY DIFFRACTION' ? 
r_long_range_B_refined       ?      ?      ? ?    'X-RAY DIFFRACTION' ? 
r_long_range_B_other         ?      ?      ? ?    'X-RAY DIFFRACTION' ? 
r_rigid_bond_restr           ?      ?      ? ?    'X-RAY DIFFRACTION' ? 
r_sphericity_free            ?      ?      ? ?    'X-RAY DIFFRACTION' ? 
r_sphericity_bonded          ?      ?      ? ?    'X-RAY DIFFRACTION' ? 
# 
_refine_ls_shell.pdbx_refine_id                   'X-RAY DIFFRACTION' 
_refine_ls_shell.pdbx_total_number_of_bins_used   20 
_refine_ls_shell.d_res_high                       1.400 
_refine_ls_shell.d_res_low                        1.436 
_refine_ls_shell.number_reflns_R_work             1654 
_refine_ls_shell.R_factor_R_work                  0.228 
_refine_ls_shell.percent_reflns_obs               90.98 
_refine_ls_shell.R_factor_R_free                  0.265 
_refine_ls_shell.R_factor_R_free_error            ? 
_refine_ls_shell.percent_reflns_R_free            ? 
_refine_ls_shell.number_reflns_R_free             80 
_refine_ls_shell.number_reflns_all                ? 
_refine_ls_shell.R_factor_all                     ? 
# 
_struct_ncs_oper.id             1 
_struct_ncs_oper.code           given 
_struct_ncs_oper.details        ? 
_struct_ncs_oper.matrix[1][1]   1.000000 
_struct_ncs_oper.matrix[1][2]   0.000000 
_struct_ncs_oper.matrix[1][3]   0.000000 
_struct_ncs_oper.matrix[2][1]   0.000000 
_struct_ncs_oper.matrix[2][2]   1.000000 
_struct_ncs_oper.matrix[2][3]   0.000000 
_struct_ncs_oper.matrix[3][1]   0.000000 
_struct_ncs_oper.matrix[3][2]   0.000000 
_struct_ncs_oper.matrix[3][3]   1.000000 
_struct_ncs_oper.vector[1]      0.00000 
_struct_ncs_oper.vector[2]      0.00000 
_struct_ncs_oper.vector[3]      0.00000 
# 
_struct.entry_id                  2WUJ 
_struct.title                     'DivIVA N-terminal domain' 
_struct.pdbx_model_details        ? 
_struct.pdbx_CASP_flag            ? 
_struct.pdbx_model_type_details   ? 
# 
_struct_keywords.entry_id        2WUJ 
_struct_keywords.pdbx_keywords   'CELL CYCLE' 
_struct_keywords.text            'BACTERIAL CELL DIVISION, SEPTATION, CELL CYCLE, SPORULATION' 
# 
loop_
_struct_asym.id 
_struct_asym.pdbx_blank_PDB_chainid_flag 
_struct_asym.pdbx_modified 
_struct_asym.entity_id 
_struct_asym.details 
A N N 1 ? 
B N N 1 ? 
C N N 2 ? 
D N N 2 ? 
# 
_struct_ref.id                         1 
_struct_ref.db_name                    UNP 
_struct_ref.db_code                    DIV4A_BACSU 
_struct_ref.entity_id                  1 
_struct_ref.pdbx_seq_one_letter_code   ? 
_struct_ref.pdbx_align_begin           ? 
_struct_ref.pdbx_db_accession          P71021 
_struct_ref.pdbx_db_isoform            ? 
# 
loop_
_struct_ref_seq.align_id 
_struct_ref_seq.ref_id 
_struct_ref_seq.pdbx_PDB_id_code 
_struct_ref_seq.pdbx_strand_id 
_struct_ref_seq.seq_align_beg 
_struct_ref_seq.pdbx_seq_align_beg_ins_code 
_struct_ref_seq.seq_align_end 
_struct_ref_seq.pdbx_seq_align_end_ins_code 
_struct_ref_seq.pdbx_db_accession 
_struct_ref_seq.db_align_beg 
_struct_ref_seq.pdbx_db_align_beg_ins_code 
_struct_ref_seq.db_align_end 
_struct_ref_seq.pdbx_db_align_end_ins_code 
_struct_ref_seq.pdbx_auth_seq_align_beg 
_struct_ref_seq.pdbx_auth_seq_align_end 
1 1 2WUJ A 1 ? 57 ? P71021 1 ? 57 ? 1 57 
2 1 2WUJ B 1 ? 57 ? P71021 1 ? 57 ? 1 57 
# 
_pdbx_struct_assembly.id                   1 
_pdbx_struct_assembly.details              software_defined_assembly 
_pdbx_struct_assembly.method_details       PISA 
_pdbx_struct_assembly.oligomeric_details   dimeric 
_pdbx_struct_assembly.oligomeric_count     2 
# 
loop_
_pdbx_struct_assembly_prop.biol_id 
_pdbx_struct_assembly_prop.type 
_pdbx_struct_assembly_prop.value 
_pdbx_struct_assembly_prop.details 
1 'ABSA (A^2)' 3230  ? 
1 MORE         -28.5 ? 
1 'SSA (A^2)'  6880  ? 
# 
_pdbx_struct_assembly_gen.assembly_id       1 
_pdbx_struct_assembly_gen.oper_expression   1 
_pdbx_struct_assembly_gen.asym_id_list      A,B,C,D 
# 
_pdbx_struct_oper_list.id                   1 
_pdbx_struct_oper_list.type                 'identity operation' 
_pdbx_struct_oper_list.name                 1_555 
_pdbx_struct_oper_list.symmetry_operation   x,y,z 
_pdbx_struct_oper_list.matrix[1][1]         1.0000000000 
_pdbx_struct_oper_list.matrix[1][2]         0.0000000000 
_pdbx_struct_oper_list.matrix[1][3]         0.0000000000 
_pdbx_struct_oper_list.vector[1]            0.0000000000 
_pdbx_struct_oper_list.matrix[2][1]         0.0000000000 
_pdbx_struct_oper_list.matrix[2][2]         1.0000000000 
_pdbx_struct_oper_list.matrix[2][3]         0.0000000000 
_pdbx_struct_oper_list.vector[2]            0.0000000000 
_pdbx_struct_oper_list.matrix[3][1]         0.0000000000 
_pdbx_struct_oper_list.matrix[3][2]         0.0000000000 
_pdbx_struct_oper_list.matrix[3][3]         1.0000000000 
_pdbx_struct_oper_list.vector[3]            0.0000000000 
# 
_struct_biol.id   1 
# 
loop_
_struct_conf.conf_type_id 
_struct_conf.id 
_struct_conf.pdbx_PDB_helix_id 
_struct_conf.beg_label_comp_id 
_struct_conf.beg_label_asym_id 
_struct_conf.beg_label_seq_id 
_struct_conf.pdbx_beg_PDB_ins_code 
_struct_conf.end_label_comp_id 
_struct_conf.end_label_asym_id 
_struct_conf.end_label_seq_id 
_struct_conf.pdbx_end_PDB_ins_code 
_struct_conf.beg_auth_comp_id 
_struct_conf.beg_auth_asym_id 
_struct_conf.beg_auth_seq_id 
_struct_conf.end_auth_comp_id 
_struct_conf.end_auth_asym_id 
_struct_conf.end_auth_seq_id 
_struct_conf.pdbx_PDB_helix_class 
_struct_conf.details 
_struct_conf.pdbx_PDB_helix_length 
HELX_P HELX_P1 1 THR A 4  ? HIS A 9  ? THR A 4  HIS A 9  1 ? 6  
HELX_P HELX_P2 2 ASP A 21 ? GLU A 52 ? ASP A 21 GLU A 52 1 ? 32 
HELX_P HELX_P3 3 THR B 4  ? LYS B 11 ? THR B 4  LYS B 11 1 ? 8  
HELX_P HELX_P4 4 ASP B 21 ? GLU B 52 ? ASP B 21 GLU B 52 1 ? 32 
# 
_struct_conf_type.id          HELX_P 
_struct_conf_type.criteria    ? 
_struct_conf_type.reference   ? 
# 
_struct_sheet.id               A 
_struct_sheet.type             ? 
_struct_sheet.number_strands   4 
_struct_sheet.details          ? 
# 
loop_
_struct_sheet_order.sheet_id 
_struct_sheet_order.range_id_1 
_struct_sheet_order.range_id_2 
_struct_sheet_order.offset 
_struct_sheet_order.sense 
A 1 2 ? anti-parallel 
A 2 3 ? anti-parallel 
A 3 4 ? anti-parallel 
# 
loop_
_struct_sheet_range.sheet_id 
_struct_sheet_range.id 
_struct_sheet_range.beg_label_comp_id 
_struct_sheet_range.beg_label_asym_id 
_struct_sheet_range.beg_label_seq_id 
_struct_sheet_range.pdbx_beg_PDB_ins_code 
_struct_sheet_range.end_label_comp_id 
_struct_sheet_range.end_label_asym_id 
_struct_sheet_range.end_label_seq_id 
_struct_sheet_range.pdbx_end_PDB_ins_code 
_struct_sheet_range.beg_auth_comp_id 
_struct_sheet_range.beg_auth_asym_id 
_struct_sheet_range.beg_auth_seq_id 
_struct_sheet_range.end_auth_comp_id 
_struct_sheet_range.end_auth_asym_id 
_struct_sheet_range.end_auth_seq_id 
A 1 LYS A 15 ? SER A 16 ? LYS A 15 SER A 16 
A 2 GLY B 19 ? TYR B 20 ? GLY B 19 TYR B 20 
A 3 GLY A 19 ? ASP A 21 ? GLY A 19 ASP A 21 
A 4 LYS B 15 ? SER B 16 ? LYS B 15 SER B 16 
# 
loop_
_pdbx_struct_sheet_hbond.sheet_id 
_pdbx_struct_sheet_hbond.range_id_1 
_pdbx_struct_sheet_hbond.range_id_2 
_pdbx_struct_sheet_hbond.range_1_label_atom_id 
_pdbx_struct_sheet_hbond.range_1_label_comp_id 
_pdbx_struct_sheet_hbond.range_1_label_asym_id 
_pdbx_struct_sheet_hbond.range_1_label_seq_id 
_pdbx_struct_sheet_hbond.range_1_PDB_ins_code 
_pdbx_struct_sheet_hbond.range_1_auth_atom_id 
_pdbx_struct_sheet_hbond.range_1_auth_comp_id 
_pdbx_struct_sheet_hbond.range_1_auth_asym_id 
_pdbx_struct_sheet_hbond.range_1_auth_seq_id 
_pdbx_struct_sheet_hbond.range_2_label_atom_id 
_pdbx_struct_sheet_hbond.range_2_label_comp_id 
_pdbx_struct_sheet_hbond.range_2_label_asym_id 
_pdbx_struct_sheet_hbond.range_2_label_seq_id 
_pdbx_struct_sheet_hbond.range_2_PDB_ins_code 
_pdbx_struct_sheet_hbond.range_2_auth_atom_id 
_pdbx_struct_sheet_hbond.range_2_auth_comp_id 
_pdbx_struct_sheet_hbond.range_2_auth_asym_id 
_pdbx_struct_sheet_hbond.range_2_auth_seq_id 
A 1 2 N SER A 16 ? N SER A 16 O GLY B 19 ? O GLY B 19 
A 2 3 O TYR B 20 ? O TYR B 20 N TYR A 20 ? N TYR A 20 
A 3 4 N GLY A 19 ? N GLY A 19 O SER B 16 ? O SER B 16 
# 
loop_
_pdbx_validate_close_contact.id 
_pdbx_validate_close_contact.PDB_model_num 
_pdbx_validate_close_contact.auth_atom_id_1 
_pdbx_validate_close_contact.auth_asym_id_1 
_pdbx_validate_close_contact.auth_comp_id_1 
_pdbx_validate_close_contact.auth_seq_id_1 
_pdbx_validate_close_contact.PDB_ins_code_1 
_pdbx_validate_close_contact.label_alt_id_1 
_pdbx_validate_close_contact.auth_atom_id_2 
_pdbx_validate_close_contact.auth_asym_id_2 
_pdbx_validate_close_contact.auth_comp_id_2 
_pdbx_validate_close_contact.auth_seq_id_2 
_pdbx_validate_close_contact.PDB_ins_code_2 
_pdbx_validate_close_contact.label_alt_id_2 
_pdbx_validate_close_contact.dist 
1 1 O A HOH 2032 ? ? O B HOH 2067 ? ? 2.15 
2 1 O A HOH 2048 ? ? O B HOH 2058 ? ? 2.15 
# 
_pdbx_validate_rmsd_bond.id                        1 
_pdbx_validate_rmsd_bond.PDB_model_num             1 
_pdbx_validate_rmsd_bond.auth_atom_id_1            CG 
_pdbx_validate_rmsd_bond.auth_asym_id_1            A 
_pdbx_validate_rmsd_bond.auth_comp_id_1            GLU 
_pdbx_validate_rmsd_bond.auth_seq_id_1             27 
_pdbx_validate_rmsd_bond.PDB_ins_code_1            ? 
_pdbx_validate_rmsd_bond.label_alt_id_1            ? 
_pdbx_validate_rmsd_bond.auth_atom_id_2            CD 
_pdbx_validate_rmsd_bond.auth_asym_id_2            A 
_pdbx_validate_rmsd_bond.auth_comp_id_2            GLU 
_pdbx_validate_rmsd_bond.auth_seq_id_2             27 
_pdbx_validate_rmsd_bond.PDB_ins_code_2            ? 
_pdbx_validate_rmsd_bond.label_alt_id_2            ? 
_pdbx_validate_rmsd_bond.bond_value                1.418 
_pdbx_validate_rmsd_bond.bond_target_value         1.515 
_pdbx_validate_rmsd_bond.bond_deviation            -0.097 
_pdbx_validate_rmsd_bond.bond_standard_deviation   0.015 
_pdbx_validate_rmsd_bond.linker_flag               N 
# 
loop_
_pdbx_validate_rmsd_angle.id 
_pdbx_validate_rmsd_angle.PDB_model_num 
_pdbx_validate_rmsd_angle.auth_atom_id_1 
_pdbx_validate_rmsd_angle.auth_asym_id_1 
_pdbx_validate_rmsd_angle.auth_comp_id_1 
_pdbx_validate_rmsd_angle.auth_seq_id_1 
_pdbx_validate_rmsd_angle.PDB_ins_code_1 
_pdbx_validate_rmsd_angle.label_alt_id_1 
_pdbx_validate_rmsd_angle.auth_atom_id_2 
_pdbx_validate_rmsd_angle.auth_asym_id_2 
_pdbx_validate_rmsd_angle.auth_comp_id_2 
_pdbx_validate_rmsd_angle.auth_seq_id_2 
_pdbx_validate_rmsd_angle.PDB_ins_code_2 
_pdbx_validate_rmsd_angle.label_alt_id_2 
_pdbx_validate_rmsd_angle.auth_atom_id_3 
_pdbx_validate_rmsd_angle.auth_asym_id_3 
_pdbx_validate_rmsd_angle.auth_comp_id_3 
_pdbx_validate_rmsd_angle.auth_seq_id_3 
_pdbx_validate_rmsd_angle.PDB_ins_code_3 
_pdbx_validate_rmsd_angle.label_alt_id_3 
_pdbx_validate_rmsd_angle.angle_value 
_pdbx_validate_rmsd_angle.angle_target_value 
_pdbx_validate_rmsd_angle.angle_deviation 
_pdbx_validate_rmsd_angle.angle_standard_deviation 
_pdbx_validate_rmsd_angle.linker_flag 
1 1 CD A LYS 15 ? ? CE  A LYS 15 ? ? NZ  A LYS 15 ? ? 97.20  111.70 -14.50 2.30 N 
2 1 NE A ARG 18 ? ? CZ  A ARG 18 ? ? NH2 A ARG 18 ? ? 124.69 120.30 4.39   0.50 N 
3 1 CZ A TYR 20 ? ? CE2 A TYR 20 ? ? CD2 A TYR 20 ? ? 113.97 119.80 -5.83  0.90 N 
4 1 CB A ASP 23 ? ? CG  A ASP 23 ? ? OD1 A ASP 23 ? ? 110.94 118.30 -7.36  0.90 N 
5 1 CB A ASP 23 ? ? CG  A ASP 23 ? ? OD2 A ASP 23 ? ? 124.88 118.30 6.58   0.90 N 
6 1 CB A ASP 35 ? ? CG  A ASP 35 ? ? OD1 A ASP 35 ? ? 124.66 118.30 6.36   0.90 N 
7 1 NE B ARG 18 ? ? CZ  B ARG 18 ? ? NH2 B ARG 18 ? ? 115.50 120.30 -4.80  0.50 N 
8 1 CB B TYR 20 ? ? CG  B TYR 20 ? ? CD2 B TYR 20 ? ? 117.15 121.00 -3.85  0.60 N 
# 
loop_
_pdbx_distant_solvent_atoms.id 
_pdbx_distant_solvent_atoms.PDB_model_num 
_pdbx_distant_solvent_atoms.auth_atom_id 
_pdbx_distant_solvent_atoms.label_alt_id 
_pdbx_distant_solvent_atoms.auth_asym_id 
_pdbx_distant_solvent_atoms.auth_comp_id 
_pdbx_distant_solvent_atoms.auth_seq_id 
_pdbx_distant_solvent_atoms.PDB_ins_code 
_pdbx_distant_solvent_atoms.neighbor_macromolecule_distance 
_pdbx_distant_solvent_atoms.neighbor_ligand_distance 
1 1 O ? A HOH 2010 ? 6.36 . 
2 1 O ? A HOH 2016 ? 6.01 . 
# 
loop_
_pdbx_unobs_or_zero_occ_residues.id 
_pdbx_unobs_or_zero_occ_residues.PDB_model_num 
_pdbx_unobs_or_zero_occ_residues.polymer_flag 
_pdbx_unobs_or_zero_occ_residues.occupancy_flag 
_pdbx_unobs_or_zero_occ_residues.auth_asym_id 
_pdbx_unobs_or_zero_occ_residues.auth_comp_id 
_pdbx_unobs_or_zero_occ_residues.auth_seq_id 
_pdbx_unobs_or_zero_occ_residues.PDB_ins_code 
_pdbx_unobs_or_zero_occ_residues.label_asym_id 
_pdbx_unobs_or_zero_occ_residues.label_comp_id 
_pdbx_unobs_or_zero_occ_residues.label_seq_id 
1  1 Y 1 A MET 1  ? A MET 1  
2  1 Y 1 A PRO 2  ? A PRO 2  
3  1 Y 1 A LEU 53 ? A LEU 53 
4  1 Y 1 A ASP 54 ? A ASP 54 
5  1 Y 1 A GLU 55 ? A GLU 55 
6  1 Y 1 A ARG 56 ? A ARG 56 
7  1 Y 1 A ILE 57 ? A ILE 57 
8  1 Y 1 B MET 1  ? B MET 1  
9  1 Y 1 B PRO 2  ? B PRO 2  
10 1 Y 1 B LEU 53 ? B LEU 53 
11 1 Y 1 B ASP 54 ? B ASP 54 
12 1 Y 1 B GLU 55 ? B GLU 55 
13 1 Y 1 B ARG 56 ? B ARG 56 
14 1 Y 1 B ILE 57 ? B ILE 57 
# 
loop_
_chem_comp_atom.comp_id 
_chem_comp_atom.atom_id 
_chem_comp_atom.type_symbol 
_chem_comp_atom.pdbx_aromatic_flag 
_chem_comp_atom.pdbx_stereo_config 
_chem_comp_atom.pdbx_ordinal 
ALA N    N N N 1   
ALA CA   C N S 2   
ALA C    C N N 3   
ALA O    O N N 4   
ALA CB   C N N 5   
ALA OXT  O N N 6   
ALA H    H N N 7   
ALA H2   H N N 8   
ALA HA   H N N 9   
ALA HB1  H N N 10  
ALA HB2  H N N 11  
ALA HB3  H N N 12  
ALA HXT  H N N 13  
ARG N    N N N 14  
ARG CA   C N S 15  
ARG C    C N N 16  
ARG O    O N N 17  
ARG CB   C N N 18  
ARG CG   C N N 19  
ARG CD   C N N 20  
ARG NE   N N N 21  
ARG CZ   C N N 22  
ARG NH1  N N N 23  
ARG NH2  N N N 24  
ARG OXT  O N N 25  
ARG H    H N N 26  
ARG H2   H N N 27  
ARG HA   H N N 28  
ARG HB2  H N N 29  
ARG HB3  H N N 30  
ARG HG2  H N N 31  
ARG HG3  H N N 32  
ARG HD2  H N N 33  
ARG HD3  H N N 34  
ARG HE   H N N 35  
ARG HH11 H N N 36  
ARG HH12 H N N 37  
ARG HH21 H N N 38  
ARG HH22 H N N 39  
ARG HXT  H N N 40  
ASN N    N N N 41  
ASN CA   C N S 42  
ASN C    C N N 43  
ASN O    O N N 44  
ASN CB   C N N 45  
ASN CG   C N N 46  
ASN OD1  O N N 47  
ASN ND2  N N N 48  
ASN OXT  O N N 49  
ASN H    H N N 50  
ASN H2   H N N 51  
ASN HA   H N N 52  
ASN HB2  H N N 53  
ASN HB3  H N N 54  
ASN HD21 H N N 55  
ASN HD22 H N N 56  
ASN HXT  H N N 57  
ASP N    N N N 58  
ASP CA   C N S 59  
ASP C    C N N 60  
ASP O    O N N 61  
ASP CB   C N N 62  
ASP CG   C N N 63  
ASP OD1  O N N 64  
ASP OD2  O N N 65  
ASP OXT  O N N 66  
ASP H    H N N 67  
ASP H2   H N N 68  
ASP HA   H N N 69  
ASP HB2  H N N 70  
ASP HB3  H N N 71  
ASP HD2  H N N 72  
ASP HXT  H N N 73  
GLN N    N N N 74  
GLN CA   C N S 75  
GLN C    C N N 76  
GLN O    O N N 77  
GLN CB   C N N 78  
GLN CG   C N N 79  
GLN CD   C N N 80  
GLN OE1  O N N 81  
GLN NE2  N N N 82  
GLN OXT  O N N 83  
GLN H    H N N 84  
GLN H2   H N N 85  
GLN HA   H N N 86  
GLN HB2  H N N 87  
GLN HB3  H N N 88  
GLN HG2  H N N 89  
GLN HG3  H N N 90  
GLN HE21 H N N 91  
GLN HE22 H N N 92  
GLN HXT  H N N 93  
GLU N    N N N 94  
GLU CA   C N S 95  
GLU C    C N N 96  
GLU O    O N N 97  
GLU CB   C N N 98  
GLU CG   C N N 99  
GLU CD   C N N 100 
GLU OE1  O N N 101 
GLU OE2  O N N 102 
GLU OXT  O N N 103 
GLU H    H N N 104 
GLU H2   H N N 105 
GLU HA   H N N 106 
GLU HB2  H N N 107 
GLU HB3  H N N 108 
GLU HG2  H N N 109 
GLU HG3  H N N 110 
GLU HE2  H N N 111 
GLU HXT  H N N 112 
GLY N    N N N 113 
GLY CA   C N N 114 
GLY C    C N N 115 
GLY O    O N N 116 
GLY OXT  O N N 117 
GLY H    H N N 118 
GLY H2   H N N 119 
GLY HA2  H N N 120 
GLY HA3  H N N 121 
GLY HXT  H N N 122 
HIS N    N N N 123 
HIS CA   C N S 124 
HIS C    C N N 125 
HIS O    O N N 126 
HIS CB   C N N 127 
HIS CG   C Y N 128 
HIS ND1  N Y N 129 
HIS CD2  C Y N 130 
HIS CE1  C Y N 131 
HIS NE2  N Y N 132 
HIS OXT  O N N 133 
HIS H    H N N 134 
HIS H2   H N N 135 
HIS HA   H N N 136 
HIS HB2  H N N 137 
HIS HB3  H N N 138 
HIS HD1  H N N 139 
HIS HD2  H N N 140 
HIS HE1  H N N 141 
HIS HE2  H N N 142 
HIS HXT  H N N 143 
HOH O    O N N 144 
HOH H1   H N N 145 
HOH H2   H N N 146 
ILE N    N N N 147 
ILE CA   C N S 148 
ILE C    C N N 149 
ILE O    O N N 150 
ILE CB   C N S 151 
ILE CG1  C N N 152 
ILE CG2  C N N 153 
ILE CD1  C N N 154 
ILE OXT  O N N 155 
ILE H    H N N 156 
ILE H2   H N N 157 
ILE HA   H N N 158 
ILE HB   H N N 159 
ILE HG12 H N N 160 
ILE HG13 H N N 161 
ILE HG21 H N N 162 
ILE HG22 H N N 163 
ILE HG23 H N N 164 
ILE HD11 H N N 165 
ILE HD12 H N N 166 
ILE HD13 H N N 167 
ILE HXT  H N N 168 
LEU N    N N N 169 
LEU CA   C N S 170 
LEU C    C N N 171 
LEU O    O N N 172 
LEU CB   C N N 173 
LEU CG   C N N 174 
LEU CD1  C N N 175 
LEU CD2  C N N 176 
LEU OXT  O N N 177 
LEU H    H N N 178 
LEU H2   H N N 179 
LEU HA   H N N 180 
LEU HB2  H N N 181 
LEU HB3  H N N 182 
LEU HG   H N N 183 
LEU HD11 H N N 184 
LEU HD12 H N N 185 
LEU HD13 H N N 186 
LEU HD21 H N N 187 
LEU HD22 H N N 188 
LEU HD23 H N N 189 
LEU HXT  H N N 190 
LYS N    N N N 191 
LYS CA   C N S 192 
LYS C    C N N 193 
LYS O    O N N 194 
LYS CB   C N N 195 
LYS CG   C N N 196 
LYS CD   C N N 197 
LYS CE   C N N 198 
LYS NZ   N N N 199 
LYS OXT  O N N 200 
LYS H    H N N 201 
LYS H2   H N N 202 
LYS HA   H N N 203 
LYS HB2  H N N 204 
LYS HB3  H N N 205 
LYS HG2  H N N 206 
LYS HG3  H N N 207 
LYS HD2  H N N 208 
LYS HD3  H N N 209 
LYS HE2  H N N 210 
LYS HE3  H N N 211 
LYS HZ1  H N N 212 
LYS HZ2  H N N 213 
LYS HZ3  H N N 214 
LYS HXT  H N N 215 
MET N    N N N 216 
MET CA   C N S 217 
MET C    C N N 218 
MET O    O N N 219 
MET CB   C N N 220 
MET CG   C N N 221 
MET SD   S N N 222 
MET CE   C N N 223 
MET OXT  O N N 224 
MET H    H N N 225 
MET H2   H N N 226 
MET HA   H N N 227 
MET HB2  H N N 228 
MET HB3  H N N 229 
MET HG2  H N N 230 
MET HG3  H N N 231 
MET HE1  H N N 232 
MET HE2  H N N 233 
MET HE3  H N N 234 
MET HXT  H N N 235 
PHE N    N N N 236 
PHE CA   C N S 237 
PHE C    C N N 238 
PHE O    O N N 239 
PHE CB   C N N 240 
PHE CG   C Y N 241 
PHE CD1  C Y N 242 
PHE CD2  C Y N 243 
PHE CE1  C Y N 244 
PHE CE2  C Y N 245 
PHE CZ   C Y N 246 
PHE OXT  O N N 247 
PHE H    H N N 248 
PHE H2   H N N 249 
PHE HA   H N N 250 
PHE HB2  H N N 251 
PHE HB3  H N N 252 
PHE HD1  H N N 253 
PHE HD2  H N N 254 
PHE HE1  H N N 255 
PHE HE2  H N N 256 
PHE HZ   H N N 257 
PHE HXT  H N N 258 
PRO N    N N N 259 
PRO CA   C N S 260 
PRO C    C N N 261 
PRO O    O N N 262 
PRO CB   C N N 263 
PRO CG   C N N 264 
PRO CD   C N N 265 
PRO OXT  O N N 266 
PRO H    H N N 267 
PRO HA   H N N 268 
PRO HB2  H N N 269 
PRO HB3  H N N 270 
PRO HG2  H N N 271 
PRO HG3  H N N 272 
PRO HD2  H N N 273 
PRO HD3  H N N 274 
PRO HXT  H N N 275 
SER N    N N N 276 
SER CA   C N S 277 
SER C    C N N 278 
SER O    O N N 279 
SER CB   C N N 280 
SER OG   O N N 281 
SER OXT  O N N 282 
SER H    H N N 283 
SER H2   H N N 284 
SER HA   H N N 285 
SER HB2  H N N 286 
SER HB3  H N N 287 
SER HG   H N N 288 
SER HXT  H N N 289 
THR N    N N N 290 
THR CA   C N S 291 
THR C    C N N 292 
THR O    O N N 293 
THR CB   C N R 294 
THR OG1  O N N 295 
THR CG2  C N N 296 
THR OXT  O N N 297 
THR H    H N N 298 
THR H2   H N N 299 
THR HA   H N N 300 
THR HB   H N N 301 
THR HG1  H N N 302 
THR HG21 H N N 303 
THR HG22 H N N 304 
THR HG23 H N N 305 
THR HXT  H N N 306 
TYR N    N N N 307 
TYR CA   C N S 308 
TYR C    C N N 309 
TYR O    O N N 310 
TYR CB   C N N 311 
TYR CG   C Y N 312 
TYR CD1  C Y N 313 
TYR CD2  C Y N 314 
TYR CE1  C Y N 315 
TYR CE2  C Y N 316 
TYR CZ   C Y N 317 
TYR OH   O N N 318 
TYR OXT  O N N 319 
TYR H    H N N 320 
TYR H2   H N N 321 
TYR HA   H N N 322 
TYR HB2  H N N 323 
TYR HB3  H N N 324 
TYR HD1  H N N 325 
TYR HD2  H N N 326 
TYR HE1  H N N 327 
TYR HE2  H N N 328 
TYR HH   H N N 329 
TYR HXT  H N N 330 
VAL N    N N N 331 
VAL CA   C N S 332 
VAL C    C N N 333 
VAL O    O N N 334 
VAL CB   C N N 335 
VAL CG1  C N N 336 
VAL CG2  C N N 337 
VAL OXT  O N N 338 
VAL H    H N N 339 
VAL H2   H N N 340 
VAL HA   H N N 341 
VAL HB   H N N 342 
VAL HG11 H N N 343 
VAL HG12 H N N 344 
VAL HG13 H N N 345 
VAL HG21 H N N 346 
VAL HG22 H N N 347 
VAL HG23 H N N 348 
VAL HXT  H N N 349 
# 
loop_
_chem_comp_bond.comp_id 
_chem_comp_bond.atom_id_1 
_chem_comp_bond.atom_id_2 
_chem_comp_bond.value_order 
_chem_comp_bond.pdbx_aromatic_flag 
_chem_comp_bond.pdbx_stereo_config 
_chem_comp_bond.pdbx_ordinal 
ALA N   CA   sing N N 1   
ALA N   H    sing N N 2   
ALA N   H2   sing N N 3   
ALA CA  C    sing N N 4   
ALA CA  CB   sing N N 5   
ALA CA  HA   sing N N 6   
ALA C   O    doub N N 7   
ALA C   OXT  sing N N 8   
ALA CB  HB1  sing N N 9   
ALA CB  HB2  sing N N 10  
ALA CB  HB3  sing N N 11  
ALA OXT HXT  sing N N 12  
ARG N   CA   sing N N 13  
ARG N   H    sing N N 14  
ARG N   H2   sing N N 15  
ARG CA  C    sing N N 16  
ARG CA  CB   sing N N 17  
ARG CA  HA   sing N N 18  
ARG C   O    doub N N 19  
ARG C   OXT  sing N N 20  
ARG CB  CG   sing N N 21  
ARG CB  HB2  sing N N 22  
ARG CB  HB3  sing N N 23  
ARG CG  CD   sing N N 24  
ARG CG  HG2  sing N N 25  
ARG CG  HG3  sing N N 26  
ARG CD  NE   sing N N 27  
ARG CD  HD2  sing N N 28  
ARG CD  HD3  sing N N 29  
ARG NE  CZ   sing N N 30  
ARG NE  HE   sing N N 31  
ARG CZ  NH1  sing N N 32  
ARG CZ  NH2  doub N N 33  
ARG NH1 HH11 sing N N 34  
ARG NH1 HH12 sing N N 35  
ARG NH2 HH21 sing N N 36  
ARG NH2 HH22 sing N N 37  
ARG OXT HXT  sing N N 38  
ASN N   CA   sing N N 39  
ASN N   H    sing N N 40  
ASN N   H2   sing N N 41  
ASN CA  C    sing N N 42  
ASN CA  CB   sing N N 43  
ASN CA  HA   sing N N 44  
ASN C   O    doub N N 45  
ASN C   OXT  sing N N 46  
ASN CB  CG   sing N N 47  
ASN CB  HB2  sing N N 48  
ASN CB  HB3  sing N N 49  
ASN CG  OD1  doub N N 50  
ASN CG  ND2  sing N N 51  
ASN ND2 HD21 sing N N 52  
ASN ND2 HD22 sing N N 53  
ASN OXT HXT  sing N N 54  
ASP N   CA   sing N N 55  
ASP N   H    sing N N 56  
ASP N   H2   sing N N 57  
ASP CA  C    sing N N 58  
ASP CA  CB   sing N N 59  
ASP CA  HA   sing N N 60  
ASP C   O    doub N N 61  
ASP C   OXT  sing N N 62  
ASP CB  CG   sing N N 63  
ASP CB  HB2  sing N N 64  
ASP CB  HB3  sing N N 65  
ASP CG  OD1  doub N N 66  
ASP CG  OD2  sing N N 67  
ASP OD2 HD2  sing N N 68  
ASP OXT HXT  sing N N 69  
GLN N   CA   sing N N 70  
GLN N   H    sing N N 71  
GLN N   H2   sing N N 72  
GLN CA  C    sing N N 73  
GLN CA  CB   sing N N 74  
GLN CA  HA   sing N N 75  
GLN C   O    doub N N 76  
GLN C   OXT  sing N N 77  
GLN CB  CG   sing N N 78  
GLN CB  HB2  sing N N 79  
GLN CB  HB3  sing N N 80  
GLN CG  CD   sing N N 81  
GLN CG  HG2  sing N N 82  
GLN CG  HG3  sing N N 83  
GLN CD  OE1  doub N N 84  
GLN CD  NE2  sing N N 85  
GLN NE2 HE21 sing N N 86  
GLN NE2 HE22 sing N N 87  
GLN OXT HXT  sing N N 88  
GLU N   CA   sing N N 89  
GLU N   H    sing N N 90  
GLU N   H2   sing N N 91  
GLU CA  C    sing N N 92  
GLU CA  CB   sing N N 93  
GLU CA  HA   sing N N 94  
GLU C   O    doub N N 95  
GLU C   OXT  sing N N 96  
GLU CB  CG   sing N N 97  
GLU CB  HB2  sing N N 98  
GLU CB  HB3  sing N N 99  
GLU CG  CD   sing N N 100 
GLU CG  HG2  sing N N 101 
GLU CG  HG3  sing N N 102 
GLU CD  OE1  doub N N 103 
GLU CD  OE2  sing N N 104 
GLU OE2 HE2  sing N N 105 
GLU OXT HXT  sing N N 106 
GLY N   CA   sing N N 107 
GLY N   H    sing N N 108 
GLY N   H2   sing N N 109 
GLY CA  C    sing N N 110 
GLY CA  HA2  sing N N 111 
GLY CA  HA3  sing N N 112 
GLY C   O    doub N N 113 
GLY C   OXT  sing N N 114 
GLY OXT HXT  sing N N 115 
HIS N   CA   sing N N 116 
HIS N   H    sing N N 117 
HIS N   H2   sing N N 118 
HIS CA  C    sing N N 119 
HIS CA  CB   sing N N 120 
HIS CA  HA   sing N N 121 
HIS C   O    doub N N 122 
HIS C   OXT  sing N N 123 
HIS CB  CG   sing N N 124 
HIS CB  HB2  sing N N 125 
HIS CB  HB3  sing N N 126 
HIS CG  ND1  sing Y N 127 
HIS CG  CD2  doub Y N 128 
HIS ND1 CE1  doub Y N 129 
HIS ND1 HD1  sing N N 130 
HIS CD2 NE2  sing Y N 131 
HIS CD2 HD2  sing N N 132 
HIS CE1 NE2  sing Y N 133 
HIS CE1 HE1  sing N N 134 
HIS NE2 HE2  sing N N 135 
HIS OXT HXT  sing N N 136 
HOH O   H1   sing N N 137 
HOH O   H2   sing N N 138 
ILE N   CA   sing N N 139 
ILE N   H    sing N N 140 
ILE N   H2   sing N N 141 
ILE CA  C    sing N N 142 
ILE CA  CB   sing N N 143 
ILE CA  HA   sing N N 144 
ILE C   O    doub N N 145 
ILE C   OXT  sing N N 146 
ILE CB  CG1  sing N N 147 
ILE CB  CG2  sing N N 148 
ILE CB  HB   sing N N 149 
ILE CG1 CD1  sing N N 150 
ILE CG1 HG12 sing N N 151 
ILE CG1 HG13 sing N N 152 
ILE CG2 HG21 sing N N 153 
ILE CG2 HG22 sing N N 154 
ILE CG2 HG23 sing N N 155 
ILE CD1 HD11 sing N N 156 
ILE CD1 HD12 sing N N 157 
ILE CD1 HD13 sing N N 158 
ILE OXT HXT  sing N N 159 
LEU N   CA   sing N N 160 
LEU N   H    sing N N 161 
LEU N   H2   sing N N 162 
LEU CA  C    sing N N 163 
LEU CA  CB   sing N N 164 
LEU CA  HA   sing N N 165 
LEU C   O    doub N N 166 
LEU C   OXT  sing N N 167 
LEU CB  CG   sing N N 168 
LEU CB  HB2  sing N N 169 
LEU CB  HB3  sing N N 170 
LEU CG  CD1  sing N N 171 
LEU CG  CD2  sing N N 172 
LEU CG  HG   sing N N 173 
LEU CD1 HD11 sing N N 174 
LEU CD1 HD12 sing N N 175 
LEU CD1 HD13 sing N N 176 
LEU CD2 HD21 sing N N 177 
LEU CD2 HD22 sing N N 178 
LEU CD2 HD23 sing N N 179 
LEU OXT HXT  sing N N 180 
LYS N   CA   sing N N 181 
LYS N   H    sing N N 182 
LYS N   H2   sing N N 183 
LYS CA  C    sing N N 184 
LYS CA  CB   sing N N 185 
LYS CA  HA   sing N N 186 
LYS C   O    doub N N 187 
LYS C   OXT  sing N N 188 
LYS CB  CG   sing N N 189 
LYS CB  HB2  sing N N 190 
LYS CB  HB3  sing N N 191 
LYS CG  CD   sing N N 192 
LYS CG  HG2  sing N N 193 
LYS CG  HG3  sing N N 194 
LYS CD  CE   sing N N 195 
LYS CD  HD2  sing N N 196 
LYS CD  HD3  sing N N 197 
LYS CE  NZ   sing N N 198 
LYS CE  HE2  sing N N 199 
LYS CE  HE3  sing N N 200 
LYS NZ  HZ1  sing N N 201 
LYS NZ  HZ2  sing N N 202 
LYS NZ  HZ3  sing N N 203 
LYS OXT HXT  sing N N 204 
MET N   CA   sing N N 205 
MET N   H    sing N N 206 
MET N   H2   sing N N 207 
MET CA  C    sing N N 208 
MET CA  CB   sing N N 209 
MET CA  HA   sing N N 210 
MET C   O    doub N N 211 
MET C   OXT  sing N N 212 
MET CB  CG   sing N N 213 
MET CB  HB2  sing N N 214 
MET CB  HB3  sing N N 215 
MET CG  SD   sing N N 216 
MET CG  HG2  sing N N 217 
MET CG  HG3  sing N N 218 
MET SD  CE   sing N N 219 
MET CE  HE1  sing N N 220 
MET CE  HE2  sing N N 221 
MET CE  HE3  sing N N 222 
MET OXT HXT  sing N N 223 
PHE N   CA   sing N N 224 
PHE N   H    sing N N 225 
PHE N   H2   sing N N 226 
PHE CA  C    sing N N 227 
PHE CA  CB   sing N N 228 
PHE CA  HA   sing N N 229 
PHE C   O    doub N N 230 
PHE C   OXT  sing N N 231 
PHE CB  CG   sing N N 232 
PHE CB  HB2  sing N N 233 
PHE CB  HB3  sing N N 234 
PHE CG  CD1  doub Y N 235 
PHE CG  CD2  sing Y N 236 
PHE CD1 CE1  sing Y N 237 
PHE CD1 HD1  sing N N 238 
PHE CD2 CE2  doub Y N 239 
PHE CD2 HD2  sing N N 240 
PHE CE1 CZ   doub Y N 241 
PHE CE1 HE1  sing N N 242 
PHE CE2 CZ   sing Y N 243 
PHE CE2 HE2  sing N N 244 
PHE CZ  HZ   sing N N 245 
PHE OXT HXT  sing N N 246 
PRO N   CA   sing N N 247 
PRO N   CD   sing N N 248 
PRO N   H    sing N N 249 
PRO CA  C    sing N N 250 
PRO CA  CB   sing N N 251 
PRO CA  HA   sing N N 252 
PRO C   O    doub N N 253 
PRO C   OXT  sing N N 254 
PRO CB  CG   sing N N 255 
PRO CB  HB2  sing N N 256 
PRO CB  HB3  sing N N 257 
PRO CG  CD   sing N N 258 
PRO CG  HG2  sing N N 259 
PRO CG  HG3  sing N N 260 
PRO CD  HD2  sing N N 261 
PRO CD  HD3  sing N N 262 
PRO OXT HXT  sing N N 263 
SER N   CA   sing N N 264 
SER N   H    sing N N 265 
SER N   H2   sing N N 266 
SER CA  C    sing N N 267 
SER CA  CB   sing N N 268 
SER CA  HA   sing N N 269 
SER C   O    doub N N 270 
SER C   OXT  sing N N 271 
SER CB  OG   sing N N 272 
SER CB  HB2  sing N N 273 
SER CB  HB3  sing N N 274 
SER OG  HG   sing N N 275 
SER OXT HXT  sing N N 276 
THR N   CA   sing N N 277 
THR N   H    sing N N 278 
THR N   H2   sing N N 279 
THR CA  C    sing N N 280 
THR CA  CB   sing N N 281 
THR CA  HA   sing N N 282 
THR C   O    doub N N 283 
THR C   OXT  sing N N 284 
THR CB  OG1  sing N N 285 
THR CB  CG2  sing N N 286 
THR CB  HB   sing N N 287 
THR OG1 HG1  sing N N 288 
THR CG2 HG21 sing N N 289 
THR CG2 HG22 sing N N 290 
THR CG2 HG23 sing N N 291 
THR OXT HXT  sing N N 292 
TYR N   CA   sing N N 293 
TYR N   H    sing N N 294 
TYR N   H2   sing N N 295 
TYR CA  C    sing N N 296 
TYR CA  CB   sing N N 297 
TYR CA  HA   sing N N 298 
TYR C   O    doub N N 299 
TYR C   OXT  sing N N 300 
TYR CB  CG   sing N N 301 
TYR CB  HB2  sing N N 302 
TYR CB  HB3  sing N N 303 
TYR CG  CD1  doub Y N 304 
TYR CG  CD2  sing Y N 305 
TYR CD1 CE1  sing Y N 306 
TYR CD1 HD1  sing N N 307 
TYR CD2 CE2  doub Y N 308 
TYR CD2 HD2  sing N N 309 
TYR CE1 CZ   doub Y N 310 
TYR CE1 HE1  sing N N 311 
TYR CE2 CZ   sing Y N 312 
TYR CE2 HE2  sing N N 313 
TYR CZ  OH   sing N N 314 
TYR OH  HH   sing N N 315 
TYR OXT HXT  sing N N 316 
VAL N   CA   sing N N 317 
VAL N   H    sing N N 318 
VAL N   H2   sing N N 319 
VAL CA  C    sing N N 320 
VAL CA  CB   sing N N 321 
VAL CA  HA   sing N N 322 
VAL C   O    doub N N 323 
VAL C   OXT  sing N N 324 
VAL CB  CG1  sing N N 325 
VAL CB  CG2  sing N N 326 
VAL CB  HB   sing N N 327 
VAL CG1 HG11 sing N N 328 
VAL CG1 HG12 sing N N 329 
VAL CG1 HG13 sing N N 330 
VAL CG2 HG21 sing N N 331 
VAL CG2 HG22 sing N N 332 
VAL CG2 HG23 sing N N 333 
VAL OXT HXT  sing N N 334 
# 
_atom_sites.entry_id                    2WUJ 
_atom_sites.fract_transf_matrix[1][1]   -0.01706701 
_atom_sites.fract_transf_matrix[1][2]   -0.02983735 
_atom_sites.fract_transf_matrix[1][3]   0.00047770 
_atom_sites.fract_transf_matrix[2][1]   0.01262665 
_atom_sites.fract_transf_matrix[2][2]   -0.00765034 
_atom_sites.fract_transf_matrix[2][3]   -0.02672533 
_atom_sites.fract_transf_matrix[3][1]   0.00567296 
_atom_sites.fract_transf_matrix[3][2]   -0.00318742 
_atom_sites.fract_transf_matrix[3][3]   0.00359267 
_atom_sites.fract_transf_vector[1]      -0.041685 
_atom_sites.fract_transf_vector[2]      0.485559 
_atom_sites.fract_transf_vector[3]      0.151783 
# 
loop_
_atom_type.symbol 
C 
N 
O 
# 
loop_
_atom_site.group_PDB 
_atom_site.id 
_atom_site.type_symbol 
_atom_site.label_atom_id 
_atom_site.label_alt_id 
_atom_site.label_comp_id 
_atom_site.label_asym_id 
_atom_site.label_entity_id 
_atom_site.label_seq_id 
_atom_site.pdbx_PDB_ins_code 
_atom_site.Cartn_x 
_atom_site.Cartn_y 
_atom_site.Cartn_z 
_atom_site.occupancy 
_atom_site.B_iso_or_equiv 
_atom_site.pdbx_formal_charge 
_atom_site.auth_seq_id 
_atom_site.auth_comp_id 
_atom_site.auth_asym_id 
_atom_site.auth_atom_id 
_atom_site.pdbx_PDB_model_num 
ATOM   1    N N   . LEU A 1 3  ? -8.815  0.691   -2.485  1.00 31.29 ? 3    LEU A N   1 
ATOM   2    C CA  . LEU A 1 3  ? -8.473  -0.277  -1.377  1.00 29.29 ? 3    LEU A CA  1 
ATOM   3    C C   . LEU A 1 3  ? -8.557  0.513   -0.131  1.00 29.78 ? 3    LEU A C   1 
ATOM   4    O O   . LEU A 1 3  ? -8.371  1.773   -0.151  1.00 29.37 ? 3    LEU A O   1 
ATOM   5    C CB  . LEU A 1 3  ? -7.075  -0.881  -1.521  1.00 30.09 ? 3    LEU A CB  1 
ATOM   6    C CG  . LEU A 1 3  ? -6.997  -1.954  -2.601  1.00 31.59 ? 3    LEU A CG  1 
ATOM   7    C CD1 . LEU A 1 3  ? -5.578  -2.333  -3.002  1.00 35.14 ? 3    LEU A CD1 1 
ATOM   8    C CD2 . LEU A 1 3  ? -7.752  -3.226  -2.233  1.00 34.96 ? 3    LEU A CD2 1 
ATOM   9    N N   . THR A 1 4  ? -8.847  -0.202  0.963   1.00 26.84 ? 4    THR A N   1 
ATOM   10   C CA  . THR A 1 4  ? -8.862  0.330   2.312   1.00 25.84 ? 4    THR A CA  1 
ATOM   11   C C   . THR A 1 4  ? -7.692  -0.391  3.085   1.00 24.17 ? 4    THR A C   1 
ATOM   12   O O   . THR A 1 4  ? -7.200  -1.474  2.628   1.00 22.74 ? 4    THR A O   1 
ATOM   13   C CB  . THR A 1 4  ? -10.138 0.073   3.014   1.00 29.27 ? 4    THR A CB  1 
ATOM   14   O OG1 . THR A 1 4  ? -10.225 -1.340  3.232   1.00 28.57 ? 4    THR A OG1 1 
ATOM   15   C CG2 . THR A 1 4  ? -11.329 0.583   2.061   1.00 30.47 ? 4    THR A CG2 1 
ATOM   16   N N   . PRO A 1 5  ? -7.263  0.209   4.201   1.00 24.77 ? 5    PRO A N   1 
ATOM   17   C CA  . PRO A 1 5  ? -6.265  -0.449  5.012   1.00 23.82 ? 5    PRO A CA  1 
ATOM   18   C C   . PRO A 1 5  ? -6.733  -1.836  5.437   1.00 24.96 ? 5    PRO A C   1 
ATOM   19   O O   . PRO A 1 5  ? -5.861  -2.749  5.555   1.00 20.22 ? 5    PRO A O   1 
ATOM   20   C CB  . PRO A 1 5  ? -6.119  0.468   6.247   1.00 25.79 ? 5    PRO A CB  1 
ATOM   21   C CG  . PRO A 1 5  ? -6.451  1.876   5.625   1.00 24.83 ? 5    PRO A CG  1 
ATOM   22   C CD  . PRO A 1 5  ? -7.471  1.638   4.581   1.00 26.27 ? 5    PRO A CD  1 
ATOM   23   N N   . ASN A 1 6  ? -8.034  -2.020  5.649   1.00 23.26 ? 6    ASN A N   1 
ATOM   24   C CA  . ASN A 1 6  ? -8.537  -3.371  6.025   1.00 25.35 ? 6    ASN A CA  1 
ATOM   25   C C   . ASN A 1 6  ? -8.335  -4.357  4.932   1.00 21.79 ? 6    ASN A C   1 
ATOM   26   O O   . ASN A 1 6  ? -8.093  -5.539  5.219   1.00 23.01 ? 6    ASN A O   1 
ATOM   27   C CB  . ASN A 1 6  ? -10.052 -3.388  6.321   1.00 28.05 ? 6    ASN A CB  1 
ATOM   28   C CG  . ASN A 1 6  ? -10.390 -2.797  7.678   1.00 34.75 ? 6    ASN A CG  1 
ATOM   29   O OD1 . ASN A 1 6  ? -11.563 -2.494  7.940   1.00 39.75 ? 6    ASN A OD1 1 
ATOM   30   N ND2 . ASN A 1 6  ? -9.377  -2.649  8.564   1.00 38.49 ? 6    ASN A ND2 1 
ATOM   31   N N   . ASP A 1 7  ? -8.406  -3.910  3.690   1.00 22.34 ? 7    ASP A N   1 
ATOM   32   C CA  . ASP A 1 7  ? -8.133  -4.829  2.578   1.00 22.36 ? 7    ASP A CA  1 
ATOM   33   C C   . ASP A 1 7  ? -6.672  -5.319  2.522   1.00 20.56 ? 7    ASP A C   1 
ATOM   34   O O   . ASP A 1 7  ? -6.372  -6.434  2.130   1.00 22.00 ? 7    ASP A O   1 
ATOM   35   C CB  . ASP A 1 7  ? -8.387  -4.145  1.236   1.00 24.13 ? 7    ASP A CB  1 
ATOM   36   C CG  . ASP A 1 7  ? -9.852  -3.804  1.005   1.00 29.03 ? 7    ASP A CG  1 
ATOM   37   O OD1 . ASP A 1 7  ? -10.748 -4.618  1.425   1.00 32.11 ? 7    ASP A OD1 1 
ATOM   38   O OD2 . ASP A 1 7  ? -10.137 -2.758  0.386   1.00 30.91 ? 7    ASP A OD2 1 
ATOM   39   N N   . ILE A 1 8  ? -5.747  -4.475  2.982   1.00 18.51 ? 8    ILE A N   1 
ATOM   40   C CA  . ILE A 1 8  ? -4.337  -4.845  3.039   1.00 18.20 ? 8    ILE A CA  1 
ATOM   41   C C   . ILE A 1 8  ? -4.022  -5.688  4.217   1.00 17.94 ? 8    ILE A C   1 
ATOM   42   O O   . ILE A 1 8  ? -3.162  -6.559  4.151   1.00 20.67 ? 8    ILE A O   1 
ATOM   43   C CB  . ILE A 1 8  ? -3.519  -3.542  2.995   1.00 17.53 ? 8    ILE A CB  1 
ATOM   44   C CG1 . ILE A 1 8  ? -3.859  -2.715  1.771   1.00 18.89 ? 8    ILE A CG1 1 
ATOM   45   C CG2 . ILE A 1 8  ? -2.021  -3.799  3.077   1.00 17.92 ? 8    ILE A CG2 1 
ATOM   46   C CD1 . ILE A 1 8  ? -3.458  -1.209  1.849   1.00 22.85 ? 8    ILE A CD1 1 
ATOM   47   N N   . HIS A 1 9  ? -4.698  -5.466  5.370   1.00 17.34 ? 9    HIS A N   1 
ATOM   48   C CA  . HIS A 1 9  ? -4.424  -6.150  6.646   1.00 18.73 ? 9    HIS A CA  1 
ATOM   49   C C   . HIS A 1 9  ? -4.640  -7.653  6.563   1.00 16.11 ? 9    HIS A C   1 
ATOM   50   O O   . HIS A 1 9  ? -5.678  -8.113  6.185   1.00 19.48 ? 9    HIS A O   1 
ATOM   51   C CB  . HIS A 1 9  ? -5.321  -5.556  7.757   1.00 22.68 ? 9    HIS A CB  1 
ATOM   52   C CG  . HIS A 1 9  ? -4.984  -6.056  9.130   1.00 23.61 ? 9    HIS A CG  1 
ATOM   53   N ND1 . HIS A 1 9  ? -5.800  -6.930  9.821   1.00 33.33 ? 9    HIS A ND1 1 
ATOM   54   C CD2 . HIS A 1 9  ? -3.855  -5.955  9.860   1.00 26.87 ? 9    HIS A CD2 1 
ATOM   55   C CE1 . HIS A 1 9  ? -5.227  -7.260  10.969  1.00 28.35 ? 9    HIS A CE1 1 
ATOM   56   N NE2 . HIS A 1 9  ? -4.081  -6.622  11.063  1.00 27.86 ? 9    HIS A NE2 1 
ATOM   57   N N   . ASN A 1 10 ? -3.548  -8.337  6.955   1.00 18.84 ? 10   ASN A N   1 
ATOM   58   C CA  . ASN A 1 10 ? -3.571  -9.789  6.924   1.00 20.05 ? 10   ASN A CA  1 
ATOM   59   C C   . ASN A 1 10 ? -3.975  -10.430 5.563   1.00 20.06 ? 10   ASN A C   1 
ATOM   60   O O   . ASN A 1 10 ? -4.610  -11.459 5.496   1.00 20.39 ? 10   ASN A O   1 
ATOM   61   C CB  . ASN A 1 10 ? -4.485  -10.315 8.049   1.00 20.56 ? 10   ASN A CB  1 
ATOM   62   C CG  . ASN A 1 10 ? -3.834  -10.167 9.422   1.00 21.34 ? 10   ASN A CG  1 
ATOM   63   O OD1 . ASN A 1 10 ? -2.822  -9.562  9.588   1.00 25.95 ? 10   ASN A OD1 1 
ATOM   64   N ND2 . ASN A 1 10 ? -4.402  -10.805 10.344  1.00 26.49 ? 10   ASN A ND2 1 
ATOM   65   N N   . LYS A 1 11 ? -3.616  -9.734  4.480   1.00 19.23 ? 11   LYS A N   1 
ATOM   66   C CA  . LYS A 1 11 ? -3.925  -10.186 3.123   1.00 18.75 ? 11   LYS A CA  1 
ATOM   67   C C   . LYS A 1 11 ? -3.056  -11.383 2.865   1.00 19.22 ? 11   LYS A C   1 
ATOM   68   O O   . LYS A 1 11 ? -1.855  -11.347 3.169   1.00 19.92 ? 11   LYS A O   1 
ATOM   69   C CB  . LYS A 1 11 ? -3.509  -9.098  2.149   1.00 18.82 ? 11   LYS A CB  1 
ATOM   70   C CG  . LYS A 1 11 ? -3.598  -9.493  0.637   1.00 19.75 ? 11   LYS A CG  1 
ATOM   71   C CD  . LYS A 1 11 ? -5.018  -9.533  0.176   1.00 26.09 ? 11   LYS A CD  1 
ATOM   72   C CE  . LYS A 1 11 ? -5.212  -10.019 -1.240  1.00 24.59 ? 11   LYS A CE  1 
ATOM   73   N NZ  . LYS A 1 11 ? -6.580  -9.763  -1.580  1.00 30.63 ? 11   LYS A NZ  1 
ATOM   74   N N   . THR A 1 12 ? -3.624  -12.396 2.309   1.00 16.76 ? 12   THR A N   1 
ATOM   75   C CA  . THR A 1 12 ? -2.840  -13.616 1.880   1.00 17.73 ? 12   THR A CA  1 
ATOM   76   C C   . THR A 1 12 ? -3.089  -13.939 0.420   1.00 16.84 ? 12   THR A C   1 
ATOM   77   O O   . THR A 1 12 ? -3.859  -13.278 -0.284  1.00 17.39 ? 12   THR A O   1 
ATOM   78   C CB  . THR A 1 12 ? -3.100  -14.784 2.733   1.00 18.36 ? 12   THR A CB  1 
ATOM   79   O OG1 . THR A 1 12 ? -4.419  -15.229 2.460   1.00 22.11 ? 12   THR A OG1 1 
ATOM   80   C CG2 . THR A 1 12 ? -3.070  -14.354 4.182   1.00 19.89 ? 12   THR A CG2 1 
ATOM   81   N N   . PHE A 1 13 ? -2.283  -14.852 -0.101  1.00 13.12 ? 13   PHE A N   1 
ATOM   82   C CA  . PHE A 1 13 ? -2.269  -15.164 -1.554  1.00 12.28 ? 13   PHE A CA  1 
ATOM   83   C C   . PHE A 1 13 ? -2.158  -16.677 -1.677  1.00 11.40 ? 13   PHE A C   1 
ATOM   84   O O   . PHE A 1 13 ? -1.717  -17.358 -0.752  1.00 13.44 ? 13   PHE A O   1 
ATOM   85   C CB  . PHE A 1 13 ? -1.050  -14.480 -2.177  1.00 12.07 ? 13   PHE A CB  1 
ATOM   86   C CG  . PHE A 1 13 ? -0.974  -13.004 -1.898  1.00 10.67 ? 13   PHE A CG  1 
ATOM   87   C CD1 . PHE A 1 13 ? -0.306  -12.570 -0.761  1.00 12.25 ? 13   PHE A CD1 1 
ATOM   88   C CD2 . PHE A 1 13 ? -1.564  -12.105 -2.757  1.00 10.77 ? 13   PHE A CD2 1 
ATOM   89   C CE1 . PHE A 1 13 ? -0.256  -11.162 -0.548  1.00 13.02 ? 13   PHE A CE1 1 
ATOM   90   C CE2 . PHE A 1 13 ? -1.524  -10.770 -2.552  1.00 13.01 ? 13   PHE A CE2 1 
ATOM   91   C CZ  . PHE A 1 13 ? -0.852  -10.283 -1.418  1.00 12.20 ? 13   PHE A CZ  1 
ATOM   92   N N   . THR A 1 14 ? -2.407  -17.185 -2.896  1.00 12.35 ? 14   THR A N   1 
ATOM   93   C CA  . THR A 1 14 ? -2.334  -18.606 -3.142  1.00 12.14 ? 14   THR A CA  1 
ATOM   94   C C   . THR A 1 14 ? -0.946  -19.135 -2.861  1.00 10.72 ? 14   THR A C   1 
ATOM   95   O O   . THR A 1 14 ? 0.060   -18.409 -3.256  1.00 12.79 ? 14   THR A O   1 
ATOM   96   C CB  . THR A 1 14 ? -2.688  -18.791 -4.632  1.00 11.52 ? 14   THR A CB  1 
ATOM   97   O OG1 . THR A 1 14 ? -4.071  -18.399 -4.778  1.00 13.62 ? 14   THR A OG1 1 
ATOM   98   C CG2 . THR A 1 14 ? -2.590  -20.275 -5.090  1.00 13.15 ? 14   THR A CG2 1 
ATOM   99   N N   . LYS A 1 15 ? -0.784  -20.289 -2.291  1.00 10.52 ? 15   LYS A N   1 
ATOM   100  C CA  . LYS A 1 15 ? 0.506   -20.901 -2.069  1.00 11.24 ? 15   LYS A CA  1 
ATOM   101  C C   . LYS A 1 15 ? 1.181   -21.292 -3.438  1.00 12.47 ? 15   LYS A C   1 
ATOM   102  O O   . LYS A 1 15 ? 0.449   -21.755 -4.379  1.00 12.89 ? 15   LYS A O   1 
ATOM   103  C CB  . LYS A 1 15 ? 0.370   -22.200 -1.285  1.00 12.18 ? 15   LYS A CB  1 
ATOM   104  C CG  . LYS A 1 15 ? -0.250  -21.952 0.164   1.00 14.67 ? 15   LYS A CG  1 
ATOM   105  C CD  . LYS A 1 15 ? -0.533  -23.375 0.700   1.00 19.07 ? 15   LYS A CD  1 
ATOM   106  C CE  . LYS A 1 15 ? -1.830  -23.524 1.471   1.00 28.50 ? 15   LYS A CE  1 
ATOM   107  N NZ  . LYS A 1 15 ? -1.278  -24.330 2.614   1.00 29.98 ? 15   LYS A NZ  1 
ATOM   108  N N   . SER A 1 16 ? 2.484   -21.132 -3.499  1.00 11.18 ? 16   SER A N   1 
ATOM   109  C CA  . SER A 1 16 ? 3.225   -21.500 -4.730  1.00 10.68 ? 16   SER A CA  1 
ATOM   110  C C   . SER A 1 16 ? 4.613   -21.898 -4.372  1.00 12.10 ? 16   SER A C   1 
ATOM   111  O O   . SER A 1 16 ? 5.331   -21.269 -3.602  1.00 11.25 ? 16   SER A O   1 
ATOM   112  C CB  . SER A 1 16 ? 3.170   -20.294 -5.583  1.00 11.91 ? 16   SER A CB  1 
ATOM   113  O OG  . SER A 1 16 ? 3.800   -20.682 -6.874  1.00 16.07 ? 16   SER A OG  1 
ATOM   114  N N   . PHE A 1 17 ? 5.095   -22.956 -5.058  1.00 11.25 ? 17   PHE A N   1 
ATOM   115  C CA  . PHE A 1 17 ? 6.452   -23.363 -4.923  1.00 11.50 ? 17   PHE A CA  1 
ATOM   116  C C   . PHE A 1 17 ? 7.393   -22.362 -5.580  1.00 10.21 ? 17   PHE A C   1 
ATOM   117  O O   . PHE A 1 17 ? 7.161   -21.867 -6.696  1.00 11.70 ? 17   PHE A O   1 
ATOM   118  C CB  . PHE A 1 17 ? 6.663   -24.789 -5.679  1.00 12.31 ? 17   PHE A CB  1 
ATOM   119  C CG  . PHE A 1 17 ? 8.100   -25.209 -5.678  1.00 11.88 ? 17   PHE A CG  1 
ATOM   120  C CD1 . PHE A 1 17 ? 8.827   -25.404 -4.498  1.00 12.74 ? 17   PHE A CD1 1 
ATOM   121  C CD2 . PHE A 1 17 ? 8.774   -25.349 -6.920  1.00 12.42 ? 17   PHE A CD2 1 
ATOM   122  C CE1 . PHE A 1 17 ? 10.170  -25.729 -4.501  1.00 12.57 ? 17   PHE A CE1 1 
ATOM   123  C CE2 . PHE A 1 17 ? 10.069  -25.765 -6.922  1.00 12.95 ? 17   PHE A CE2 1 
ATOM   124  C CZ  . PHE A 1 17 ? 10.811  -25.947 -5.801  1.00 14.72 ? 17   PHE A CZ  1 
ATOM   125  N N   . ARG A 1 18 ? 8.436   -21.940 -4.848  1.00 10.07 ? 18   ARG A N   1 
ATOM   126  C CA  . ARG A 1 18 ? 9.339   -20.854 -5.256  1.00 12.74 ? 18   ARG A CA  1 
ATOM   127  C C   . ARG A 1 18 ? 8.618   -19.523 -5.370  1.00 11.49 ? 18   ARG A C   1 
ATOM   128  O O   . ARG A 1 18 ? 9.036   -18.598 -6.006  1.00 13.33 ? 18   ARG A O   1 
ATOM   129  C CB  . ARG A 1 18 ? 10.145  -21.083 -6.608  1.00 12.12 ? 18   ARG A CB  1 
ATOM   130  C CG  . ARG A 1 18 ? 10.908  -22.363 -6.633  1.00 14.85 ? 18   ARG A CG  1 
ATOM   131  C CD  . ARG A 1 18 ? 11.817  -22.288 -7.913  1.00 15.54 ? 18   ARG A CD  1 
ATOM   132  N NE  . ARG A 1 18 ? 12.456  -23.536 -8.173  1.00 13.94 ? 18   ARG A NE  1 
ATOM   133  C CZ  . ARG A 1 18 ? 13.517  -23.967 -7.576  1.00 14.59 ? 18   ARG A CZ  1 
ATOM   134  N NH1 . ARG A 1 18 ? 13.976  -25.191 -7.906  1.00 17.48 ? 18   ARG A NH1 1 
ATOM   135  N NH2 . ARG A 1 18 ? 14.133  -23.337 -6.552  1.00 19.28 ? 18   ARG A NH2 1 
ATOM   136  N N   . GLY A 1 19 ? 7.450   -19.411 -4.624  1.00 11.21 ? 19   GLY A N   1 
ATOM   137  C CA  . GLY A 1 19 ? 6.759   -18.088 -4.553  1.00 11.01 ? 19   GLY A CA  1 
ATOM   138  C C   . GLY A 1 19 ? 7.575   -17.124 -3.626  1.00 8.01  ? 19   GLY A C   1 
ATOM   139  O O   . GLY A 1 19 ? 8.569   -17.522 -2.992  1.00 9.03  ? 19   GLY A O   1 
ATOM   140  N N   . TYR A 1 20 ? 7.018   -15.905 -3.584  1.00 10.06 ? 20   TYR A N   1 
ATOM   141  C CA  . TYR A 1 20 ? 7.662   -14.947 -2.679  1.00 9.90  ? 20   TYR A CA  1 
ATOM   142  C C   . TYR A 1 20 ? 7.593   -15.318 -1.200  1.00 9.81  ? 20   TYR A C   1 
ATOM   143  O O   . TYR A 1 20 ? 6.518   -15.854 -0.756  1.00 10.41 ? 20   TYR A O   1 
ATOM   144  C CB  . TYR A 1 20 ? 6.990   -13.593 -2.864  1.00 9.74  ? 20   TYR A CB  1 
ATOM   145  C CG  . TYR A 1 20 ? 7.116   -12.894 -4.216  1.00 11.08 ? 20   TYR A CG  1 
ATOM   146  C CD1 . TYR A 1 20 ? 8.351   -12.732 -4.789  1.00 12.32 ? 20   TYR A CD1 1 
ATOM   147  C CD2 . TYR A 1 20 ? 6.086   -12.185 -4.733  1.00 14.02 ? 20   TYR A CD2 1 
ATOM   148  C CE1 . TYR A 1 20 ? 8.475   -11.978 -5.970  1.00 14.72 ? 20   TYR A CE1 1 
ATOM   149  C CE2 . TYR A 1 20 ? 6.159   -11.364 -5.861  1.00 16.03 ? 20   TYR A CE2 1 
ATOM   150  C CZ  . TYR A 1 20 ? 7.378   -11.338 -6.444  1.00 15.23 ? 20   TYR A CZ  1 
ATOM   151  O OH  . TYR A 1 20 ? 7.413   -10.485 -7.619  1.00 20.30 ? 20   TYR A OH  1 
ATOM   152  N N   . ASP A 1 21 ? 8.639   -15.092 -0.484  1.00 9.49  ? 21   ASP A N   1 
ATOM   153  C CA  . ASP A 1 21 ? 8.635   -15.446 0.925   1.00 10.77 ? 21   ASP A CA  1 
ATOM   154  C C   . ASP A 1 21 ? 7.471   -14.833 1.734   1.00 9.68  ? 21   ASP A C   1 
ATOM   155  O O   . ASP A 1 21 ? 7.279   -13.623 1.659   1.00 9.23  ? 21   ASP A O   1 
ATOM   156  C CB  . ASP A 1 21 ? 9.984   -14.900 1.490   1.00 10.81 ? 21   ASP A CB  1 
ATOM   157  C CG  . ASP A 1 21 ? 10.216  -15.425 2.872   1.00 13.67 ? 21   ASP A CG  1 
ATOM   158  O OD1 . ASP A 1 21 ? 9.723   -14.714 3.880   1.00 14.26 ? 21   ASP A OD1 1 
ATOM   159  O OD2 . ASP A 1 21 ? 10.692  -16.538 3.111   1.00 18.25 ? 21   ASP A OD2 1 
ATOM   160  N N   . GLU A 1 22 ? 6.749   -15.724 2.420   1.00 9.49  ? 22   GLU A N   1 
ATOM   161  C CA  . GLU A 1 22 ? 5.547   -15.245 3.126   1.00 9.65  ? 22   GLU A CA  1 
ATOM   162  C C   . GLU A 1 22 ? 5.836   -14.220 4.213   1.00 8.83  ? 22   GLU A C   1 
ATOM   163  O O   . GLU A 1 22 ? 5.125   -13.238 4.252   1.00 10.16 ? 22   GLU A O   1 
ATOM   164  C CB  . GLU A 1 22 ? 4.901   -16.498 3.798   1.00 9.94  ? 22   GLU A CB  1 
ATOM   165  C CG  . GLU A 1 22 ? 4.304   -17.531 2.904   1.00 11.82 ? 22   GLU A CG  1 
ATOM   166  C CD  . GLU A 1 22 ? 4.101   -18.915 3.659   1.00 12.04 ? 22   GLU A CD  1 
ATOM   167  O OE1 . GLU A 1 22 ? 3.191   -19.640 3.232   1.00 13.79 ? 22   GLU A OE1 1 
ATOM   168  O OE2 . GLU A 1 22 ? 4.812   -19.184 4.643   1.00 14.41 ? 22   GLU A OE2 1 
ATOM   169  N N   . ASP A 1 23 ? 6.866   -14.438 4.993   1.00 9.21  ? 23   ASP A N   1 
ATOM   170  C CA  . ASP A 1 23 ? 7.078   -13.488 6.056   1.00 10.28 ? 23   ASP A CA  1 
ATOM   171  C C   . ASP A 1 23 ? 7.587   -12.228 5.546   1.00 10.58 ? 23   ASP A C   1 
ATOM   172  O O   . ASP A 1 23 ? 7.216   -11.159 6.059   1.00 12.28 ? 23   ASP A O   1 
ATOM   173  C CB  . ASP A 1 23 ? 8.074   -14.137 7.033   1.00 12.66 ? 23   ASP A CB  1 
ATOM   174  C CG  . ASP A 1 23 ? 7.511   -15.372 7.867   1.00 17.02 ? 23   ASP A CG  1 
ATOM   175  O OD1 . ASP A 1 23 ? 8.462   -15.962 8.519   1.00 21.55 ? 23   ASP A OD1 1 
ATOM   176  O OD2 . ASP A 1 23 ? 6.273   -15.628 8.049   1.00 15.57 ? 23   ASP A OD2 1 
ATOM   177  N N   . GLU A 1 24 ? 8.390   -12.183 4.443   1.00 10.35 ? 24   GLU A N   1 
ATOM   178  C CA  . GLU A 1 24 ? 8.858   -10.931 3.944   1.00 10.53 ? 24   GLU A CA  1 
ATOM   179  C C   . GLU A 1 24 ? 7.688   -10.170 3.308   1.00 9.94  ? 24   GLU A C   1 
ATOM   180  O O   . GLU A 1 24 ? 7.577   -8.886  3.462   1.00 10.86 ? 24   GLU A O   1 
ATOM   181  C CB  . GLU A 1 24 ? 9.976   -11.054 2.805   1.00 11.42 ? 24   GLU A CB  1 
ATOM   182  C CG  . GLU A 1 24 ? 11.289  -11.624 3.264   1.00 12.50 ? 24   GLU A CG  1 
ATOM   183  C CD  . GLU A 1 24 ? 12.204  -11.907 2.046   1.00 12.59 ? 24   GLU A CD  1 
ATOM   184  O OE1 . GLU A 1 24 ? 11.955  -11.364 1.000   1.00 14.94 ? 24   GLU A OE1 1 
ATOM   185  O OE2 . GLU A 1 24 ? 13.128  -12.673 2.350   1.00 15.66 ? 24   GLU A OE2 1 
ATOM   186  N N   . VAL A 1 25 ? 6.777   -10.813 2.588   1.00 9.29  ? 25   VAL A N   1 
ATOM   187  C CA  . VAL A 1 25 ? 5.602   -10.132 2.002   1.00 9.58  ? 25   VAL A CA  1 
ATOM   188  C C   . VAL A 1 25 ? 4.677   -9.606  3.174   1.00 8.66  ? 25   VAL A C   1 
ATOM   189  O O   . VAL A 1 25 ? 4.248   -8.480  3.105   1.00 9.25  ? 25   VAL A O   1 
ATOM   190  C CB  . VAL A 1 25 ? 4.812   -11.056 1.095   1.00 9.10  ? 25   VAL A CB  1 
ATOM   191  C CG1 . VAL A 1 25 ? 3.577   -10.409 0.707   1.00 11.54 ? 25   VAL A CG1 1 
ATOM   192  C CG2 . VAL A 1 25 ? 5.645   -11.353 -0.217  1.00 11.34 ? 25   VAL A CG2 1 
ATOM   193  N N   . ASN A 1 26 ? 4.488   -10.450 4.178   1.00 10.66 ? 26   ASN A N   1 
ATOM   194  C CA  . ASN A 1 26 ? 3.591   -9.955  5.280   1.00 9.83  ? 26   ASN A CA  1 
ATOM   195  C C   . ASN A 1 26 ? 4.263   -8.774  6.003   1.00 9.41  ? 26   ASN A C   1 
ATOM   196  O O   . ASN A 1 26 ? 3.464   -7.816  6.332   1.00 12.03 ? 26   ASN A O   1 
ATOM   197  C CB  . ASN A 1 26 ? 3.380   -11.109 6.274   1.00 10.34 ? 26   ASN A CB  1 
ATOM   198  C CG  . ASN A 1 26 ? 2.542   -12.258 5.700   1.00 10.22 ? 26   ASN A CG  1 
ATOM   199  O OD1 . ASN A 1 26 ? 2.560   -13.405 6.338   1.00 15.44 ? 26   ASN A OD1 1 
ATOM   200  N ND2 . ASN A 1 26 ? 1.792   -12.028 4.738   1.00 8.12  ? 26   ASN A ND2 1 
ATOM   201  N N   . GLU A 1 27 ? 5.531   -8.787  6.194   1.00 9.69  ? 27   GLU A N   1 
ATOM   202  C CA  . GLU A 1 27 ? 6.226   -7.612  6.794   1.00 9.49  ? 27   GLU A CA  1 
ATOM   203  C C   . GLU A 1 27 ? 6.042   -6.392  5.953   1.00 9.10  ? 27   GLU A C   1 
ATOM   204  O O   . GLU A 1 27 ? 5.730   -5.250  6.429   1.00 11.38 ? 27   GLU A O   1 
ATOM   205  C CB  . GLU A 1 27 ? 7.710   -7.975  7.081   1.00 12.48 ? 27   GLU A CB  1 
ATOM   206  C CG  . GLU A 1 27 ? 8.501   -6.844  7.744   1.00 15.71 ? 27   GLU A CG  1 
ATOM   207  C CD  . GLU A 1 27 ? 9.805   -7.203  8.169   1.00 18.03 ? 27   GLU A CD  1 
ATOM   208  O OE1 . GLU A 1 27 ? 10.190  -8.434  8.105   1.00 26.24 ? 27   GLU A OE1 1 
ATOM   209  O OE2 . GLU A 1 27 ? 10.492  -6.214  8.554   1.00 24.04 ? 27   GLU A OE2 1 
ATOM   210  N N   . PHE A 1 28 ? 6.219   -6.530  4.619   1.00 9.09  ? 28   PHE A N   1 
ATOM   211  C CA  . PHE A 1 28 ? 6.063   -5.401  3.797   1.00 9.71  ? 28   PHE A CA  1 
ATOM   212  C C   . PHE A 1 28 ? 4.632   -4.872  3.773   1.00 9.04  ? 28   PHE A C   1 
ATOM   213  O O   . PHE A 1 28 ? 4.440   -3.633  3.743   1.00 9.85  ? 28   PHE A O   1 
ATOM   214  C CB  . PHE A 1 28 ? 6.504   -5.803  2.322   1.00 9.34  ? 28   PHE A CB  1 
ATOM   215  C CG  . PHE A 1 28 ? 6.460   -4.635  1.366   1.00 9.88  ? 28   PHE A CG  1 
ATOM   216  C CD1 . PHE A 1 28 ? 7.372   -3.586  1.567   1.00 11.41 ? 28   PHE A CD1 1 
ATOM   217  C CD2 . PHE A 1 28 ? 5.591   -4.550  0.270   1.00 11.51 ? 28   PHE A CD2 1 
ATOM   218  C CE1 . PHE A 1 28 ? 7.431   -2.463  0.754   1.00 13.65 ? 28   PHE A CE1 1 
ATOM   219  C CE2 . PHE A 1 28 ? 5.699   -3.411  -0.638  1.00 12.56 ? 28   PHE A CE2 1 
ATOM   220  C CZ  . PHE A 1 28 ? 6.555   -2.446  -0.372  1.00 11.15 ? 28   PHE A CZ  1 
ATOM   221  N N   . LEU A 1 29 ? 3.632   -5.754  3.760   1.00 9.29  ? 29   LEU A N   1 
ATOM   222  C CA  . LEU A 1 29 ? 2.253   -5.270  3.775   1.00 9.01  ? 29   LEU A CA  1 
ATOM   223  C C   . LEU A 1 29 ? 1.972   -4.564  5.135   1.00 10.33 ? 29   LEU A C   1 
ATOM   224  O O   . LEU A 1 29 ? 1.088   -3.689  5.045   1.00 11.65 ? 29   LEU A O   1 
ATOM   225  C CB  . LEU A 1 29 ? 1.300   -6.388  3.556   1.00 9.95  ? 29   LEU A CB  1 
ATOM   226  C CG  . LEU A 1 29 ? 1.337   -6.945  2.114   1.00 12.26 ? 29   LEU A CG  1 
ATOM   227  C CD1 . LEU A 1 29 ? 0.410   -8.127  1.845   1.00 16.39 ? 29   LEU A CD1 1 
ATOM   228  C CD2 . LEU A 1 29 ? 1.116   -5.835  1.144   1.00 15.88 ? 29   LEU A CD2 1 
ATOM   229  N N   . ALA A 1 30 ? 2.630   -4.886  6.209   1.00 9.83  ? 30   ALA A N   1 
ATOM   230  C CA  . ALA A 1 30 ? 2.379   -4.094  7.438   1.00 10.01 ? 30   ALA A CA  1 
ATOM   231  C C   . ALA A 1 30 ? 2.929   -2.713  7.184   1.00 10.69 ? 30   ALA A C   1 
ATOM   232  O O   . ALA A 1 30 ? 2.294   -1.704  7.644   1.00 11.41 ? 30   ALA A O   1 
ATOM   233  C CB  . ALA A 1 30 ? 3.079   -4.821  8.593   1.00 11.08 ? 30   ALA A CB  1 
ATOM   234  N N   . GLN A 1 31 ? 4.034   -2.471  6.497   1.00 9.50  ? 31   GLN A N   1 
ATOM   235  C CA  . GLN A 1 31 ? 4.524   -1.167  6.222   1.00 9.63  ? 31   GLN A CA  1 
ATOM   236  C C   . GLN A 1 31 ? 3.577   -0.446  5.292   1.00 10.38 ? 31   GLN A C   1 
ATOM   237  O O   . GLN A 1 31 ? 3.230   0.767   5.512   1.00 11.76 ? 31   GLN A O   1 
ATOM   238  C CB  . GLN A 1 31 ? 5.927   -1.214  5.561   1.00 9.94  ? 31   GLN A CB  1 
ATOM   239  C CG  . GLN A 1 31 ? 6.551   0.119   5.283   1.00 11.63 ? 31   GLN A CG  1 
ATOM   240  C CD  . GLN A 1 31 ? 7.109   0.806   6.520   1.00 10.25 ? 31   GLN A CD  1 
ATOM   241  O OE1 . GLN A 1 31 ? 6.856   2.040   6.733   1.00 15.59 ? 31   GLN A OE1 1 
ATOM   242  N NE2 . GLN A 1 31 ? 7.867   0.104   7.230   1.00 8.86  ? 31   GLN A NE2 1 
ATOM   243  N N   . VAL A 1 32 ? 3.089   -1.060  4.196   1.00 10.08 ? 32   VAL A N   1 
ATOM   244  C CA  . VAL A 1 32 ? 2.155   -0.465  3.260   1.00 11.88 ? 32   VAL A CA  1 
ATOM   245  C C   . VAL A 1 32 ? 0.860   -0.053  4.014   1.00 11.53 ? 32   VAL A C   1 
ATOM   246  O O   . VAL A 1 32 ? 0.388   1.075   3.768   1.00 13.65 ? 32   VAL A O   1 
ATOM   247  C CB  . VAL A 1 32 ? 1.845   -1.486  2.141   1.00 12.31 ? 32   VAL A CB  1 
ATOM   248  C CG1 . VAL A 1 32 ? 0.675   -0.994  1.273   1.00 14.90 ? 32   VAL A CG1 1 
ATOM   249  C CG2 . VAL A 1 32 ? 3.106   -1.795  1.340   1.00 12.80 ? 32   VAL A CG2 1 
ATOM   250  N N   . ARG A 1 33 ? 0.310   -0.935  4.836   1.00 10.97 ? 33   ARG A N   1 
ATOM   251  C CA  . ARG A 1 33 ? -0.947  -0.617  5.564   1.00 13.42 ? 33   ARG A CA  1 
ATOM   252  C C   . ARG A 1 33 ? -0.660  0.643   6.395   1.00 12.88 ? 33   ARG A C   1 
ATOM   253  O O   . ARG A 1 33 ? -1.547  1.565   6.440   1.00 14.62 ? 33   ARG A O   1 
ATOM   254  C CB  . ARG A 1 33 ? -1.348  -1.808  6.420   1.00 14.83 ? 33   ARG A CB  1 
ATOM   255  C CG  . ARG A 1 33 ? -2.709  -1.541  7.116   1.00 20.98 ? 33   ARG A CG  1 
ATOM   256  C CD  . ARG A 1 33 ? -2.918  -2.554  8.195   1.00 25.38 ? 33   ARG A CD  1 
ATOM   257  N NE  . ARG A 1 33 ? -4.067  -2.302  9.090   1.00 30.81 ? 33   ARG A NE  1 
ATOM   258  C CZ  . ARG A 1 33 ? -4.084  -2.625  10.382  1.00 38.06 ? 33   ARG A CZ  1 
ATOM   259  N NH1 . ARG A 1 33 ? -5.162  -2.360  11.138  1.00 40.76 ? 33   ARG A NH1 1 
ATOM   260  N NH2 . ARG A 1 33 ? -3.041  -3.211  10.963  1.00 40.48 ? 33   ARG A NH2 1 
ATOM   261  N N   . LYS A 1 34 ? 0.398   0.699   7.156   1.00 11.45 ? 34   LYS A N   1 
ATOM   262  C CA  . LYS A 1 34 ? 0.706   1.851   8.038   1.00 11.37 ? 34   LYS A CA  1 
ATOM   263  C C   . LYS A 1 34 ? 0.759   3.077   7.213   1.00 14.59 ? 34   LYS A C   1 
ATOM   264  O O   . LYS A 1 34 ? 0.124   4.143   7.544   1.00 15.12 ? 34   LYS A O   1 
ATOM   265  C CB  . LYS A 1 34 ? 2.003   1.625   8.765   1.00 12.34 ? 34   LYS A CB  1 
ATOM   266  C CG  . LYS A 1 34 ? 2.447   2.840   9.518   1.00 13.09 ? 34   LYS A CG  1 
ATOM   267  C CD  . LYS A 1 34 ? 3.748   2.572   9.989   1.00 17.83 ? 34   LYS A CD  1 
ATOM   268  C CE  . LYS A 1 34 ? 4.491   3.720   10.555  1.00 20.44 ? 34   LYS A CE  1 
ATOM   269  N NZ  . LYS A 1 34 ? 5.999   3.443   10.698  1.00 19.24 ? 34   LYS A NZ  1 
ATOM   270  N N   . ASP A 1 35 ? 1.508   3.116   6.110   1.00 12.64 ? 35   ASP A N   1 
ATOM   271  C CA  . ASP A 1 35 ? 1.698   4.383   5.371   1.00 13.76 ? 35   ASP A CA  1 
ATOM   272  C C   . ASP A 1 35 ? 0.411   4.757   4.617   1.00 15.56 ? 35   ASP A C   1 
ATOM   273  O O   . ASP A 1 35 ? 0.136   5.983   4.443   1.00 15.03 ? 35   ASP A O   1 
ATOM   274  C CB  . ASP A 1 35 ? 2.869   4.164   4.399   1.00 15.06 ? 35   ASP A CB  1 
ATOM   275  C CG  . ASP A 1 35 ? 4.196   4.116   5.161   1.00 17.00 ? 35   ASP A CG  1 
ATOM   276  O OD1 . ASP A 1 35 ? 5.210   3.507   4.777   1.00 16.66 ? 35   ASP A OD1 1 
ATOM   277  O OD2 . ASP A 1 35 ? 4.322   4.706   6.322   1.00 22.91 ? 35   ASP A OD2 1 
ATOM   278  N N   . TYR A 1 36 ? -0.376  3.826   4.136   1.00 14.70 ? 36   TYR A N   1 
ATOM   279  C CA  . TYR A 1 36 ? -1.656  4.141   3.514   1.00 14.84 ? 36   TYR A CA  1 
ATOM   280  C C   . TYR A 1 36 ? -2.594  4.692   4.543   1.00 15.87 ? 36   TYR A C   1 
ATOM   281  O O   . TYR A 1 36 ? -3.231  5.739   4.200   1.00 18.35 ? 36   TYR A O   1 
ATOM   282  C CB  . TYR A 1 36 ? -2.185  2.833   2.865   1.00 16.90 ? 36   TYR A CB  1 
ATOM   283  C CG  . TYR A 1 36 ? -3.304  2.989   1.877   1.00 18.92 ? 36   TYR A CG  1 
ATOM   284  C CD1 . TYR A 1 36 ? -4.352  2.111   1.921   1.00 25.80 ? 36   TYR A CD1 1 
ATOM   285  C CD2 . TYR A 1 36 ? -3.353  4.025   0.946   1.00 25.26 ? 36   TYR A CD2 1 
ATOM   286  C CE1 . TYR A 1 36 ? -5.409  2.206   1.013   1.00 25.16 ? 36   TYR A CE1 1 
ATOM   287  C CE2 . TYR A 1 36 ? -4.437  4.173   0.034   1.00 25.03 ? 36   TYR A CE2 1 
ATOM   288  C CZ  . TYR A 1 36 ? -5.436  3.235   0.070   1.00 24.86 ? 36   TYR A CZ  1 
ATOM   289  O OH  . TYR A 1 36 ? -6.451  3.317   -0.832  1.00 25.08 ? 36   TYR A OH  1 
ATOM   290  N N   . GLU A 1 37 ? -2.621  4.160   5.748   1.00 15.13 ? 37   GLU A N   1 
ATOM   291  C CA  A GLU A 1 37 ? -3.549  4.739   6.742   0.50 15.08 ? 37   GLU A CA  1 
ATOM   292  C CA  B GLU A 1 37 ? -3.455  4.734   6.863   0.50 16.20 ? 37   GLU A CA  1 
ATOM   293  C C   . GLU A 1 37 ? -3.061  6.134   7.104   1.00 16.59 ? 37   GLU A C   1 
ATOM   294  O O   . GLU A 1 37 ? -3.955  7.034   7.281   1.00 18.93 ? 37   GLU A O   1 
ATOM   295  C CB  A GLU A 1 37 ? -3.633  3.812   7.903   0.50 16.43 ? 37   GLU A CB  1 
ATOM   296  C CB  B GLU A 1 37 ? -3.270  3.941   8.138   0.50 17.69 ? 37   GLU A CB  1 
ATOM   297  C CG  A GLU A 1 37 ? -4.514  4.277   9.067   0.50 15.58 ? 37   GLU A CG  1 
ATOM   298  C CG  B GLU A 1 37 ? -4.051  2.672   8.012   0.50 21.95 ? 37   GLU A CG  1 
ATOM   299  C CD  A GLU A 1 37 ? -4.406  3.203   10.184  0.50 22.85 ? 37   GLU A CD  1 
ATOM   300  C CD  B GLU A 1 37 ? -3.873  1.680   9.148   0.50 27.19 ? 37   GLU A CD  1 
ATOM   301  O OE1 A GLU A 1 37 ? -5.356  2.448   10.335  0.50 27.53 ? 37   GLU A OE1 1 
ATOM   302  O OE1 B GLU A 1 37 ? -2.831  1.703   9.845   0.50 27.45 ? 37   GLU A OE1 1 
ATOM   303  O OE2 A GLU A 1 37 ? -3.345  3.054   10.828  0.50 24.39 ? 37   GLU A OE2 1 
ATOM   304  O OE2 B GLU A 1 37 ? -4.799  0.825   9.292   0.50 30.52 ? 37   GLU A OE2 1 
ATOM   305  N N   . ILE A 1 38 ? -1.781  6.458   7.165   1.00 15.22 ? 38   ILE A N   1 
ATOM   306  C CA  . ILE A 1 38 ? -1.230  7.804   7.492   1.00 15.70 ? 38   ILE A CA  1 
ATOM   307  C C   . ILE A 1 38 ? -1.789  8.776   6.481   1.00 16.91 ? 38   ILE A C   1 
ATOM   308  O O   . ILE A 1 38 ? -2.327  9.819   6.885   1.00 18.31 ? 38   ILE A O   1 
ATOM   309  C CB  . ILE A 1 38 ? 0.305   7.794   7.528   1.00 17.52 ? 38   ILE A CB  1 
ATOM   310  C CG1 . ILE A 1 38 ? 0.750   7.181   8.859   1.00 16.16 ? 38   ILE A CG1 1 
ATOM   311  C CG2 . ILE A 1 38 ? 0.909   9.268   7.490   1.00 17.26 ? 38   ILE A CG2 1 
ATOM   312  C CD1 . ILE A 1 38 ? 2.226   6.858   8.929   1.00 18.02 ? 38   ILE A CD1 1 
ATOM   313  N N   . VAL A 1 39 ? -1.764  8.523   5.207   1.00 15.95 ? 39   VAL A N   1 
ATOM   314  C CA  . VAL A 1 39 ? -2.268  9.480   4.197   1.00 17.61 ? 39   VAL A CA  1 
ATOM   315  C C   . VAL A 1 39 ? -3.773  9.598   4.271   1.00 18.24 ? 39   VAL A C   1 
ATOM   316  O O   . VAL A 1 39 ? -4.325  10.740  4.110   1.00 18.44 ? 39   VAL A O   1 
ATOM   317  C CB  . VAL A 1 39 ? -1.727  9.199   2.789   1.00 20.17 ? 39   VAL A CB  1 
ATOM   318  C CG1 . VAL A 1 39 ? -2.239  7.895   2.235   1.00 21.77 ? 39   VAL A CG1 1 
ATOM   319  C CG2 . VAL A 1 39 ? -2.163  10.315  1.800   1.00 21.28 ? 39   VAL A CG2 1 
ATOM   320  N N   . LEU A 1 40 ? -4.480  8.518   4.518   1.00 18.29 ? 40   LEU A N   1 
ATOM   321  C CA  . LEU A 1 40 ? -5.940  8.591   4.558   1.00 19.40 ? 40   LEU A CA  1 
ATOM   322  C C   . LEU A 1 40 ? -6.298  9.425   5.784   1.00 19.92 ? 40   LEU A C   1 
ATOM   323  O O   . LEU A 1 40 ? -7.234  10.274  5.672   1.00 20.90 ? 40   LEU A O   1 
ATOM   324  C CB  . LEU A 1 40 ? -6.537  7.191   4.637   1.00 18.54 ? 40   LEU A CB  1 
ATOM   325  C CG  . LEU A 1 40 ? -6.520  6.462   3.325   1.00 20.84 ? 40   LEU A CG  1 
ATOM   326  C CD1 . LEU A 1 40 ? -6.808  4.929   3.586   1.00 23.10 ? 40   LEU A CD1 1 
ATOM   327  C CD2 . LEU A 1 40 ? -7.534  7.028   2.323   1.00 22.94 ? 40   LEU A CD2 1 
ATOM   328  N N   . ARG A 1 41 ? -5.660  9.300   6.926   1.00 20.04 ? 41   ARG A N   1 
ATOM   329  C CA  . ARG A 1 41 ? -5.940  10.080  8.128   1.00 20.91 ? 41   ARG A CA  1 
ATOM   330  C C   . ARG A 1 41 ? -5.618  11.575  7.871   1.00 21.71 ? 41   ARG A C   1 
ATOM   331  O O   . ARG A 1 41 ? -6.443  12.508  8.176   1.00 23.07 ? 41   ARG A O   1 
ATOM   332  C CB  . ARG A 1 41 ? -5.189  9.504   9.335   1.00 22.81 ? 41   ARG A CB  1 
ATOM   333  C CG  . ARG A 1 41 ? -3.930  10.168  9.858   1.00 33.22 ? 41   ARG A CG  1 
ATOM   334  C CD  . ARG A 1 41 ? -4.184  10.664  11.348  1.00 38.32 ? 41   ARG A CD  1 
ATOM   335  N NE  . ARG A 1 41 ? -3.666  9.738   12.376  1.00 44.22 ? 41   ARG A NE  1 
ATOM   336  C CZ  . ARG A 1 41 ? -2.868  10.084  13.411  1.00 46.39 ? 41   ARG A CZ  1 
ATOM   337  N NH1 . ARG A 1 41 ? -2.429  9.171   14.286  1.00 46.51 ? 41   ARG A NH1 1 
ATOM   338  N NH2 . ARG A 1 41 ? -2.486  11.342  13.585  1.00 48.34 ? 41   ARG A NH2 1 
ATOM   339  N N   . LYS A 1 42 ? -4.534  11.878  7.198   1.00 20.11 ? 42   LYS A N   1 
ATOM   340  C CA  . LYS A 1 42 ? -4.236  13.269  6.853   1.00 21.79 ? 42   LYS A CA  1 
ATOM   341  C C   . LYS A 1 42 ? -5.290  13.821  5.950   1.00 21.61 ? 42   LYS A C   1 
ATOM   342  O O   . LYS A 1 42 ? -5.674  15.037  6.119   1.00 24.25 ? 42   LYS A O   1 
ATOM   343  C CB  . LYS A 1 42 ? -2.827  13.343  6.203   1.00 22.02 ? 42   LYS A CB  1 
ATOM   344  C CG  . LYS A 1 42 ? -2.396  14.711  5.824   1.00 27.08 ? 42   LYS A CG  1 
ATOM   345  C CD  . LYS A 1 42 ? -2.167  15.450  7.100   1.00 30.78 ? 42   LYS A CD  1 
ATOM   346  C CE  . LYS A 1 42 ? -2.168  16.903  6.778   1.00 36.07 ? 42   LYS A CE  1 
ATOM   347  N NZ  . LYS A 1 42 ? -1.038  17.619  7.367   1.00 39.28 ? 42   LYS A NZ  1 
ATOM   348  N N   . LYS A 1 43 ? -5.751  13.117  4.959   1.00 20.50 ? 43   LYS A N   1 
ATOM   349  C CA  . LYS A 1 43 ? -6.763  13.573  4.018   1.00 22.74 ? 43   LYS A CA  1 
ATOM   350  C C   . LYS A 1 43 ? -8.034  13.924  4.799   1.00 25.20 ? 43   LYS A C   1 
ATOM   351  O O   . LYS A 1 43 ? -8.592  15.022  4.537   1.00 24.33 ? 43   LYS A O   1 
ATOM   352  C CB  . LYS A 1 43 ? -7.075  12.524  2.932   1.00 26.19 ? 43   LYS A CB  1 
ATOM   353  C CG  . LYS A 1 43 ? -8.289  12.827  2.067   1.00 26.41 ? 43   LYS A CG  1 
ATOM   354  C CD  . LYS A 1 43 ? -8.265  11.834  0.913   1.00 29.71 ? 43   LYS A CD  1 
ATOM   355  C CE  . LYS A 1 43 ? -9.279  12.080  -0.188  1.00 34.38 ? 43   LYS A CE  1 
ATOM   356  N NZ  . LYS A 1 43 ? -10.674 11.941  0.333   1.00 37.34 ? 43   LYS A NZ  1 
ATOM   357  N N   . THR A 1 44 ? -8.445  13.077  5.740   1.00 24.35 ? 44   THR A N   1 
ATOM   358  C CA  . THR A 1 44 ? -9.653  13.288  6.593   1.00 27.27 ? 44   THR A CA  1 
ATOM   359  C C   . THR A 1 44 ? -9.468  14.573  7.353   1.00 28.09 ? 44   THR A C   1 
ATOM   360  O O   . THR A 1 44 ? -10.424 15.403  7.492   1.00 28.61 ? 44   THR A O   1 
ATOM   361  C CB  . THR A 1 44 ? -9.822  12.146  7.575   1.00 28.23 ? 44   THR A CB  1 
ATOM   362  O OG1 . THR A 1 44 ? -10.137 10.992  6.832   1.00 28.52 ? 44   THR A OG1 1 
ATOM   363  C CG2 . THR A 1 44 ? -11.044 12.369  8.509   1.00 30.59 ? 44   THR A CG2 1 
ATOM   364  N N   . GLU A 1 45 ? -8.270  14.828  7.806   1.00 26.68 ? 45   GLU A N   1 
ATOM   365  C CA  . GLU A 1 45 ? -7.977  15.981  8.675   1.00 29.44 ? 45   GLU A CA  1 
ATOM   366  C C   . GLU A 1 45 ? -8.114  17.218  7.848   1.00 27.96 ? 45   GLU A C   1 
ATOM   367  O O   . GLU A 1 45 ? -8.726  18.218  8.310   1.00 27.89 ? 45   GLU A O   1 
ATOM   368  C CB  . GLU A 1 45 ? -6.532  15.813  9.191   1.00 30.63 ? 45   GLU A CB  1 
ATOM   369  C CG  . GLU A 1 45 ? -6.052  16.748  10.278  1.00 36.02 ? 45   GLU A CG  1 
ATOM   370  C CD  . GLU A 1 45 ? -4.647  16.336  10.672  1.00 42.71 ? 45   GLU A CD  1 
ATOM   371  O OE1 . GLU A 1 45 ? -4.300  15.156  10.384  1.00 44.26 ? 45   GLU A OE1 1 
ATOM   372  O OE2 . GLU A 1 45 ? -3.899  17.175  11.233  1.00 45.53 ? 45   GLU A OE2 1 
ATOM   373  N N   . LEU A 1 46 ? -7.586  17.208  6.635   1.00 26.10 ? 46   LEU A N   1 
ATOM   374  C CA  . LEU A 1 46 ? -7.547  18.370  5.764   1.00 25.73 ? 46   LEU A CA  1 
ATOM   375  C C   . LEU A 1 46 ? -8.919  18.668  5.237   1.00 28.62 ? 46   LEU A C   1 
ATOM   376  O O   . LEU A 1 46 ? -9.243  19.860  5.046   1.00 27.32 ? 46   LEU A O   1 
ATOM   377  C CB  . LEU A 1 46 ? -6.631  18.151  4.559   1.00 26.36 ? 46   LEU A CB  1 
ATOM   378  C CG  . LEU A 1 46 ? -5.141  18.126  4.906   1.00 25.23 ? 46   LEU A CG  1 
ATOM   379  C CD1 . LEU A 1 46 ? -4.334  17.458  3.732   1.00 24.13 ? 46   LEU A CD1 1 
ATOM   380  C CD2 . LEU A 1 46 ? -4.654  19.621  5.251   1.00 27.20 ? 46   LEU A CD2 1 
ATOM   381  N N   . GLU A 1 47 ? -9.751  17.646  5.000   1.00 28.95 ? 47   GLU A N   1 
ATOM   382  C CA  . GLU A 1 47 ? -11.176 17.862  4.607   1.00 30.93 ? 47   GLU A CA  1 
ATOM   383  C C   . GLU A 1 47 ? -11.882 18.612  5.663   1.00 33.46 ? 47   GLU A C   1 
ATOM   384  O O   . GLU A 1 47 ? -12.681 19.521  5.343   1.00 34.72 ? 47   GLU A O   1 
ATOM   385  C CB  . GLU A 1 47 ? -11.872 16.531  4.409   1.00 31.74 ? 47   GLU A CB  1 
ATOM   386  C CG  . GLU A 1 47 ? -11.515 15.987  3.074   1.00 32.03 ? 47   GLU A CG  1 
ATOM   387  C CD  . GLU A 1 47 ? -11.765 14.499  2.931   1.00 36.06 ? 47   GLU A CD  1 
ATOM   388  O OE1 . GLU A 1 47 ? -11.767 14.053  1.746   1.00 36.65 ? 47   GLU A OE1 1 
ATOM   389  O OE2 . GLU A 1 47 ? -11.919 13.812  3.979   1.00 35.91 ? 47   GLU A OE2 1 
ATOM   390  N N   . ALA A 1 48 ? -11.681 18.223  6.898   1.00 32.42 ? 48   ALA A N   1 
ATOM   391  C CA  . ALA A 1 48 ? -12.364 18.899  7.990   1.00 35.87 ? 48   ALA A CA  1 
ATOM   392  C C   . ALA A 1 48 ? -11.910 20.341  8.138   1.00 38.00 ? 48   ALA A C   1 
ATOM   393  O O   . ALA A 1 48 ? -12.726 21.218  8.485   1.00 37.59 ? 48   ALA A O   1 
ATOM   394  C CB  . ALA A 1 48 ? -12.181 18.173  9.248   1.00 35.56 ? 48   ALA A CB  1 
ATOM   395  N N   . LYS A 1 49 ? -10.631 20.611  7.900   1.00 37.99 ? 49   LYS A N   1 
ATOM   396  C CA  . LYS A 1 49 ? -10.145 21.990  7.956   1.00 40.54 ? 49   LYS A CA  1 
ATOM   397  C C   . LYS A 1 49 ? -10.759 22.803  6.818   1.00 41.10 ? 49   LYS A C   1 
ATOM   398  O O   . LYS A 1 49 ? -11.183 23.956  7.027   1.00 40.32 ? 49   LYS A O   1 
ATOM   399  C CB  . LYS A 1 49 ? -8.624  22.048  7.933   1.00 39.80 ? 49   LYS A CB  1 
ATOM   400  C CG  . LYS A 1 49 ? -7.995  22.026  9.302   1.00 43.51 ? 49   LYS A CG  1 
ATOM   401  C CD  . LYS A 1 49 ? -7.328  23.377  9.667   1.00 43.04 ? 49   LYS A CD  1 
ATOM   402  C CE  . LYS A 1 49 ? -6.975  23.452  11.153  1.00 44.19 ? 49   LYS A CE  1 
ATOM   403  N NZ  . LYS A 1 49 ? -7.406  24.772  11.746  1.00 45.58 ? 49   LYS A NZ  1 
ATOM   404  N N   . VAL A 1 50 ? -10.822 22.223  5.629   1.00 41.42 ? 50   VAL A N   1 
ATOM   405  C CA  . VAL A 1 50 ? -11.508 22.886  4.527   1.00 43.69 ? 50   VAL A CA  1 
ATOM   406  C C   . VAL A 1 50 ? -12.898 23.282  5.012   1.00 44.83 ? 50   VAL A C   1 
ATOM   407  O O   . VAL A 1 50 ? -13.264 24.455  4.916   1.00 45.64 ? 50   VAL A O   1 
ATOM   408  C CB  . VAL A 1 50 ? -11.629 22.018  3.270   1.00 42.89 ? 50   VAL A CB  1 
ATOM   409  C CG1 . VAL A 1 50 ? -12.672 22.661  2.303   1.00 43.32 ? 50   VAL A CG1 1 
ATOM   410  C CG2 . VAL A 1 50 ? -10.253 21.870  2.571   1.00 42.66 ? 50   VAL A CG2 1 
ATOM   411  N N   . ASN A 1 51 ? -13.645 22.328  5.563   1.00 46.93 ? 51   ASN A N   1 
ATOM   412  C CA  . ASN A 1 51 ? -15.012 22.610  6.000   1.00 48.79 ? 51   ASN A CA  1 
ATOM   413  C C   . ASN A 1 51 ? -15.064 23.751  6.996   1.00 48.69 ? 51   ASN A C   1 
ATOM   414  O O   . ASN A 1 51 ? -15.735 24.784  6.739   1.00 48.44 ? 51   ASN A O   1 
ATOM   415  C CB  . ASN A 1 51 ? -15.717 21.355  6.525   1.00 49.99 ? 51   ASN A CB  1 
ATOM   416  C CG  . ASN A 1 51 ? -16.513 20.656  5.449   1.00 51.75 ? 51   ASN A CG  1 
ATOM   417  O OD1 . ASN A 1 51 ? -16.027 20.433  4.337   1.00 53.32 ? 51   ASN A OD1 1 
ATOM   418  N ND2 . ASN A 1 51 ? -17.758 20.327  5.766   1.00 53.44 ? 51   ASN A ND2 1 
ATOM   419  N N   . GLU A 1 52 ? -14.328 23.602  8.091   1.00 48.36 ? 52   GLU A N   1 
ATOM   420  C CA  . GLU A 1 52 ? -14.220 24.686  9.080   1.00 48.87 ? 52   GLU A CA  1 
ATOM   421  C C   . GLU A 1 52 ? -13.478 25.936  8.570   1.00 48.41 ? 52   GLU A C   1 
ATOM   422  O O   . GLU A 1 52 ? -13.074 26.062  7.408   1.00 47.34 ? 52   GLU A O   1 
ATOM   423  C CB  . GLU A 1 52 ? -13.616 24.175  10.405  1.00 49.65 ? 52   GLU A CB  1 
ATOM   424  C CG  . GLU A 1 52 ? -12.923 25.239  11.269  1.00 50.85 ? 52   GLU A CG  1 
ATOM   425  C CD  . GLU A 1 52 ? -11.402 25.311  11.019  1.00 52.76 ? 52   GLU A CD  1 
ATOM   426  O OE1 . GLU A 1 52 ? -10.650 25.311  12.019  1.00 52.65 ? 52   GLU A OE1 1 
ATOM   427  O OE2 . GLU A 1 52 ? -10.957 25.345  9.836   1.00 53.01 ? 52   GLU A OE2 1 
ATOM   428  N N   . LEU B 1 3  ? 6.870   5.027   2.787   1.00 20.02 ? 3    LEU B N   1 
ATOM   429  C CA  . LEU B 1 3  ? 7.075   4.491   1.403   1.00 17.14 ? 3    LEU B CA  1 
ATOM   430  C C   . LEU B 1 3  ? 6.595   5.486   0.389   1.00 16.74 ? 3    LEU B C   1 
ATOM   431  O O   . LEU B 1 3  ? 5.539   6.210   0.523   1.00 19.01 ? 3    LEU B O   1 
ATOM   432  C CB  . LEU B 1 3  ? 6.205   3.166   1.142   1.00 19.70 ? 3    LEU B CB  1 
ATOM   433  C CG  . LEU B 1 3  ? 6.654   1.968   1.954   1.00 23.12 ? 3    LEU B CG  1 
ATOM   434  C CD1 . LEU B 1 3  ? 5.454   0.963   1.911   1.00 20.87 ? 3    LEU B CD1 1 
ATOM   435  C CD2 . LEU B 1 3  ? 7.884   1.406   1.218   1.00 22.31 ? 3    LEU B CD2 1 
ATOM   436  N N   . THR B 1 4  ? 7.234   5.498   -0.780  1.00 13.92 ? 4    THR B N   1 
ATOM   437  C CA  . THR B 1 4  ? 6.648   6.145   -1.906  1.00 12.97 ? 4    THR B CA  1 
ATOM   438  C C   . THR B 1 4  ? 5.905   5.119   -2.791  1.00 13.28 ? 4    THR B C   1 
ATOM   439  O O   . THR B 1 4  ? 6.120   3.900   -2.728  1.00 12.64 ? 4    THR B O   1 
ATOM   440  C CB  . THR B 1 4  ? 7.679   6.835   -2.828  1.00 14.18 ? 4    THR B CB  1 
ATOM   441  O OG1 . THR B 1 4  ? 8.478   5.803   -3.464  1.00 13.38 ? 4    THR B OG1 1 
ATOM   442  C CG2 . THR B 1 4  ? 8.628   7.741   -2.047  1.00 16.27 ? 4    THR B CG2 1 
ATOM   443  N N   . PRO B 1 5  ? 5.059   5.573   -3.746  1.00 14.28 ? 5    PRO B N   1 
ATOM   444  C CA  . PRO B 1 5  ? 4.380   4.613   -4.676  1.00 13.85 ? 5    PRO B CA  1 
ATOM   445  C C   . PRO B 1 5  ? 5.443   3.839   -5.440  1.00 13.70 ? 5    PRO B C   1 
ATOM   446  O O   . PRO B 1 5  ? 5.320   2.596   -5.655  1.00 13.43 ? 5    PRO B O   1 
ATOM   447  C CB  . PRO B 1 5  ? 3.534   5.512   -5.607  1.00 16.50 ? 5    PRO B CB  1 
ATOM   448  C CG  . PRO B 1 5  ? 3.109   6.605   -4.571  1.00 16.17 ? 5    PRO B CG  1 
ATOM   449  C CD  . PRO B 1 5  ? 4.419   6.937   -3.886  1.00 15.77 ? 5    PRO B CD  1 
ATOM   450  N N   . ASN B 1 6  ? 6.513   4.497   -5.892  1.00 13.21 ? 6    ASN B N   1 
ATOM   451  C CA  A ASN B 1 6  ? 7.484   3.728   -6.665  0.50 13.01 ? 6    ASN B CA  1 
ATOM   452  C CA  B ASN B 1 6  ? 7.515   3.734   -6.683  0.50 13.60 ? 6    ASN B CA  1 
ATOM   453  C C   . ASN B 1 6  ? 8.232   2.709   -5.822  1.00 12.05 ? 6    ASN B C   1 
ATOM   454  O O   . ASN B 1 6  ? 8.636   1.648   -6.320  1.00 12.78 ? 6    ASN B O   1 
ATOM   455  C CB  A ASN B 1 6  ? 8.467   4.662   -7.339  0.50 13.58 ? 6    ASN B CB  1 
ATOM   456  C CB  B ASN B 1 6  ? 8.577   4.627   -7.366  0.50 14.82 ? 6    ASN B CB  1 
ATOM   457  C CG  A ASN B 1 6  ? 7.852   5.379   -8.534  0.50 17.13 ? 6    ASN B CG  1 
ATOM   458  C CG  B ASN B 1 6  ? 8.077   5.275   -8.684  0.50 19.48 ? 6    ASN B CG  1 
ATOM   459  O OD1 A ASN B 1 6  ? 6.726   5.090   -8.965  0.50 16.09 ? 6    ASN B OD1 1 
ATOM   460  O OD1 B ASN B 1 6  ? 8.044   4.664   -9.751  0.50 22.39 ? 6    ASN B OD1 1 
ATOM   461  N ND2 A ASN B 1 6  ? 8.615   6.260   -9.086  0.50 19.21 ? 6    ASN B ND2 1 
ATOM   462  N ND2 B ASN B 1 6  ? 7.685   6.501   -8.577  0.50 20.81 ? 6    ASN B ND2 1 
ATOM   463  N N   . ASP B 1 7  ? 8.421   2.962   -4.544  1.00 10.05 ? 7    ASP B N   1 
ATOM   464  C CA  . ASP B 1 7  ? 8.976   1.917   -3.651  1.00 10.52 ? 7    ASP B CA  1 
ATOM   465  C C   . ASP B 1 7  ? 8.129   0.668   -3.679  1.00 10.35 ? 7    ASP B C   1 
ATOM   466  O O   . ASP B 1 7  ? 8.711   -0.424  -3.540  1.00 11.40 ? 7    ASP B O   1 
ATOM   467  C CB  . ASP B 1 7  ? 9.045   2.417   -2.158  1.00 11.56 ? 7    ASP B CB  1 
ATOM   468  C CG  . ASP B 1 7  ? 10.076  3.442   -1.896  1.00 12.81 ? 7    ASP B CG  1 
ATOM   469  O OD1 . ASP B 1 7  ? 11.152  3.442   -2.513  1.00 13.76 ? 7    ASP B OD1 1 
ATOM   470  O OD2 . ASP B 1 7  ? 9.835   4.213   -0.906  1.00 15.89 ? 7    ASP B OD2 1 
ATOM   471  N N   . ILE B 1 8  ? 6.819   0.834   -3.786  1.00 11.38 ? 8    ILE B N   1 
ATOM   472  C CA  . ILE B 1 8  ? 5.950   -0.366  -3.774  1.00 12.35 ? 8    ILE B CA  1 
ATOM   473  C C   . ILE B 1 8  ? 6.210   -1.162  -5.105  1.00 12.89 ? 8    ILE B C   1 
ATOM   474  O O   . ILE B 1 8  ? 6.336   -2.396  -5.030  1.00 14.97 ? 8    ILE B O   1 
ATOM   475  C CB  . ILE B 1 8  ? 4.466   0.056   -3.638  1.00 10.80 ? 8    ILE B CB  1 
ATOM   476  C CG1 . ILE B 1 8  ? 4.312   0.695   -2.263  1.00 12.81 ? 8    ILE B CG1 1 
ATOM   477  C CG2 . ILE B 1 8  ? 3.611   -1.156  -3.856  1.00 14.46 ? 8    ILE B CG2 1 
ATOM   478  C CD1 . ILE B 1 8  ? 2.868   1.351   -2.126  1.00 15.12 ? 8    ILE B CD1 1 
ATOM   479  N N   . HIS B 1 9  ? 6.343   -0.502  -6.242  1.00 12.69 ? 9    HIS B N   1 
ATOM   480  C CA  . HIS B 1 9  ? 6.679   -1.197  -7.479  1.00 13.60 ? 9    HIS B CA  1 
ATOM   481  C C   . HIS B 1 9  ? 8.038   -1.805  -7.461  1.00 14.02 ? 9    HIS B C   1 
ATOM   482  O O   . HIS B 1 9  ? 8.266   -2.882  -8.035  1.00 15.01 ? 9    HIS B O   1 
ATOM   483  C CB  . HIS B 1 9  ? 6.593   -0.178  -8.616  1.00 14.49 ? 9    HIS B CB  1 
ATOM   484  C CG  . HIS B 1 9  ? 6.857   -0.780  -9.966  1.00 17.83 ? 9    HIS B CG  1 
ATOM   485  N ND1 . HIS B 1 9  ? 6.050   -1.754  -10.498 1.00 23.02 ? 9    HIS B ND1 1 
ATOM   486  C CD2 . HIS B 1 9  ? 7.929   -0.674  -10.775 1.00 22.41 ? 9    HIS B CD2 1 
ATOM   487  C CE1 . HIS B 1 9  ? 6.568   -2.137  -11.663 1.00 23.94 ? 9    HIS B CE1 1 
ATOM   488  N NE2 . HIS B 1 9  ? 7.685   -1.467  -11.872 1.00 25.73 ? 9    HIS B NE2 1 
ATOM   489  N N   . ASN B 1 10 ? 8.988   -1.157  -6.797  1.00 12.17 ? 10   ASN B N   1 
ATOM   490  C CA  . ASN B 1 10 ? 10.363  -1.595  -6.843  1.00 11.17 ? 10   ASN B CA  1 
ATOM   491  C C   . ASN B 1 10 ? 10.703  -2.734  -5.865  1.00 11.44 ? 10   ASN B C   1 
ATOM   492  O O   . ASN B 1 10 ? 11.745  -3.387  -5.965  1.00 14.35 ? 10   ASN B O   1 
ATOM   493  C CB  . ASN B 1 10 ? 11.355  -0.436  -6.556  1.00 12.49 ? 10   ASN B CB  1 
ATOM   494  C CG  . ASN B 1 10 ? 11.370  0.656   -7.573  1.00 14.09 ? 10   ASN B CG  1 
ATOM   495  O OD1 . ASN B 1 10 ? 11.756  1.854   -7.223  1.00 16.16 ? 10   ASN B OD1 1 
ATOM   496  N ND2 . ASN B 1 10 ? 10.904  0.416   -8.747  1.00 13.32 ? 10   ASN B ND2 1 
ATOM   497  N N   . LYS B 1 11 ? 9.895   -2.977  -4.821  1.00 11.33 ? 11   LYS B N   1 
ATOM   498  C CA  . LYS B 1 11 ? 10.196  -3.910  -3.796  1.00 12.51 ? 11   LYS B CA  1 
ATOM   499  C C   . LYS B 1 11 ? 10.404  -5.331  -4.386  1.00 11.98 ? 11   LYS B C   1 
ATOM   500  O O   . LYS B 1 11 ? 9.624   -5.765  -5.175  1.00 13.66 ? 11   LYS B O   1 
ATOM   501  C CB  . LYS B 1 11 ? 8.954   -3.907  -2.754  1.00 11.44 ? 11   LYS B CB  1 
ATOM   502  C CG  . LYS B 1 11 ? 9.210   -4.769  -1.518  1.00 13.08 ? 11   LYS B CG  1 
ATOM   503  C CD  . LYS B 1 11 ? 10.328  -4.310  -0.670  1.00 14.66 ? 11   LYS B CD  1 
ATOM   504  C CE  . LYS B 1 11 ? 10.424  -5.232  0.572   1.00 15.41 ? 11   LYS B CE  1 
ATOM   505  N NZ  . LYS B 1 11 ? 11.575  -4.814  1.445   1.00 22.90 ? 11   LYS B NZ  1 
ATOM   506  N N   . THR B 1 12 ? 11.409  -5.962  -3.848  1.00 12.90 ? 12   THR B N   1 
ATOM   507  C CA  . THR B 1 12 ? 11.637  -7.375  -4.203  1.00 14.23 ? 12   THR B CA  1 
ATOM   508  C C   . THR B 1 12 ? 11.473  -8.213  -2.956  1.00 12.79 ? 12   THR B C   1 
ATOM   509  O O   . THR B 1 12 ? 11.611  -7.780  -1.774  1.00 12.17 ? 12   THR B O   1 
ATOM   510  C CB  . THR B 1 12 ? 13.128  -7.560  -4.787  1.00 15.12 ? 12   THR B CB  1 
ATOM   511  O OG1 . THR B 1 12 ? 14.115  -7.260  -3.798  1.00 17.12 ? 12   THR B OG1 1 
ATOM   512  C CG2 . THR B 1 12 ? 13.225  -6.616  -6.048  1.00 18.71 ? 12   THR B CG2 1 
ATOM   513  N N   . PHE B 1 13 ? 11.272  -9.530  -3.222  1.00 10.60 ? 13   PHE B N   1 
ATOM   514  C CA  . PHE B 1 13 ? 11.215  -10.533 -2.167  1.00 10.23 ? 13   PHE B CA  1 
ATOM   515  C C   . PHE B 1 13 ? 12.013  -11.743 -2.582  1.00 9.73  ? 13   PHE B C   1 
ATOM   516  O O   . PHE B 1 13 ? 12.007  -12.151 -3.791  1.00 11.95 ? 13   PHE B O   1 
ATOM   517  C CB  . PHE B 1 13 ? 9.740   -11.016 -1.931  1.00 11.04 ? 13   PHE B CB  1 
ATOM   518  C CG  . PHE B 1 13 ? 8.747   -9.857  -1.743  1.00 9.94  ? 13   PHE B CG  1 
ATOM   519  C CD1 . PHE B 1 13 ? 7.977   -9.418  -2.768  1.00 11.30 ? 13   PHE B CD1 1 
ATOM   520  C CD2 . PHE B 1 13 ? 8.703   -9.202  -0.487  1.00 9.62  ? 13   PHE B CD2 1 
ATOM   521  C CE1 . PHE B 1 13 ? 7.127   -8.303  -2.636  1.00 12.84 ? 13   PHE B CE1 1 
ATOM   522  C CE2 . PHE B 1 13 ? 7.859   -8.114  -0.356  1.00 10.01 ? 13   PHE B CE2 1 
ATOM   523  C CZ  . PHE B 1 13 ? 7.041   -7.658  -1.365  1.00 11.22 ? 13   PHE B CZ  1 
ATOM   524  N N   . THR B 1 14 ? 12.639  -12.382 -1.628  1.00 9.81  ? 14   THR B N   1 
ATOM   525  C CA  . THR B 1 14 ? 13.259  -13.687 -1.855  1.00 9.03  ? 14   THR B CA  1 
ATOM   526  C C   . THR B 1 14 ? 12.176  -14.723 -2.070  1.00 11.08 ? 14   THR B C   1 
ATOM   527  O O   . THR B 1 14 ? 10.994  -14.468 -1.906  1.00 11.36 ? 14   THR B O   1 
ATOM   528  C CB  . THR B 1 14 ? 14.184  -14.132 -0.771  1.00 9.66  ? 14   THR B CB  1 
ATOM   529  O OG1 . THR B 1 14 ? 13.402  -14.377 0.476   1.00 12.93 ? 14   THR B OG1 1 
ATOM   530  C CG2 . THR B 1 14 ? 15.273  -13.112 -0.449  1.00 10.74 ? 14   THR B CG2 1 
ATOM   531  N N   . LYS B 1 15 ? 12.586  -15.888 -2.623  1.00 11.13 ? 15   LYS B N   1 
ATOM   532  C CA  . LYS B 1 15 ? 11.634  -17.002 -2.895  1.00 10.12 ? 15   LYS B CA  1 
ATOM   533  C C   . LYS B 1 15 ? 11.858  -18.078 -1.899  1.00 11.74 ? 15   LYS B C   1 
ATOM   534  O O   . LYS B 1 15 ? 12.917  -18.255 -1.286  1.00 12.91 ? 15   LYS B O   1 
ATOM   535  C CB  . LYS B 1 15 ? 11.916  -17.579 -4.307  1.00 13.31 ? 15   LYS B CB  1 
ATOM   536  C CG  . LYS B 1 15 ? 12.040  -16.541 -5.399  1.00 14.53 ? 15   LYS B CG  1 
ATOM   537  C CD  . LYS B 1 15 ? 10.758  -15.727 -5.466  1.00 14.90 ? 15   LYS B CD  1 
ATOM   538  C CE  . LYS B 1 15 ? 10.893  -14.744 -6.583  1.00 23.20 ? 15   LYS B CE  1 
ATOM   539  N NZ  . LYS B 1 15 ? 11.958  -13.705 -6.404  1.00 24.99 ? 15   LYS B NZ  1 
ATOM   540  N N   . SER B 1 16 ? 10.809  -18.871 -1.662  1.00 11.85 ? 16   SER B N   1 
ATOM   541  C CA  A SER B 1 16 ? 10.726  -19.928 -0.674  0.50 9.95  ? 16   SER B CA  1 
ATOM   542  C CA  B SER B 1 16 ? 10.833  -19.996 -0.657  0.50 12.29 ? 16   SER B CA  1 
ATOM   543  C C   . SER B 1 16 ? 10.082  -21.178 -1.203  1.00 11.00 ? 16   SER B C   1 
ATOM   544  O O   . SER B 1 16 ? 9.339   -21.062 -2.178  1.00 12.77 ? 16   SER B O   1 
ATOM   545  C CB  A SER B 1 16 ? 9.861   -19.333 0.469   0.50 9.61  ? 16   SER B CB  1 
ATOM   546  C CB  B SER B 1 16 ? 10.140  -19.619 0.686   0.50 14.20 ? 16   SER B CB  1 
ATOM   547  O OG  A SER B 1 16 ? 10.651  -18.339 1.098   0.50 9.24  ? 16   SER B OG  1 
ATOM   548  O OG  B SER B 1 16 ? 8.849   -19.242 0.283   0.50 21.88 ? 16   SER B OG  1 
ATOM   549  N N   . PHE B 1 17 ? 10.257  -22.284 -0.482  1.00 11.46 ? 17   PHE B N   1 
ATOM   550  C CA  . PHE B 1 17 ? 9.612   -23.507 -0.899  1.00 12.10 ? 17   PHE B CA  1 
ATOM   551  C C   . PHE B 1 17 ? 8.102   -23.357 -0.941  1.00 9.86  ? 17   PHE B C   1 
ATOM   552  O O   . PHE B 1 17 ? 7.392   -23.806 -1.833  1.00 12.44 ? 17   PHE B O   1 
ATOM   553  C CB  . PHE B 1 17 ? 10.024  -24.664 0.083   1.00 13.04 ? 17   PHE B CB  1 
ATOM   554  C CG  . PHE B 1 17 ? 9.554   -26.038 -0.444  1.00 14.07 ? 17   PHE B CG  1 
ATOM   555  C CD1 . PHE B 1 17 ? 8.267   -26.439 -0.211  1.00 17.98 ? 17   PHE B CD1 1 
ATOM   556  C CD2 . PHE B 1 17 ? 10.381  -26.832 -1.181  1.00 15.01 ? 17   PHE B CD2 1 
ATOM   557  C CE1 . PHE B 1 17 ? 7.718   -27.674 -0.735  1.00 16.83 ? 17   PHE B CE1 1 
ATOM   558  C CE2 . PHE B 1 17 ? 9.932   -28.089 -1.700  1.00 16.15 ? 17   PHE B CE2 1 
ATOM   559  C CZ  . PHE B 1 17 ? 8.637   -28.495 -1.526  1.00 15.35 ? 17   PHE B CZ  1 
ATOM   560  N N   . ARG B 1 18 ? 7.506   -22.826 0.180   1.00 11.53 ? 18   ARG B N   1 
ATOM   561  C CA  . ARG B 1 18 ? 6.148   -22.533 0.277   1.00 11.76 ? 18   ARG B CA  1 
ATOM   562  C C   . ARG B 1 18 ? 6.026   -21.051 0.281   1.00 11.87 ? 18   ARG B C   1 
ATOM   563  O O   . ARG B 1 18 ? 6.113   -20.365 1.419   1.00 15.15 ? 18   ARG B O   1 
ATOM   564  C CB  . ARG B 1 18 ? 5.532   -23.203 1.546   1.00 12.95 ? 18   ARG B CB  1 
ATOM   565  C CG  . ARG B 1 18 ? 4.006   -23.008 1.478   1.00 14.88 ? 18   ARG B CG  1 
ATOM   566  C CD  . ARG B 1 18 ? 3.295   -23.376 2.835   1.00 18.97 ? 18   ARG B CD  1 
ATOM   567  N NE  . ARG B 1 18 ? 3.619   -22.404 3.905   1.00 16.58 ? 18   ARG B NE  1 
ATOM   568  C CZ  . ARG B 1 18 ? 3.649   -22.625 5.211   1.00 21.65 ? 18   ARG B CZ  1 
ATOM   569  N NH1 . ARG B 1 18 ? 3.877   -21.588 6.080   1.00 19.77 ? 18   ARG B NH1 1 
ATOM   570  N NH2 . ARG B 1 18 ? 3.342   -23.896 5.599   1.00 22.38 ? 18   ARG B NH2 1 
ATOM   571  N N   . GLY B 1 19 ? 5.830   -20.377 -0.831  1.00 10.34 ? 19   GLY B N   1 
ATOM   572  C CA  . GLY B 1 19 ? 5.704   -18.957 -0.882  1.00 10.54 ? 19   GLY B CA  1 
ATOM   573  C C   . GLY B 1 19 ? 4.369   -18.498 -1.375  1.00 9.14  ? 19   GLY B C   1 
ATOM   574  O O   . GLY B 1 19 ? 3.459   -19.308 -1.546  1.00 10.89 ? 19   GLY B O   1 
ATOM   575  N N   . TYR B 1 20 ? 4.242   -17.226 -1.640  1.00 9.18  ? 20   TYR B N   1 
ATOM   576  C CA  . TYR B 1 20 ? 3.042   -16.647 -2.225  1.00 9.63  ? 20   TYR B CA  1 
ATOM   577  C C   . TYR B 1 20 ? 3.189   -16.561 -3.769  1.00 11.48 ? 20   TYR B C   1 
ATOM   578  O O   . TYR B 1 20 ? 4.261   -16.167 -4.269  1.00 10.88 ? 20   TYR B O   1 
ATOM   579  C CB  . TYR B 1 20 ? 2.793   -15.246 -1.650  1.00 11.17 ? 20   TYR B CB  1 
ATOM   580  C CG  . TYR B 1 20 ? 2.342   -15.081 -0.227  1.00 10.14 ? 20   TYR B CG  1 
ATOM   581  C CD1 . TYR B 1 20 ? 1.286   -15.850 0.302   1.00 9.92  ? 20   TYR B CD1 1 
ATOM   582  C CD2 . TYR B 1 20 ? 2.871   -14.033 0.478   1.00 10.42 ? 20   TYR B CD2 1 
ATOM   583  C CE1 . TYR B 1 20 ? 0.797   -15.595 1.565   1.00 10.75 ? 20   TYR B CE1 1 
ATOM   584  C CE2 . TYR B 1 20 ? 2.313   -13.685 1.767   1.00 10.20 ? 20   TYR B CE2 1 
ATOM   585  C CZ  . TYR B 1 20 ? 1.286   -14.478 2.182   1.00 9.56  ? 20   TYR B CZ  1 
ATOM   586  O OH  . TYR B 1 20 ? 0.685   -14.225 3.477   1.00 12.17 ? 20   TYR B OH  1 
ATOM   587  N N   . ASP B 1 21 ? 2.106   -16.856 -4.428  1.00 10.40 ? 21   ASP B N   1 
ATOM   588  C CA  . ASP B 1 21 ? 2.092   -16.729 -5.899  1.00 10.93 ? 21   ASP B CA  1 
ATOM   589  C C   . ASP B 1 21 ? 2.534   -15.353 -6.306  1.00 10.55 ? 21   ASP B C   1 
ATOM   590  O O   . ASP B 1 21 ? 1.963   -14.352 -5.931  1.00 10.93 ? 21   ASP B O   1 
ATOM   591  C CB  . ASP B 1 21 ? 0.666   -17.017 -6.390  1.00 12.41 ? 21   ASP B CB  1 
ATOM   592  C CG  . ASP B 1 21 ? 0.600   -17.020 -7.924  1.00 17.27 ? 21   ASP B CG  1 
ATOM   593  O OD1 . ASP B 1 21 ? 0.358   -15.988 -8.465  1.00 16.61 ? 21   ASP B OD1 1 
ATOM   594  O OD2 . ASP B 1 21 ? 0.950   -18.064 -8.503  1.00 22.16 ? 21   ASP B OD2 1 
ATOM   595  N N   . GLU B 1 22 ? 3.574   -15.320 -7.162  1.00 10.96 ? 22   GLU B N   1 
ATOM   596  C CA  . GLU B 1 22 ? 4.179   -13.993 -7.537  1.00 12.74 ? 22   GLU B CA  1 
ATOM   597  C C   . GLU B 1 22 ? 3.246   -13.154 -8.313  1.00 12.55 ? 22   GLU B C   1 
ATOM   598  O O   . GLU B 1 22 ? 3.200   -11.953 -8.108  1.00 12.86 ? 22   GLU B O   1 
ATOM   599  C CB  . GLU B 1 22 ? 5.489   -14.188 -8.376  1.00 13.84 ? 22   GLU B CB  1 
ATOM   600  C CG  . GLU B 1 22 ? 6.504   -14.943 -7.629  1.00 17.19 ? 22   GLU B CG  1 
ATOM   601  C CD  . GLU B 1 22 ? 7.362   -15.817 -8.440  1.00 30.66 ? 22   GLU B CD  1 
ATOM   602  O OE1 . GLU B 1 22 ? 8.202   -15.232 -9.143  1.00 33.97 ? 22   GLU B OE1 1 
ATOM   603  O OE2 . GLU B 1 22 ? 7.188   -17.058 -8.438  1.00 32.00 ? 22   GLU B OE2 1 
ATOM   604  N N   . ASP B 1 23 ? 2.497   -13.787 -9.226  1.00 12.79 ? 23   ASP B N   1 
ATOM   605  C CA  . ASP B 1 23 ? 1.576   -12.946 -10.035 1.00 14.95 ? 23   ASP B CA  1 
ATOM   606  C C   . ASP B 1 23 ? 0.511   -12.272 -9.221  1.00 13.57 ? 23   ASP B C   1 
ATOM   607  O O   . ASP B 1 23 ? 0.214   -11.112 -9.340  1.00 15.41 ? 23   ASP B O   1 
ATOM   608  C CB  . ASP B 1 23 ? 0.935   -13.784 -11.211 1.00 17.36 ? 23   ASP B CB  1 
ATOM   609  C CG  . ASP B 1 23 ? 1.956   -14.165 -12.301 1.00 23.84 ? 23   ASP B CG  1 
ATOM   610  O OD1 . ASP B 1 23 ? 2.911   -13.416 -12.559 1.00 22.94 ? 23   ASP B OD1 1 
ATOM   611  O OD2 . ASP B 1 23 ? 1.835   -15.338 -12.793 1.00 30.35 ? 23   ASP B OD2 1 
ATOM   612  N N   . GLU B 1 24 ? -0.029  -13.061 -8.272  1.00 11.74 ? 24   GLU B N   1 
ATOM   613  C CA  . GLU B 1 24 ? -1.043  -12.492 -7.363  1.00 11.40 ? 24   GLU B CA  1 
ATOM   614  C C   . GLU B 1 24 ? -0.453  -11.367 -6.476  1.00 11.25 ? 24   GLU B C   1 
ATOM   615  O O   . GLU B 1 24 ? -1.119  -10.334 -6.297  1.00 13.38 ? 24   GLU B O   1 
ATOM   616  C CB  . GLU B 1 24 ? -1.665  -13.520 -6.457  1.00 12.46 ? 24   GLU B CB  1 
ATOM   617  C CG  . GLU B 1 24 ? -2.417  -14.647 -7.106  1.00 13.98 ? 24   GLU B CG  1 
ATOM   618  C CD  . GLU B 1 24 ? -3.196  -15.505 -6.138  1.00 15.72 ? 24   GLU B CD  1 
ATOM   619  O OE1 . GLU B 1 24 ? -3.191  -15.292 -4.911  1.00 17.73 ? 24   GLU B OE1 1 
ATOM   620  O OE2 . GLU B 1 24 ? -3.761  -16.521 -6.628  1.00 18.33 ? 24   GLU B OE2 1 
ATOM   621  N N   . VAL B 1 25 ? 0.758   -11.609 -5.989  1.00 11.18 ? 25   VAL B N   1 
ATOM   622  C CA  . VAL B 1 25 ? 1.325   -10.486 -5.183  1.00 11.78 ? 25   VAL B CA  1 
ATOM   623  C C   . VAL B 1 25 ? 1.567   -9.230  -6.000  1.00 11.65 ? 25   VAL B C   1 
ATOM   624  O O   . VAL B 1 25 ? 1.270   -8.115  -5.606  1.00 12.77 ? 25   VAL B O   1 
ATOM   625  C CB  . VAL B 1 25 ? 2.569   -10.948 -4.476  1.00 12.17 ? 25   VAL B CB  1 
ATOM   626  C CG1 . VAL B 1 25 ? 3.368   -9.799  -3.804  1.00 13.68 ? 25   VAL B CG1 1 
ATOM   627  C CG2 . VAL B 1 25 ? 2.300   -12.041 -3.384  1.00 11.71 ? 25   VAL B CG2 1 
ATOM   628  N N   . ASN B 1 26 ? 2.131   -9.474  -7.208  1.00 12.21 ? 26   ASN B N   1 
ATOM   629  C CA  . ASN B 1 26 ? 2.490   -8.286  -8.038  1.00 13.51 ? 26   ASN B CA  1 
ATOM   630  C C   . ASN B 1 26 ? 1.194   -7.586  -8.438  1.00 13.31 ? 26   ASN B C   1 
ATOM   631  O O   . ASN B 1 26 ? 1.161   -6.334  -8.480  1.00 15.48 ? 26   ASN B O   1 
ATOM   632  C CB  . ASN B 1 26 ? 3.226   -8.736  -9.284  1.00 13.36 ? 26   ASN B CB  1 
ATOM   633  C CG  . ASN B 1 26 ? 4.620   -9.286  -9.045  1.00 15.74 ? 26   ASN B CG  1 
ATOM   634  O OD1 . ASN B 1 26 ? 5.154   -10.133 -9.864  1.00 22.55 ? 26   ASN B OD1 1 
ATOM   635  N ND2 . ASN B 1 26 ? 5.201   -8.907  -8.050  1.00 14.19 ? 26   ASN B ND2 1 
ATOM   636  N N   . GLU B 1 27 ? 0.113   -8.313  -8.738  1.00 12.62 ? 27   GLU B N   1 
ATOM   637  C CA  . GLU B 1 27 ? -1.097  -7.647  -9.184  1.00 16.31 ? 27   GLU B CA  1 
ATOM   638  C C   . GLU B 1 27 ? -1.687  -6.853  -8.010  1.00 15.27 ? 27   GLU B C   1 
ATOM   639  O O   . GLU B 1 27 ? -2.139  -5.693  -8.173  1.00 16.39 ? 27   GLU B O   1 
ATOM   640  C CB  . GLU B 1 27 ? -2.096  -8.705  -9.700  1.00 17.76 ? 27   GLU B CB  1 
ATOM   641  C CG  . GLU B 1 27 ? -1.590  -9.185  -11.082 1.00 25.31 ? 27   GLU B CG  1 
ATOM   642  C CD  . GLU B 1 27 ? -2.392  -10.282 -11.726 1.00 33.07 ? 27   GLU B CD  1 
ATOM   643  O OE1 . GLU B 1 27 ? -3.577  -10.532 -11.342 1.00 35.22 ? 27   GLU B OE1 1 
ATOM   644  O OE2 . GLU B 1 27 ? -1.807  -10.886 -12.681 1.00 37.89 ? 27   GLU B OE2 1 
ATOM   645  N N   . PHE B 1 28 ? -1.646  -7.409  -6.789  1.00 13.43 ? 28   PHE B N   1 
ATOM   646  C CA  . PHE B 1 28 ? -2.155  -6.696  -5.673  1.00 13.04 ? 28   PHE B CA  1 
ATOM   647  C C   . PHE B 1 28 ? -1.321  -5.432  -5.394  1.00 13.07 ? 28   PHE B C   1 
ATOM   648  O O   . PHE B 1 28 ? -1.898  -4.354  -5.109  1.00 14.15 ? 28   PHE B O   1 
ATOM   649  C CB  . PHE B 1 28 ? -2.210  -7.615  -4.445  1.00 14.27 ? 28   PHE B CB  1 
ATOM   650  C CG  . PHE B 1 28 ? -2.758  -6.985  -3.274  1.00 14.79 ? 28   PHE B CG  1 
ATOM   651  C CD1 . PHE B 1 28 ? -4.120  -6.653  -3.235  1.00 16.97 ? 28   PHE B CD1 1 
ATOM   652  C CD2 . PHE B 1 28 ? -1.916  -6.642  -2.129  1.00 14.27 ? 28   PHE B CD2 1 
ATOM   653  C CE1 . PHE B 1 28 ? -4.734  -6.097  -2.065  1.00 18.47 ? 28   PHE B CE1 1 
ATOM   654  C CE2 . PHE B 1 28 ? -2.533  -6.028  -0.987  1.00 16.34 ? 28   PHE B CE2 1 
ATOM   655  C CZ  . PHE B 1 28 ? -3.913  -5.771  -1.002  1.00 19.15 ? 28   PHE B CZ  1 
ATOM   656  N N   . LEU B 1 29 ? -0.011  -5.558  -5.433  1.00 12.87 ? 29   LEU B N   1 
ATOM   657  C CA  . LEU B 1 29 ? 0.814   -4.372  -5.151  1.00 12.87 ? 29   LEU B CA  1 
ATOM   658  C C   . LEU B 1 29 ? 0.664   -3.312  -6.217  1.00 14.64 ? 29   LEU B C   1 
ATOM   659  O O   . LEU B 1 29 ? 0.787   -2.148  -5.902  1.00 15.53 ? 29   LEU B O   1 
ATOM   660  C CB  . LEU B 1 29 ? 2.310   -4.806  -4.973  1.00 14.32 ? 29   LEU B CB  1 
ATOM   661  C CG  . LEU B 1 29 ? 2.534   -5.662  -3.732  1.00 15.14 ? 29   LEU B CG  1 
ATOM   662  C CD1 . LEU B 1 29 ? 4.028   -6.072  -3.693  1.00 16.54 ? 29   LEU B CD1 1 
ATOM   663  C CD2 . LEU B 1 29 ? 2.179   -4.927  -2.414  1.00 16.45 ? 29   LEU B CD2 1 
ATOM   664  N N   . ALA B 1 30 ? 0.299   -3.698  -7.433  1.00 13.07 ? 30   ALA B N   1 
ATOM   665  C CA  . ALA B 1 30 ? 0.065   -2.707  -8.507  1.00 13.88 ? 30   ALA B CA  1 
ATOM   666  C C   . ALA B 1 30 ? -1.186  -1.971  -8.178  1.00 16.17 ? 30   ALA B C   1 
ATOM   667  O O   . ALA B 1 30 ? -1.177  -0.699  -8.316  1.00 17.26 ? 30   ALA B O   1 
ATOM   668  C CB  . ALA B 1 30 ? 0.017   -3.359  -9.835  1.00 15.53 ? 30   ALA B CB  1 
ATOM   669  N N   . GLN B 1 31 ? -2.185  -2.603  -7.626  1.00 13.88 ? 31   GLN B N   1 
ATOM   670  C CA  . GLN B 1 31 ? -3.405  -1.939  -7.228  1.00 16.01 ? 31   GLN B CA  1 
ATOM   671  C C   . GLN B 1 31 ? -3.196  -1.039  -6.042  1.00 16.57 ? 31   GLN B C   1 
ATOM   672  O O   . GLN B 1 31 ? -3.624  0.111   -6.067  1.00 17.17 ? 31   GLN B O   1 
ATOM   673  C CB  . GLN B 1 31 ? -4.537  -3.011  -6.905  1.00 19.27 ? 31   GLN B CB  1 
ATOM   674  C CG  . GLN B 1 31 ? -5.940  -2.371  -6.812  1.00 26.02 ? 31   GLN B CG  1 
ATOM   675  C CD  . GLN B 1 31 ? -6.972  -3.395  -6.254  1.00 33.98 ? 31   GLN B CD  1 
ATOM   676  O OE1 . GLN B 1 31 ? -8.114  -3.024  -5.853  1.00 39.14 ? 31   GLN B OE1 1 
ATOM   677  N NE2 . GLN B 1 31 ? -6.565  -4.685  -6.190  1.00 35.56 ? 31   GLN B NE2 1 
ATOM   678  N N   . VAL B 1 32 ? -2.491  -1.533  -5.005  1.00 15.66 ? 32   VAL B N   1 
ATOM   679  C CA  . VAL B 1 32 ? -2.169  -0.649  -3.867  1.00 17.85 ? 32   VAL B CA  1 
ATOM   680  C C   . VAL B 1 32 ? -1.338  0.528   -4.343  1.00 16.33 ? 32   VAL B C   1 
ATOM   681  O O   . VAL B 1 32 ? -1.620  1.683   -3.896  1.00 18.82 ? 32   VAL B O   1 
ATOM   682  C CB  . VAL B 1 32 ? -1.294  -1.468  -2.853  1.00 20.54 ? 32   VAL B CB  1 
ATOM   683  C CG1 . VAL B 1 32 ? -0.988  -0.491  -1.651  1.00 23.09 ? 32   VAL B CG1 1 
ATOM   684  C CG2 . VAL B 1 32 ? -2.051  -2.616  -2.302  1.00 23.53 ? 32   VAL B CG2 1 
ATOM   685  N N   . ARG B 1 33 ? -0.381  0.376   -5.231  1.00 15.18 ? 33   ARG B N   1 
ATOM   686  C CA  . ARG B 1 33 ? 0.454   1.521   -5.701  1.00 16.21 ? 33   ARG B CA  1 
ATOM   687  C C   . ARG B 1 33 ? -0.438  2.549   -6.339  1.00 17.91 ? 33   ARG B C   1 
ATOM   688  O O   . ARG B 1 33 ? -0.279  3.773   -6.019  1.00 17.40 ? 33   ARG B O   1 
ATOM   689  C CB  . ARG B 1 33 ? 1.527   1.057   -6.609  1.00 17.99 ? 33   ARG B CB  1 
ATOM   690  C CG  . ARG B 1 33 ? 2.334   2.210   -7.234  1.00 20.59 ? 33   ARG B CG  1 
ATOM   691  C CD  . ARG B 1 33 ? 3.159   1.611   -8.414  1.00 27.68 ? 33   ARG B CD  1 
ATOM   692  N NE  . ARG B 1 33 ? 4.076   2.577   -9.067  1.00 36.28 ? 33   ARG B NE  1 
ATOM   693  C CZ  . ARG B 1 33 ? 4.570   2.456   -10.307 1.00 37.62 ? 33   ARG B CZ  1 
ATOM   694  N NH1 . ARG B 1 33 ? 4.251   1.433   -11.108 1.00 39.99 ? 33   ARG B NH1 1 
ATOM   695  N NH2 . ARG B 1 33 ? 5.451   3.356   -10.747 1.00 41.66 ? 33   ARG B NH2 1 
ATOM   696  N N   . LYS B 1 34 ? -1.339  2.104   -7.229  1.00 17.44 ? 34   LYS B N   1 
ATOM   697  C CA  . LYS B 1 34 ? -2.189  3.097   -7.921  1.00 19.08 ? 34   LYS B CA  1 
ATOM   698  C C   . LYS B 1 34 ? -3.096  3.811   -6.989  1.00 18.98 ? 34   LYS B C   1 
ATOM   699  O O   . LYS B 1 34 ? -3.247  5.054   -7.090  1.00 18.79 ? 34   LYS B O   1 
ATOM   700  C CB  . LYS B 1 34 ? -2.958  2.345   -9.000  1.00 21.96 ? 34   LYS B CB  1 
ATOM   701  C CG  . LYS B 1 34 ? -2.048  1.972   -10.179 1.00 26.40 ? 34   LYS B CG  1 
ATOM   702  C CD  . LYS B 1 34 ? -2.847  1.400   -11.412 1.00 33.38 ? 34   LYS B CD  1 
ATOM   703  C CE  . LYS B 1 34 ? -1.983  0.897   -12.583 1.00 37.96 ? 34   LYS B CE  1 
ATOM   704  N NZ  . LYS B 1 34 ? -1.883  -0.597  -12.561 1.00 39.83 ? 34   LYS B NZ  1 
ATOM   705  N N   . ASP B 1 35 ? -3.668  3.146   -6.007  1.00 17.53 ? 35   ASP B N   1 
ATOM   706  C CA  . ASP B 1 35 ? -4.600  3.732   -5.038  1.00 19.05 ? 35   ASP B CA  1 
ATOM   707  C C   . ASP B 1 35 ? -3.845  4.709   -4.169  1.00 19.24 ? 35   ASP B C   1 
ATOM   708  O O   . ASP B 1 35 ? -4.324  5.817   -3.766  1.00 22.24 ? 35   ASP B O   1 
ATOM   709  C CB  . ASP B 1 35 ? -5.348  2.656   -4.246  1.00 21.29 ? 35   ASP B CB  1 
ATOM   710  C CG  . ASP B 1 35 ? -6.399  1.955   -5.084  1.00 25.27 ? 35   ASP B CG  1 
ATOM   711  O OD1 . ASP B 1 35 ? -6.710  2.417   -6.193  1.00 29.63 ? 35   ASP B OD1 1 
ATOM   712  O OD2 . ASP B 1 35 ? -6.872  0.895   -4.675  1.00 28.39 ? 35   ASP B OD2 1 
ATOM   713  N N   . TYR B 1 36 ? -2.692  4.313   -3.717  1.00 17.68 ? 36   TYR B N   1 
ATOM   714  C CA  . TYR B 1 36 ? -1.789  5.159   -2.850  1.00 16.48 ? 36   TYR B CA  1 
ATOM   715  C C   . TYR B 1 36 ? -1.390  6.436   -3.584  1.00 16.72 ? 36   TYR B C   1 
ATOM   716  O O   . TYR B 1 36 ? -1.458  7.494   -2.972  1.00 18.23 ? 36   TYR B O   1 
ATOM   717  C CB  . TYR B 1 36 ? -0.559  4.314   -2.428  1.00 15.80 ? 36   TYR B CB  1 
ATOM   718  C CG  . TYR B 1 36 ? 0.353   4.926   -1.424  1.00 16.13 ? 36   TYR B CG  1 
ATOM   719  C CD1 . TYR B 1 36 ? 1.731   4.804   -1.542  1.00 16.35 ? 36   TYR B CD1 1 
ATOM   720  C CD2 . TYR B 1 36 ? -0.132  5.537   -0.259  1.00 16.85 ? 36   TYR B CD2 1 
ATOM   721  C CE1 . TYR B 1 36 ? 2.639   5.258   -0.622  1.00 16.54 ? 36   TYR B CE1 1 
ATOM   722  C CE2 . TYR B 1 36 ? 0.722   6.016   0.729   1.00 17.46 ? 36   TYR B CE2 1 
ATOM   723  C CZ  . TYR B 1 36 ? 2.127   5.851   0.539   1.00 15.07 ? 36   TYR B CZ  1 
ATOM   724  O OH  . TYR B 1 36 ? 3.037   6.334   1.427   1.00 17.60 ? 36   TYR B OH  1 
ATOM   725  N N   . GLU B 1 37 ? -0.980  6.331   -4.857  1.00 17.36 ? 37   GLU B N   1 
ATOM   726  C CA  . GLU B 1 37 ? -0.552  7.527   -5.590  1.00 18.37 ? 37   GLU B CA  1 
ATOM   727  C C   . GLU B 1 37 ? -1.807  8.422   -5.691  1.00 19.00 ? 37   GLU B C   1 
ATOM   728  O O   . GLU B 1 37 ? -1.649  9.663   -5.545  1.00 19.97 ? 37   GLU B O   1 
ATOM   729  C CB  . GLU B 1 37 ? -0.063  7.029   -6.915  1.00 19.05 ? 37   GLU B CB  1 
ATOM   730  C CG  . GLU B 1 37 ? 0.555   8.127   -7.814  1.00 25.90 ? 37   GLU B CG  1 
ATOM   731  C CD  . GLU B 1 37 ? 1.270   7.360   -8.921  1.00 33.33 ? 37   GLU B CD  1 
ATOM   732  O OE1 . GLU B 1 37 ? 0.567   6.921   -9.879  1.00 37.92 ? 37   GLU B OE1 1 
ATOM   733  O OE2 . GLU B 1 37 ? 2.490   7.058   -8.738  1.00 37.06 ? 37   GLU B OE2 1 
ATOM   734  N N   . ILE B 1 38 ? -3.027  7.896   -5.882  1.00 19.41 ? 38   ILE B N   1 
ATOM   735  C CA  . ILE B 1 38 ? -4.280  8.764   -6.013  1.00 21.72 ? 38   ILE B CA  1 
ATOM   736  C C   . ILE B 1 38 ? -4.517  9.434   -4.703  1.00 21.33 ? 38   ILE B C   1 
ATOM   737  O O   . ILE B 1 38 ? -4.694  10.709  -4.696  1.00 23.12 ? 38   ILE B O   1 
ATOM   738  C CB  . ILE B 1 38 ? -5.499  7.965   -6.489  1.00 22.55 ? 38   ILE B CB  1 
ATOM   739  C CG1 . ILE B 1 38 ? -5.234  7.667   -7.917  1.00 24.38 ? 38   ILE B CG1 1 
ATOM   740  C CG2 . ILE B 1 38 ? -6.731  8.830   -6.466  1.00 23.89 ? 38   ILE B CG2 1 
ATOM   741  C CD1 . ILE B 1 38 ? -5.971  6.461   -8.478  1.00 28.83 ? 38   ILE B CD1 1 
ATOM   742  N N   . VAL B 1 39 ? -4.463  8.750   -3.564  1.00 22.24 ? 39   VAL B N   1 
ATOM   743  C CA  . VAL B 1 39 ? -4.737  9.419   -2.286  1.00 21.70 ? 39   VAL B CA  1 
ATOM   744  C C   . VAL B 1 39 ? -3.657  10.478  -1.933  1.00 20.89 ? 39   VAL B C   1 
ATOM   745  O O   . VAL B 1 39 ? -3.974  11.570  -1.376  1.00 20.33 ? 39   VAL B O   1 
ATOM   746  C CB  . VAL B 1 39 ? -5.011  8.489   -1.098  1.00 24.04 ? 39   VAL B CB  1 
ATOM   747  C CG1 . VAL B 1 39 ? -3.859  7.719   -0.767  1.00 25.99 ? 39   VAL B CG1 1 
ATOM   748  C CG2 . VAL B 1 39 ? -5.412  9.263   0.125   1.00 25.11 ? 39   VAL B CG2 1 
ATOM   749  N N   . LEU B 1 40 ? -2.389  10.217  -2.214  1.00 18.26 ? 40   LEU B N   1 
ATOM   750  C CA  . LEU B 1 40 ? -1.343  11.201  -2.077  1.00 19.65 ? 40   LEU B CA  1 
ATOM   751  C C   . LEU B 1 40 ? -1.663  12.431  -2.925  1.00 19.03 ? 40   LEU B C   1 
ATOM   752  O O   . LEU B 1 40 ? -1.472  13.513  -2.367  1.00 21.87 ? 40   LEU B O   1 
ATOM   753  C CB  . LEU B 1 40 ? 0.041   10.600  -2.482  1.00 17.90 ? 40   LEU B CB  1 
ATOM   754  C CG  . LEU B 1 40 ? 0.520   9.623   -1.421  1.00 16.31 ? 40   LEU B CG  1 
ATOM   755  C CD1 . LEU B 1 40 ? 1.747   8.878   -2.058  1.00 18.65 ? 40   LEU B CD1 1 
ATOM   756  C CD2 . LEU B 1 40 ? 1.092   10.349  -0.198  1.00 20.31 ? 40   LEU B CD2 1 
ATOM   757  N N   . ARG B 1 41 ? -2.109  12.265  -4.153  1.00 21.62 ? 41   ARG B N   1 
ATOM   758  C CA  . ARG B 1 41 ? -2.469  13.429  -5.013  1.00 23.44 ? 41   ARG B CA  1 
ATOM   759  C C   . ARG B 1 41 ? -3.606  14.175  -4.360  1.00 24.00 ? 41   ARG B C   1 
ATOM   760  O O   . ARG B 1 41 ? -3.488  15.419  -4.274  1.00 24.54 ? 41   ARG B O   1 
ATOM   761  C CB  . ARG B 1 41 ? -2.777  13.020  -6.418  1.00 25.18 ? 41   ARG B CB  1 
ATOM   762  C CG  . ARG B 1 41 ? -2.692  14.273  -7.413  1.00 28.47 ? 41   ARG B CG  1 
ATOM   763  C CD  . ARG B 1 41 ? -3.702  14.213  -8.569  1.00 34.55 ? 41   ARG B CD  1 
ATOM   764  N NE  . ARG B 1 41 ? -3.951  12.895  -9.174  1.00 39.09 ? 41   ARG B NE  1 
ATOM   765  C CZ  . ARG B 1 41 ? -5.082  12.213  -8.986  1.00 37.81 ? 41   ARG B CZ  1 
ATOM   766  N NH1 . ARG B 1 41 ? -5.260  11.025  -9.549  1.00 39.82 ? 41   ARG B NH1 1 
ATOM   767  N NH2 . ARG B 1 41 ? -6.045  12.742  -8.230  1.00 40.33 ? 41   ARG B NH2 1 
ATOM   768  N N   . LYS B 1 42 ? -4.639  13.487  -3.861  1.00 22.02 ? 42   LYS B N   1 
ATOM   769  C CA  . LYS B 1 42 ? -5.810  14.165  -3.254  1.00 22.35 ? 42   LYS B CA  1 
ATOM   770  C C   . LYS B 1 42 ? -5.380  14.935  -2.004  1.00 24.05 ? 42   LYS B C   1 
ATOM   771  O O   . LYS B 1 42 ? -5.800  16.141  -1.783  1.00 25.41 ? 42   LYS B O   1 
ATOM   772  C CB  . LYS B 1 42 ? -6.930  13.211  -2.923  1.00 23.60 ? 42   LYS B CB  1 
ATOM   773  C CG  . LYS B 1 42 ? -7.581  12.722  -4.178  1.00 25.78 ? 42   LYS B CG  1 
ATOM   774  C CD  . LYS B 1 42 ? -8.673  11.780  -3.892  1.00 29.78 ? 42   LYS B CD  1 
ATOM   775  C CE  . LYS B 1 42 ? -9.114  11.179  -5.238  1.00 32.71 ? 42   LYS B CE  1 
ATOM   776  N NZ  . LYS B 1 42 ? -10.284 10.358  -4.822  1.00 36.42 ? 42   LYS B NZ  1 
ATOM   777  N N   . LYS B 1 43 ? -4.504  14.344  -1.180  1.00 22.05 ? 43   LYS B N   1 
ATOM   778  C CA  . LYS B 1 43 ? -4.042  14.958  0.004   1.00 23.31 ? 43   LYS B CA  1 
ATOM   779  C C   . LYS B 1 43 ? -3.283  16.259  -0.410  1.00 23.49 ? 43   LYS B C   1 
ATOM   780  O O   . LYS B 1 43 ? -3.490  17.288  0.230   1.00 23.63 ? 43   LYS B O   1 
ATOM   781  C CB  . LYS B 1 43 ? -3.147  13.926  0.767   1.00 23.14 ? 43   LYS B CB  1 
ATOM   782  C CG  . LYS B 1 43 ? -2.659  14.455  2.061   1.00 24.13 ? 43   LYS B CG  1 
ATOM   783  C CD  . LYS B 1 43 ? -1.398  15.180  1.953   1.00 26.48 ? 43   LYS B CD  1 
ATOM   784  C CE  . LYS B 1 43 ? -0.280  14.273  1.334   1.00 31.04 ? 43   LYS B CE  1 
ATOM   785  N NZ  . LYS B 1 43 ? 1.093   14.890  1.526   1.00 36.92 ? 43   LYS B NZ  1 
ATOM   786  N N   . THR B 1 44 ? -2.421  16.221  -1.420  1.00 23.15 ? 44   THR B N   1 
ATOM   787  C CA  . THR B 1 44 ? -1.585  17.355  -1.892  1.00 25.02 ? 44   THR B CA  1 
ATOM   788  C C   . THR B 1 44 ? -2.535  18.506  -2.369  1.00 26.05 ? 44   THR B C   1 
ATOM   789  O O   . THR B 1 44 ? -2.363  19.674  -1.968  1.00 25.70 ? 44   THR B O   1 
ATOM   790  C CB  . THR B 1 44 ? -0.618  16.868  -3.006  1.00 25.77 ? 44   THR B CB  1 
ATOM   791  O OG1 . THR B 1 44 ? 0.362   16.027  -2.358  1.00 27.57 ? 44   THR B OG1 1 
ATOM   792  C CG2 . THR B 1 44 ? 0.135   18.097  -3.613  1.00 27.56 ? 44   THR B CG2 1 
ATOM   793  N N   . GLU B 1 45 ? -3.600  18.120  -3.069  1.00 26.20 ? 45   GLU B N   1 
ATOM   794  C CA  . GLU B 1 45 ? -4.661  19.092  -3.586  1.00 28.54 ? 45   GLU B CA  1 
ATOM   795  C C   . GLU B 1 45 ? -5.364  19.727  -2.427  1.00 29.87 ? 45   GLU B C   1 
ATOM   796  O O   . GLU B 1 45 ? -5.541  20.988  -2.408  1.00 31.40 ? 45   GLU B O   1 
ATOM   797  C CB  . GLU B 1 45 ? -5.639  18.362  -4.478  1.00 28.28 ? 45   GLU B CB  1 
ATOM   798  C CG  . GLU B 1 45 ? -5.057  18.166  -5.847  1.00 30.75 ? 45   GLU B CG  1 
ATOM   799  C CD  . GLU B 1 45 ? -5.748  17.088  -6.648  1.00 35.00 ? 45   GLU B CD  1 
ATOM   800  O OE1 . GLU B 1 45 ? -6.783  16.561  -6.174  1.00 35.19 ? 45   GLU B OE1 1 
ATOM   801  O OE2 . GLU B 1 45 ? -5.230  16.756  -7.761  1.00 39.42 ? 45   GLU B OE2 1 
ATOM   802  N N   . LEU B 1 46 ? -5.738  18.950  -1.415  1.00 28.77 ? 46   LEU B N   1 
ATOM   803  C CA  . LEU B 1 46 ? -6.362  19.486  -0.215  1.00 29.26 ? 46   LEU B CA  1 
ATOM   804  C C   . LEU B 1 46 ? -5.452  20.418  0.545   1.00 29.65 ? 46   LEU B C   1 
ATOM   805  O O   . LEU B 1 46 ? -5.915  21.466  1.064   1.00 29.70 ? 46   LEU B O   1 
ATOM   806  C CB  . LEU B 1 46 ? -6.910  18.411  0.687   1.00 28.35 ? 46   LEU B CB  1 
ATOM   807  C CG  . LEU B 1 46 ? -8.258  17.815  0.381   1.00 30.63 ? 46   LEU B CG  1 
ATOM   808  C CD1 . LEU B 1 46 ? -8.442  16.384  1.028   1.00 29.41 ? 46   LEU B CD1 1 
ATOM   809  C CD2 . LEU B 1 46 ? -9.300  18.768  0.998   1.00 27.78 ? 46   LEU B CD2 1 
ATOM   810  N N   . GLU B 1 47 ? -4.159  20.149  0.573   1.00 28.66 ? 47   GLU B N   1 
ATOM   811  C CA  . GLU B 1 47 ? -3.291  20.979  1.381   1.00 31.45 ? 47   GLU B CA  1 
ATOM   812  C C   . GLU B 1 47 ? -3.262  22.362  0.712   1.00 31.31 ? 47   GLU B C   1 
ATOM   813  O O   . GLU B 1 47 ? -3.207  23.363  1.426   1.00 30.23 ? 47   GLU B O   1 
ATOM   814  C CB  . GLU B 1 47 ? -1.878  20.421  1.446   1.00 31.76 ? 47   GLU B CB  1 
ATOM   815  C CG  . GLU B 1 47 ? -1.848  19.148  2.251   1.00 36.45 ? 47   GLU B CG  1 
ATOM   816  C CD  . GLU B 1 47 ? -0.754  19.090  3.289   1.00 41.91 ? 47   GLU B CD  1 
ATOM   817  O OE1 . GLU B 1 47 ? 0.426   18.848  2.914   1.00 41.90 ? 47   GLU B OE1 1 
ATOM   818  O OE2 . GLU B 1 47 ? -1.091  19.246  4.503   1.00 44.29 ? 47   GLU B OE2 1 
ATOM   819  N N   . ALA B 1 48 ? -3.201  22.355  -0.621  1.00 32.17 ? 48   ALA B N   1 
ATOM   820  C CA  . ALA B 1 48 ? -3.207  23.595  -1.475  1.00 34.82 ? 48   ALA B CA  1 
ATOM   821  C C   . ALA B 1 48 ? -4.488  24.361  -1.323  1.00 35.60 ? 48   ALA B C   1 
ATOM   822  O O   . ALA B 1 48 ? -4.438  25.613  -1.267  1.00 36.30 ? 48   ALA B O   1 
ATOM   823  C CB  . ALA B 1 48 ? -3.038  23.275  -2.910  1.00 34.29 ? 48   ALA B CB  1 
ATOM   824  N N   . LYS B 1 49 ? -5.617  23.655  -1.248  1.00 36.78 ? 49   LYS B N   1 
ATOM   825  C CA  . LYS B 1 49 ? -6.899  24.290  -0.978  1.00 38.77 ? 49   LYS B CA  1 
ATOM   826  C C   . LYS B 1 49 ? -6.938  24.906  0.435   1.00 39.33 ? 49   LYS B C   1 
ATOM   827  O O   . LYS B 1 49 ? -7.540  25.976  0.607   1.00 40.86 ? 49   LYS B O   1 
ATOM   828  C CB  . LYS B 1 49 ? -8.070  23.339  -1.259  1.00 39.77 ? 49   LYS B CB  1 
ATOM   829  C CG  . LYS B 1 49 ? -9.470  23.888  -0.911  1.00 42.44 ? 49   LYS B CG  1 
ATOM   830  C CD  . LYS B 1 49 ? -10.578 23.190  -1.732  1.00 46.61 ? 49   LYS B CD  1 
ATOM   831  C CE  . LYS B 1 49 ? -10.778 21.718  -1.357  1.00 47.53 ? 49   LYS B CE  1 
ATOM   832  N NZ  . LYS B 1 49 ? -9.538  20.872  -1.144  1.00 49.87 ? 49   LYS B NZ  1 
ATOM   833  N N   . VAL B 1 50 ? -6.220  24.307  1.399   1.00 39.06 ? 50   VAL B N   1 
ATOM   834  C CA  . VAL B 1 50 ? -6.037  24.846  2.751   1.00 39.90 ? 50   VAL B CA  1 
ATOM   835  C C   . VAL B 1 50 ? -5.002  26.013  2.788   1.00 41.43 ? 50   VAL B C   1 
ATOM   836  O O   . VAL B 1 50 ? -5.175  27.011  3.530   1.00 43.06 ? 50   VAL B O   1 
ATOM   837  C CB  . VAL B 1 50 ? -5.660  23.754  3.797   1.00 40.01 ? 50   VAL B CB  1 
ATOM   838  C CG1 . VAL B 1 50 ? -5.339  24.406  5.138   1.00 38.92 ? 50   VAL B CG1 1 
ATOM   839  C CG2 . VAL B 1 50 ? -6.783  22.750  3.990   1.00 39.38 ? 50   VAL B CG2 1 
ATOM   840  N N   . ASN B 1 51 ? -3.958  25.924  1.977   1.00 44.10 ? 51   ASN B N   1 
ATOM   841  C CA  . ASN B 1 51 ? -2.972  27.006  1.845   1.00 45.93 ? 51   ASN B CA  1 
ATOM   842  C C   . ASN B 1 51 ? -3.600  28.250  1.213   1.00 47.66 ? 51   ASN B C   1 
ATOM   843  O O   . ASN B 1 51 ? -3.363  29.357  1.694   1.00 48.30 ? 51   ASN B O   1 
ATOM   844  C CB  . ASN B 1 51 ? -1.780  26.584  0.985   1.00 46.89 ? 51   ASN B CB  1 
ATOM   845  C CG  . ASN B 1 51 ? -0.886  25.548  1.667   1.00 47.32 ? 51   ASN B CG  1 
ATOM   846  O OD1 . ASN B 1 51 ? -0.844  25.459  2.891   1.00 46.97 ? 51   ASN B OD1 1 
ATOM   847  N ND2 . ASN B 1 51 ? -0.192  24.736  0.859   1.00 48.86 ? 51   ASN B ND2 1 
ATOM   848  N N   . GLU B 1 52 ? -4.351  28.057  0.121   1.00 49.26 ? 52   GLU B N   1 
ATOM   849  C CA  . GLU B 1 52 ? -5.078  29.138  -0.582  1.00 51.02 ? 52   GLU B CA  1 
ATOM   850  C C   . GLU B 1 52 ? -6.106  29.868  0.297   1.00 50.88 ? 52   GLU B C   1 
ATOM   851  O O   . GLU B 1 52 ? -6.872  29.257  1.054   1.00 50.12 ? 52   GLU B O   1 
ATOM   852  C CB  . GLU B 1 52 ? -5.734  28.607  -1.862  1.00 51.77 ? 52   GLU B CB  1 
ATOM   853  C CG  . GLU B 1 52 ? -7.082  29.231  -2.222  1.00 55.83 ? 52   GLU B CG  1 
ATOM   854  C CD  . GLU B 1 52 ? -6.969  30.662  -2.722  1.00 57.98 ? 52   GLU B CD  1 
ATOM   855  O OE1 . GLU B 1 52 ? -7.963  31.446  -2.575  1.00 59.71 ? 52   GLU B OE1 1 
ATOM   856  O OE2 . GLU B 1 52 ? -5.884  30.997  -3.258  1.00 58.93 ? 52   GLU B OE2 1 
HETATM 857  O O   . HOH C 2 .  ? -10.933 1.132   -1.696  1.00 33.50 ? 2001 HOH A O   1 
HETATM 858  O O   . HOH C 2 .  ? -12.646 -2.471  2.691   1.00 36.90 ? 2002 HOH A O   1 
HETATM 859  O O   . HOH C 2 .  ? -13.107 2.956   0.061   1.00 43.28 ? 2003 HOH A O   1 
HETATM 860  O O   . HOH C 2 .  ? -8.431  -7.496  7.641   1.00 45.68 ? 2004 HOH A O   1 
HETATM 861  O O   . HOH C 2 .  ? -9.933  -8.101  4.337   1.00 41.04 ? 2005 HOH A O   1 
HETATM 862  O O   . HOH C 2 .  ? -8.484  -4.468  9.657   1.00 42.91 ? 2006 HOH A O   1 
HETATM 863  O O   . HOH C 2 .  ? -10.010 0.090   6.549   1.00 31.23 ? 2007 HOH A O   1 
HETATM 864  O O   . HOH C 2 .  ? 16.980  -7.134  0.178   1.00 35.81 ? 2008 HOH A O   1 
HETATM 865  O O   . HOH C 2 .  ? 0.119   -9.613  11.805  1.00 44.73 ? 2009 HOH A O   1 
HETATM 866  O O   . HOH C 2 .  ? 14.753  -15.118 8.833   1.00 37.97 ? 2010 HOH A O   1 
HETATM 867  O O   . HOH C 2 .  ? -8.072  -7.753  0.115   1.00 33.83 ? 2011 HOH A O   1 
HETATM 868  O O   . HOH C 2 .  ? -12.502 -5.623  0.036   1.00 43.09 ? 2012 HOH A O   1 
HETATM 869  O O   . HOH C 2 .  ? -11.410 -6.219  3.271   1.00 41.23 ? 2013 HOH A O   1 
HETATM 870  O O   . HOH C 2 .  ? -7.216  -8.664  3.606   1.00 29.30 ? 2014 HOH A O   1 
HETATM 871  O O   . HOH C 2 .  ? 1.031   -26.166 -1.180  1.00 27.68 ? 2015 HOH A O   1 
HETATM 872  O O   . HOH C 2 .  ? 3.448   11.554  5.938   1.00 38.43 ? 2016 HOH A O   1 
HETATM 873  O O   . HOH C 2 .  ? 0.102   12.228  4.145   1.00 35.70 ? 2017 HOH A O   1 
HETATM 874  O O   . HOH C 2 .  ? 0.659   13.001  6.951   1.00 40.89 ? 2018 HOH A O   1 
HETATM 875  O O   . HOH C 2 .  ? 8.888   -19.937 6.691   1.00 36.71 ? 2019 HOH A O   1 
HETATM 876  O O   . HOH C 2 .  ? 11.466  -12.042 7.146   1.00 30.59 ? 2020 HOH A O   1 
HETATM 877  O O   . HOH C 2 .  ? 13.765  -18.431 6.318   1.00 40.19 ? 2021 HOH A O   1 
HETATM 878  O O   . HOH C 2 .  ? 11.466  -21.276 3.602   1.00 31.94 ? 2022 HOH A O   1 
HETATM 879  O O   . HOH C 2 .  ? -2.948  -11.181 13.155  1.00 34.73 ? 2023 HOH A O   1 
HETATM 880  O O   . HOH C 2 .  ? -5.298  -12.933 12.675  1.00 33.84 ? 2024 HOH A O   1 
HETATM 881  O O   . HOH C 2 .  ? -6.827  -12.541 9.853   1.00 36.56 ? 2025 HOH A O   1 
HETATM 882  O O   . HOH C 2 .  ? -6.064  -13.364 6.421   1.00 38.21 ? 2026 HOH A O   1 
HETATM 883  O O   . HOH C 2 .  ? 15.015  -9.116  0.197   1.00 21.65 ? 2027 HOH A O   1 
HETATM 884  O O   . HOH C 2 .  ? 9.336   -4.353  4.503   1.00 28.83 ? 2028 HOH A O   1 
HETATM 885  O O   . HOH C 2 .  ? 13.099  -10.464 6.389   1.00 45.60 ? 2029 HOH A O   1 
HETATM 886  O O   . HOH C 2 .  ? 15.764  -9.510  4.412   1.00 44.38 ? 2030 HOH A O   1 
HETATM 887  O O   . HOH C 2 .  ? -6.810  -8.739  -4.667  1.00 55.63 ? 2031 HOH A O   1 
HETATM 888  O O   . HOH C 2 .  ? -5.330  -11.445 -4.434  1.00 32.51 ? 2032 HOH A O   1 
HETATM 889  O O   . HOH C 2 .  ? -0.283  -10.075 5.032   1.00 19.29 ? 2033 HOH A O   1 
HETATM 890  O O   . HOH C 2 .  ? 1.720   -10.094 9.463   1.00 25.64 ? 2034 HOH A O   1 
HETATM 891  O O   . HOH C 2 .  ? 13.277  -12.524 9.501   1.00 34.20 ? 2035 HOH A O   1 
HETATM 892  O O   . HOH C 2 .  ? -6.647  -12.388 1.936   1.00 26.87 ? 2036 HOH A O   1 
HETATM 893  O O   . HOH C 2 .  ? -4.290  -17.948 2.416   1.00 29.42 ? 2037 HOH A O   1 
HETATM 894  O O   . HOH C 2 .  ? -6.642  -14.452 0.392   1.00 31.29 ? 2038 HOH A O   1 
HETATM 895  O O   . HOH C 2 .  ? 0.575   -6.889  10.496  1.00 45.32 ? 2039 HOH A O   1 
HETATM 896  O O   . HOH C 2 .  ? -2.148  6.614   11.159  1.00 32.70 ? 2040 HOH A O   1 
HETATM 897  O O   . HOH C 2 .  ? 0.718   5.207   12.122  1.00 45.37 ? 2041 HOH A O   1 
HETATM 898  O O   . HOH C 2 .  ? 0.412   2.677   12.585  1.00 53.99 ? 2042 HOH A O   1 
HETATM 899  O O   . HOH C 2 .  ? 4.410   9.888   7.602   1.00 44.66 ? 2043 HOH A O   1 
HETATM 900  O O   . HOH C 2 .  ? 1.876   10.668  4.003   1.00 32.66 ? 2044 HOH A O   1 
HETATM 901  O O   . HOH C 2 .  ? 1.698   -25.041 -5.078  1.00 33.29 ? 2045 HOH A O   1 
HETATM 902  O O   . HOH C 2 .  ? 1.118   -26.140 3.701   1.00 45.76 ? 2046 HOH A O   1 
HETATM 903  O O   . HOH C 2 .  ? -0.114  -26.631 1.162   1.00 45.52 ? 2047 HOH A O   1 
HETATM 904  O O   . HOH C 2 .  ? 0.755   -22.483 -7.109  1.00 22.74 ? 2048 HOH A O   1 
HETATM 905  O O   . HOH C 2 .  ? -3.745  -25.592 1.223   1.00 31.53 ? 2049 HOH A O   1 
HETATM 906  O O   . HOH C 2 .  ? -0.764  -25.069 5.588   1.00 45.93 ? 2050 HOH A O   1 
HETATM 907  O O   . HOH C 2 .  ? 0.556   12.423  9.459   1.00 44.94 ? 2051 HOH A O   1 
HETATM 908  O O   . HOH C 2 .  ? 2.976   -22.539 -8.383  1.00 12.82 ? 2052 HOH A O   1 
HETATM 909  O O   . HOH C 2 .  ? 2.717   -24.503 -2.624  1.00 23.33 ? 2053 HOH A O   1 
HETATM 910  O O   . HOH C 2 .  ? 2.393   -20.675 -9.808  1.00 32.53 ? 2054 HOH A O   1 
HETATM 911  O O   . HOH C 2 .  ? 1.780   9.087   11.691  1.00 36.33 ? 2055 HOH A O   1 
HETATM 912  O O   . HOH C 2 .  ? 3.477   -24.473 -6.979  1.00 15.27 ? 2056 HOH A O   1 
HETATM 913  O O   . HOH C 2 .  ? 7.301   -19.889 -8.615  1.00 22.92 ? 2057 HOH A O   1 
HETATM 914  O O   . HOH C 2 .  ? 5.416   -22.545 -8.788  1.00 15.62 ? 2058 HOH A O   1 
HETATM 915  O O   . HOH C 2 .  ? -13.248 14.875  10.080  1.00 39.92 ? 2059 HOH A O   1 
HETATM 916  O O   . HOH C 2 .  ? -9.175  9.565   10.661  1.00 48.09 ? 2060 HOH A O   1 
HETATM 917  O O   . HOH C 2 .  ? 13.654  -20.608 -5.622  1.00 30.50 ? 2061 HOH A O   1 
HETATM 918  O O   . HOH C 2 .  ? 10.319  -18.011 -8.419  1.00 26.79 ? 2062 HOH A O   1 
HETATM 919  O O   . HOH C 2 .  ? -0.590  15.026  10.623  1.00 52.29 ? 2063 HOH A O   1 
HETATM 920  O O   . HOH C 2 .  ? -12.749 19.718  0.831   1.00 46.27 ? 2064 HOH A O   1 
HETATM 921  O O   . HOH C 2 .  ? 9.843   -9.150  -8.069  1.00 35.07 ? 2065 HOH A O   1 
HETATM 922  O O   . HOH C 2 .  ? -17.140 24.650  11.480  1.00 54.06 ? 2066 HOH A O   1 
HETATM 923  O O   . HOH C 2 .  ? 8.400   -17.056 5.201   1.00 20.11 ? 2067 HOH A O   1 
HETATM 924  O O   . HOH C 2 .  ? 11.818  -18.835 4.477   1.00 38.29 ? 2068 HOH A O   1 
HETATM 925  O O   . HOH C 2 .  ? 11.447  -14.507 5.953   1.00 20.01 ? 2069 HOH A O   1 
HETATM 926  O O   . HOH C 2 .  ? 7.109   -20.993 4.664   1.00 22.40 ? 2070 HOH A O   1 
HETATM 927  O O   . HOH C 2 .  ? 5.940   -18.227 6.962   1.00 17.80 ? 2071 HOH A O   1 
HETATM 928  O O   . HOH C 2 .  ? 1.994   -19.348 0.909   1.00 17.87 ? 2072 HOH A O   1 
HETATM 929  O O   . HOH C 2 .  ? 8.440   -18.395 9.727   1.00 24.20 ? 2073 HOH A O   1 
HETATM 930  O O   . HOH C 2 .  ? 11.010  -16.019 8.209   1.00 31.95 ? 2074 HOH A O   1 
HETATM 931  O O   . HOH C 2 .  ? 9.386   -17.199 11.838  1.00 40.21 ? 2075 HOH A O   1 
HETATM 932  O O   . HOH C 2 .  ? 4.498   -13.623 8.474   1.00 15.76 ? 2076 HOH A O   1 
HETATM 933  O O   . HOH C 2 .  ? 6.340   -11.364 8.758   1.00 21.06 ? 2077 HOH A O   1 
HETATM 934  O O   . HOH C 2 .  ? 9.362   -14.594 11.337  1.00 36.19 ? 2078 HOH A O   1 
HETATM 935  O O   . HOH C 2 .  ? 12.199  -8.660  0.747   1.00 22.09 ? 2079 HOH A O   1 
HETATM 936  O O   . HOH C 2 .  ? 13.804  -13.644 4.898   1.00 26.24 ? 2080 HOH A O   1 
HETATM 937  O O   . HOH C 2 .  ? 9.715   -7.212  3.959   1.00 27.17 ? 2081 HOH A O   1 
HETATM 938  O O   . HOH C 2 .  ? 15.444  -10.965 2.290   1.00 20.87 ? 2082 HOH A O   1 
HETATM 939  O O   . HOH C 2 .  ? 0.743   -8.277  6.797   1.00 22.90 ? 2083 HOH A O   1 
HETATM 940  O O   . HOH C 2 .  ? 9.464   -11.184 8.954   1.00 33.00 ? 2084 HOH A O   1 
HETATM 941  O O   . HOH C 2 .  ? 12.480  -9.304  9.617   1.00 33.48 ? 2085 HOH A O   1 
HETATM 942  O O   . HOH C 2 .  ? 6.827   -3.955  8.604   1.00 15.64 ? 2086 HOH A O   1 
HETATM 943  O O   . HOH C 2 .  ? 11.316  -5.733  11.354  1.00 19.32 ? 2087 HOH A O   1 
HETATM 944  O O   . HOH C 2 .  ? -0.999  -5.476  6.747   1.00 30.90 ? 2088 HOH A O   1 
HETATM 945  O O   . HOH C 2 .  ? 1.027   -1.921  10.095  1.00 17.55 ? 2089 HOH A O   1 
HETATM 946  O O   . HOH C 2 .  ? 9.206   -2.249  6.864   1.00 24.76 ? 2090 HOH A O   1 
HETATM 947  O O   . HOH C 2 .  ? -6.504  -2.040  8.932   1.00 43.48 ? 2091 HOH A O   1 
HETATM 948  O O   . HOH C 2 .  ? -0.266  -4.327  10.253  1.00 38.38 ? 2092 HOH A O   1 
HETATM 949  O O   . HOH C 2 .  ? -1.836  -1.001  13.436  1.00 38.53 ? 2093 HOH A O   1 
HETATM 950  O O   . HOH C 2 .  ? -0.730  4.309   10.340  1.00 23.98 ? 2094 HOH A O   1 
HETATM 951  O O   . HOH C 2 .  ? 4.390   7.758   5.649   1.00 28.34 ? 2095 HOH A O   1 
HETATM 952  O O   . HOH C 2 .  ? 6.221   5.249   8.083   1.00 23.34 ? 2096 HOH A O   1 
HETATM 953  O O   . HOH C 2 .  ? 1.981   7.910   3.734   1.00 24.06 ? 2097 HOH A O   1 
HETATM 954  O O   . HOH C 2 .  ? -7.615  5.804   -1.473  1.00 35.61 ? 2098 HOH A O   1 
HETATM 955  O O   . HOH C 2 .  ? -0.816  -0.039  10.970  1.00 29.98 ? 2099 HOH A O   1 
HETATM 956  O O   . HOH C 2 .  ? -6.732  6.572   8.014   1.00 34.85 ? 2100 HOH A O   1 
HETATM 957  O O   . HOH C 2 .  ? -1.797  11.097  9.382   1.00 33.24 ? 2101 HOH A O   1 
HETATM 958  O O   . HOH C 2 .  ? -9.508  9.685   3.968   1.00 27.37 ? 2102 HOH A O   1 
HETATM 959  O O   . HOH C 2 .  ? -1.249  9.158   11.303  1.00 36.18 ? 2103 HOH A O   1 
HETATM 960  O O   . HOH C 2 .  ? -6.343  9.389   14.361  1.00 49.84 ? 2104 HOH A O   1 
HETATM 961  O O   . HOH C 2 .  ? -10.189 8.932   1.271   1.00 40.55 ? 2105 HOH A O   1 
HETATM 962  O O   . HOH C 2 .  ? -10.241 8.981   7.749   1.00 44.21 ? 2106 HOH A O   1 
HETATM 963  O O   . HOH C 2 .  ? -13.163 15.155  7.667   1.00 35.13 ? 2107 HOH A O   1 
HETATM 964  O O   . HOH C 2 .  ? -3.553  13.220  9.620   1.00 64.62 ? 2108 HOH A O   1 
HETATM 965  O O   . HOH C 2 .  ? -9.110  19.247  10.573  1.00 44.68 ? 2109 HOH A O   1 
HETATM 966  O O   . HOH C 2 .  ? -11.694 11.321  3.871   1.00 43.58 ? 2110 HOH A O   1 
HETATM 967  O O   . HOH C 2 .  ? -15.042 17.072  6.999   1.00 43.93 ? 2111 HOH A O   1 
HETATM 968  O O   . HOH C 2 .  ? -14.954 20.697  9.807   1.00 44.89 ? 2112 HOH A O   1 
HETATM 969  O O   . HOH C 2 .  ? -14.169 27.549  4.368   1.00 46.00 ? 2113 HOH A O   1 
HETATM 970  O O   . HOH C 2 .  ? -15.971 18.702  8.310   1.00 44.94 ? 2114 HOH A O   1 
HETATM 971  O O   . HOH C 2 .  ? -14.037 19.303  2.920   1.00 40.75 ? 2115 HOH A O   1 
HETATM 972  O O   . HOH C 2 .  ? -16.894 22.520  9.787   1.00 48.37 ? 2116 HOH A O   1 
HETATM 973  O O   . HOH C 2 .  ? -14.094 29.190  5.863   1.00 44.68 ? 2117 HOH A O   1 
HETATM 974  O O   . HOH D 2 .  ? 9.342   4.218   3.332   1.00 41.28 ? 2001 HOH B O   1 
HETATM 975  O O   . HOH D 2 .  ? 5.716   7.948   3.364   1.00 34.42 ? 2002 HOH B O   1 
HETATM 976  O O   . HOH D 2 .  ? 5.169   9.084   -0.163  1.00 33.24 ? 2003 HOH B O   1 
HETATM 977  O O   . HOH D 2 .  ? 4.086   11.047  2.011   1.00 41.33 ? 2004 HOH B O   1 
HETATM 978  O O   . HOH D 2 .  ? 4.774   10.527  -2.259  1.00 37.11 ? 2005 HOH B O   1 
HETATM 979  O O   . HOH D 2 .  ? 5.232   12.774  4.334   1.00 51.58 ? 2006 HOH B O   1 
HETATM 980  O O   . HOH D 2 .  ? 13.266  -0.478  -3.201  1.00 21.84 ? 2007 HOH B O   1 
HETATM 981  O O   . HOH D 2 .  ? 6.852   7.423   -6.282  1.00 20.55 ? 2008 HOH B O   1 
HETATM 982  O O   . HOH D 2 .  ? 9.287   2.272   -10.256 1.00 28.39 ? 2009 HOH B O   1 
HETATM 983  O O   . HOH D 2 .  ? 11.493  -5.671  -9.772  1.00 22.56 ? 2010 HOH B O   1 
HETATM 984  O O   . HOH D 2 .  ? 9.527   -6.353  -10.973 1.00 40.11 ? 2011 HOH B O   1 
HETATM 985  O O   . HOH D 2 .  ? 16.900  -3.267  -2.638  1.00 31.89 ? 2012 HOH B O   1 
HETATM 986  O O   . HOH D 2 .  ? 16.139  -4.508  1.393   1.00 48.58 ? 2013 HOH B O   1 
HETATM 987  O O   . HOH D 2 .  ? 5.212   -6.894  -12.323 1.00 44.33 ? 2014 HOH B O   1 
HETATM 988  O O   . HOH D 2 .  ? 12.621  1.932   -4.324  1.00 15.27 ? 2015 HOH B O   1 
HETATM 989  O O   . HOH D 2 .  ? 10.889  -0.821  -1.879  1.00 21.44 ? 2016 HOH B O   1 
HETATM 990  O O   . HOH D 2 .  ? 11.365  6.048   0.332   1.00 20.50 ? 2017 HOH B O   1 
HETATM 991  O O   . HOH D 2 .  ? 6.896   -5.107  -5.570  1.00 17.46 ? 2018 HOH B O   1 
HETATM 992  O O   . HOH D 2 .  ? 12.799  -24.975 2.419   1.00 34.65 ? 2019 HOH B O   1 
HETATM 993  O O   . HOH D 2 .  ? 4.629   -26.645 0.738   1.00 22.21 ? 2020 HOH B O   1 
HETATM 994  O O   . HOH D 2 .  ? 4.935   -27.752 -3.287  1.00 26.23 ? 2021 HOH B O   1 
HETATM 995  O O   . HOH D 2 .  ? 7.324   -5.072  -9.320  1.00 30.83 ? 2022 HOH B O   1 
HETATM 996  O O   . HOH D 2 .  ? 10.122  -3.712  -10.166 1.00 33.06 ? 2023 HOH B O   1 
HETATM 997  O O   . HOH D 2 .  ? 6.112   -22.334 9.110   1.00 27.30 ? 2024 HOH B O   1 
HETATM 998  O O   . HOH D 2 .  ? 11.612  -1.494  -10.569 1.00 31.45 ? 2025 HOH B O   1 
HETATM 999  O O   . HOH D 2 .  ? 14.009  -2.815  -4.551  1.00 26.09 ? 2026 HOH B O   1 
HETATM 1000 O O   . HOH D 2 .  ? 11.750  4.278   -9.109  1.00 23.01 ? 2027 HOH B O   1 
HETATM 1001 O O   . HOH D 2 .  ? 13.041  -4.098  -8.402  1.00 27.21 ? 2028 HOH B O   1 
HETATM 1002 O O   . HOH D 2 .  ? 10.577  -2.301  2.511   1.00 33.45 ? 2029 HOH B O   1 
HETATM 1003 O O   . HOH D 2 .  ? 9.779   -6.131  -7.894  1.00 28.00 ? 2030 HOH B O   1 
HETATM 1004 O O   . HOH D 2 .  ? 13.965  -4.344  0.287   1.00 29.01 ? 2031 HOH B O   1 
HETATM 1005 O O   . HOH D 2 .  ? 12.191  -7.432  3.038   1.00 30.97 ? 2032 HOH B O   1 
HETATM 1006 O O   . HOH D 2 .  ? 3.289   -5.230  -11.327 1.00 28.72 ? 2033 HOH B O   1 
HETATM 1007 O O   . HOH D 2 .  ? -1.264  -5.490  -12.549 1.00 31.16 ? 2034 HOH B O   1 
HETATM 1008 O O   . HOH D 2 .  ? -5.494  -5.975  -10.847 1.00 49.59 ? 2035 HOH B O   1 
HETATM 1009 O O   . HOH D 2 .  ? 16.936  -6.318  -4.144  1.00 27.69 ? 2036 HOH B O   1 
HETATM 1010 O O   . HOH D 2 .  ? 13.617  -4.737  -2.341  1.00 20.11 ? 2037 HOH B O   1 
HETATM 1011 O O   . HOH D 2 .  ? 14.693  -9.554  -2.373  1.00 16.78 ? 2038 HOH B O   1 
HETATM 1012 O O   . HOH D 2 .  ? 2.678   -3.071  -12.761 1.00 37.92 ? 2039 HOH B O   1 
HETATM 1013 O O   . HOH D 2 .  ? -6.193  -1.618  -9.187  1.00 44.95 ? 2040 HOH B O   1 
HETATM 1014 O O   . HOH D 2 .  ? -11.079 -0.897  -5.490  1.00 43.64 ? 2041 HOH B O   1 
HETATM 1015 O O   . HOH D 2 .  ? 11.604  -12.297 -8.707  1.00 35.31 ? 2042 HOH B O   1 
HETATM 1016 O O   . HOH D 2 .  ? 14.319  -21.223 -2.863  1.00 41.09 ? 2043 HOH B O   1 
HETATM 1017 O O   . HOH D 2 .  ? 14.002  -15.927 -8.072  1.00 35.96 ? 2044 HOH B O   1 
HETATM 1018 O O   . HOH D 2 .  ? 13.999  -12.439 -5.517  1.00 22.00 ? 2045 HOH B O   1 
HETATM 1019 O O   . HOH D 2 .  ? 0.195   11.569  -8.748  1.00 42.39 ? 2046 HOH B O   1 
HETATM 1020 O O   . HOH D 2 .  ? 3.230   10.108  -5.615  1.00 33.81 ? 2047 HOH B O   1 
HETATM 1021 O O   . HOH D 2 .  ? 7.752   -18.396 2.636   1.00 14.60 ? 2048 HOH B O   1 
HETATM 1022 O O   . HOH D 2 .  ? 5.147   -25.445 -1.789  1.00 17.31 ? 2049 HOH B O   1 
HETATM 1023 O O   . HOH D 2 .  ? 12.425  -22.228 1.417   1.00 28.81 ? 2050 HOH B O   1 
HETATM 1024 O O   . HOH D 2 .  ? 3.227   12.935  -2.245  1.00 40.49 ? 2051 HOH B O   1 
HETATM 1025 O O   . HOH D 2 .  ? 8.822   -22.275 2.764   1.00 19.57 ? 2052 HOH B O   1 
HETATM 1026 O O   . HOH D 2 .  ? 6.960   -23.207 6.178   1.00 38.69 ? 2053 HOH B O   1 
HETATM 1027 O O   . HOH D 2 .  ? -4.042  21.676  -6.689  1.00 41.49 ? 2054 HOH B O   1 
HETATM 1028 O O   . HOH D 2 .  ? -10.115 15.038  -2.184  1.00 41.51 ? 2055 HOH B O   1 
HETATM 1029 O O   . HOH D 2 .  ? 1.267   -17.894 -11.120 1.00 38.93 ? 2056 HOH B O   1 
HETATM 1030 O O   . HOH D 2 .  ? -1.571  -16.471 -10.431 1.00 30.73 ? 2057 HOH B O   1 
HETATM 1031 O O   . HOH D 2 .  ? -0.098  -20.547 -7.511  1.00 41.98 ? 2058 HOH B O   1 
HETATM 1032 O O   . HOH D 2 .  ? 9.373   -12.991 -9.429  1.00 36.30 ? 2059 HOH B O   1 
HETATM 1033 O O   . HOH D 2 .  ? 4.640   -18.096 -8.010  1.00 22.43 ? 2060 HOH B O   1 
HETATM 1034 O O   . HOH D 2 .  ? 3.352   -10.620 -12.493 1.00 27.72 ? 2061 HOH B O   1 
HETATM 1035 O O   . HOH D 2 .  ? 3.083   -16.604 -10.256 1.00 29.57 ? 2062 HOH B O   1 
HETATM 1036 O O   . HOH D 2 .  ? -3.078  -18.351 -8.591  1.00 30.72 ? 2063 HOH B O   1 
HETATM 1037 O O   . HOH D 2 .  ? -5.903  -15.556 -8.124  1.00 38.55 ? 2064 HOH B O   1 
HETATM 1038 O O   . HOH D 2 .  ? -6.400  -15.620 -4.891  1.00 36.66 ? 2065 HOH B O   1 
HETATM 1039 O O   . HOH D 2 .  ? -3.896  -10.396 -6.430  1.00 21.80 ? 2066 HOH B O   1 
HETATM 1040 O O   . HOH D 2 .  ? -4.564  -13.347 -3.796  1.00 50.37 ? 2067 HOH B O   1 
HETATM 1041 O O   . HOH D 2 .  ? 5.533   -6.208  -7.552  1.00 22.33 ? 2068 HOH B O   1 
HETATM 1042 O O   . HOH D 2 .  ? 0.969   -6.837  -11.858 1.00 29.17 ? 2069 HOH B O   1 
HETATM 1043 O O   . HOH D 2 .  ? 7.425   -11.970 -10.605 1.00 37.62 ? 2070 HOH B O   1 
HETATM 1044 O O   . HOH D 2 .  ? 3.501   -4.674  -8.678  1.00 19.68 ? 2071 HOH B O   1 
HETATM 1045 O O   . HOH D 2 .  ? -3.231  -4.952  -10.646 1.00 23.48 ? 2072 HOH B O   1 
HETATM 1046 O O   . HOH D 2 .  ? -4.958  -11.547 -8.716  1.00 42.31 ? 2073 HOH B O   1 
HETATM 1047 O O   . HOH D 2 .  ? 0.776   -10.064 -11.921 1.00 40.91 ? 2074 HOH B O   1 
HETATM 1048 O O   . HOH D 2 .  ? -2.923  -13.067 -10.603 1.00 51.48 ? 2075 HOH B O   1 
HETATM 1049 O O   . HOH D 2 .  ? 3.368   -1.900  -7.639  1.00 26.61 ? 2076 HOH B O   1 
HETATM 1050 O O   . HOH D 2 .  ? 0.190   0.398   -10.566 1.00 33.57 ? 2077 HOH B O   1 
HETATM 1051 O O   . HOH D 2 .  ? -5.391  -7.917  -6.895  1.00 39.51 ? 2078 HOH B O   1 
HETATM 1052 O O   . HOH D 2 .  ? 2.281   -0.509  -10.871 1.00 31.43 ? 2079 HOH B O   1 
HETATM 1053 O O   . HOH D 2 .  ? -2.438  6.170   -9.585  1.00 29.57 ? 2080 HOH B O   1 
HETATM 1054 O O   . HOH D 2 .  ? -0.196  -3.005  -13.537 1.00 33.70 ? 2081 HOH B O   1 
HETATM 1055 O O   . HOH D 2 .  ? -4.089  -2.118  -10.770 1.00 37.23 ? 2082 HOH B O   1 
HETATM 1056 O O   . HOH D 2 .  ? -7.185  6.090   -3.763  1.00 33.22 ? 2083 HOH B O   1 
HETATM 1057 O O   . HOH D 2 .  ? -8.714  -0.477  -5.485  1.00 40.50 ? 2084 HOH B O   1 
HETATM 1058 O O   . HOH D 2 .  ? 0.740   11.128  -5.854  1.00 26.34 ? 2085 HOH B O   1 
HETATM 1059 O O   . HOH D 2 .  ? -8.863  8.367   -3.634  1.00 43.87 ? 2086 HOH B O   1 
HETATM 1060 O O   . HOH D 2 .  ? -0.132  21.234  -1.649  1.00 36.88 ? 2087 HOH B O   1 
HETATM 1061 O O   . HOH D 2 .  ? 0.966   13.724  -4.656  1.00 31.28 ? 2088 HOH B O   1 
HETATM 1062 O O   . HOH D 2 .  ? 1.073   14.162  -0.867  1.00 44.17 ? 2089 HOH B O   1 
HETATM 1063 O O   . HOH D 2 .  ? -8.480  16.489  -3.512  1.00 44.47 ? 2090 HOH B O   1 
HETATM 1064 O O   . HOH D 2 .  ? -6.010  22.330  -4.931  1.00 30.73 ? 2091 HOH B O   1 
HETATM 1065 O O   . HOH D 2 .  ? -9.187  18.924  -2.843  1.00 43.91 ? 2092 HOH B O   1 
HETATM 1066 O O   . HOH D 2 .  ? -3.877  32.456  2.791   1.00 60.23 ? 2093 HOH B O   1 
HETATM 1067 O O   . HOH D 2 .  ? -9.297  28.078  1.460   1.00 45.08 ? 2094 HOH B O   1 
# 
